data_6U1S
#
_entry.id   6U1S
#
_entity_poly.entity_id   1
_entity_poly.type   'polypeptide(L)'
_entity_poly.pdbx_seq_one_letter_code
;EEFMARAISAIAELAKKAIEAIYRLADNHTTDTFMAKAIEAIAELAKEAIKAIADLAKNHTTEEFMARAISAIAELARKA
IDAIYRLARNHTTDTFMAKAIEAIAELAKEAIKAIADLAKNHTTEDFMDEAISAIAELARKAIEAILRLASNLTSETYMR
KAQEAIEKIARTAEEAIRDLARNLEDQERRERAKSARDEIKRFAEDARKKIEVLALLKRSREYLKKVALIQLVIAFVFLI
LLILLSWRSEELIRELEEKGAASEAELARMKQQHMTAYLQAALTAWEIISKSVIALLLLQQNQLNLELRH
;
_entity_poly.pdbx_strand_id   A,B,D,F,H,J,L,N
#
# COMPACT_ATOMS: atom_id res chain seq x y z
N GLU A 1 10.66 29.19 50.23
CA GLU A 1 10.28 29.57 51.57
C GLU A 1 9.58 28.45 52.34
N GLU A 2 9.23 28.76 53.59
CA GLU A 2 8.62 27.84 54.55
C GLU A 2 7.24 27.36 54.16
N PHE A 3 6.42 28.24 53.56
CA PHE A 3 5.09 27.80 53.20
C PHE A 3 5.12 26.67 52.21
N MET A 4 5.89 26.86 51.15
CA MET A 4 5.94 25.88 50.09
C MET A 4 6.52 24.58 50.65
N ALA A 5 7.57 24.68 51.48
CA ALA A 5 8.21 23.51 52.03
C ALA A 5 7.28 22.73 52.98
N ARG A 6 6.53 23.46 53.81
CA ARG A 6 5.60 22.82 54.72
C ARG A 6 4.42 22.30 53.96
N ALA A 7 3.96 23.02 52.95
CA ALA A 7 2.80 22.57 52.23
C ALA A 7 3.07 21.21 51.62
N ILE A 8 4.27 20.93 51.10
CA ILE A 8 4.39 19.56 50.58
C ILE A 8 4.23 18.54 51.67
N SER A 9 4.87 18.77 52.81
CA SER A 9 4.74 17.80 53.86
C SER A 9 3.31 17.72 54.38
N ALA A 10 2.65 18.86 54.53
CA ALA A 10 1.28 18.93 55.06
C ALA A 10 0.27 18.28 54.15
N ILE A 11 0.45 18.47 52.85
CA ILE A 11 -0.47 17.93 51.88
C ILE A 11 -0.38 16.42 51.92
N ALA A 12 0.85 15.89 51.88
CA ALA A 12 1.04 14.47 51.93
C ALA A 12 0.66 13.90 53.27
N GLU A 13 0.96 14.62 54.35
CA GLU A 13 0.68 14.15 55.70
C GLU A 13 -0.79 13.94 55.92
N LEU A 14 -1.61 14.91 55.49
CA LEU A 14 -3.03 14.74 55.72
C LEU A 14 -3.59 13.63 54.87
N ALA A 15 -3.17 13.52 53.60
CA ALA A 15 -3.70 12.44 52.79
C ALA A 15 -3.21 11.11 53.30
N LYS A 16 -1.94 11.03 53.69
CA LYS A 16 -1.33 9.79 54.14
C LYS A 16 -2.03 9.26 55.37
N LYS A 17 -2.33 10.13 56.35
CA LYS A 17 -3.01 9.67 57.54
C LYS A 17 -4.40 9.18 57.22
N ALA A 18 -5.12 9.91 56.35
CA ALA A 18 -6.45 9.51 55.98
C ALA A 18 -6.43 8.17 55.20
N ILE A 19 -5.39 7.97 54.37
CA ILE A 19 -5.23 6.73 53.61
C ILE A 19 -4.98 5.58 54.53
N GLU A 20 -4.06 5.75 55.48
CA GLU A 20 -3.77 4.68 56.41
C GLU A 20 -4.98 4.33 57.24
N ALA A 21 -5.72 5.34 57.72
CA ALA A 21 -6.87 5.07 58.55
C ALA A 21 -7.99 4.34 57.81
N ILE A 22 -8.28 4.72 56.55
CA ILE A 22 -9.36 4.05 55.86
C ILE A 22 -8.90 2.67 55.40
N TYR A 23 -7.63 2.57 54.97
CA TYR A 23 -7.05 1.30 54.61
C TYR A 23 -7.06 0.32 55.76
N ARG A 24 -6.58 0.75 56.93
CA ARG A 24 -6.52 -0.13 58.06
C ARG A 24 -7.88 -0.69 58.41
N LEU A 25 -8.92 0.14 58.38
CA LEU A 25 -10.24 -0.39 58.70
C LEU A 25 -10.64 -1.43 57.67
N ALA A 26 -10.40 -1.12 56.39
CA ALA A 26 -10.71 -2.02 55.30
C ALA A 26 -9.91 -3.30 55.32
N ASP A 27 -8.67 -3.23 55.82
CA ASP A 27 -7.79 -4.38 55.88
C ASP A 27 -8.31 -5.33 56.97
N ASN A 28 -8.84 -4.76 58.06
CA ASN A 28 -9.39 -5.56 59.15
C ASN A 28 -10.73 -6.20 58.77
N HIS A 29 -11.49 -5.50 57.92
CA HIS A 29 -12.79 -5.95 57.45
C HIS A 29 -12.72 -7.02 56.36
N THR A 30 -13.75 -7.85 56.27
CA THR A 30 -13.83 -8.85 55.21
C THR A 30 -14.91 -8.49 54.19
N THR A 31 -15.58 -7.37 54.43
CA THR A 31 -16.67 -6.86 53.61
C THR A 31 -16.12 -6.20 52.34
N ASP A 32 -16.67 -6.58 51.18
CA ASP A 32 -16.21 -6.10 49.88
C ASP A 32 -16.50 -4.64 49.66
N THR A 33 -17.61 -4.21 50.21
CA THR A 33 -18.13 -2.87 50.13
C THR A 33 -17.21 -1.92 50.87
N PHE A 34 -16.69 -2.36 52.02
CA PHE A 34 -15.84 -1.53 52.86
C PHE A 34 -14.48 -1.44 52.21
N MET A 35 -14.03 -2.55 51.62
CA MET A 35 -12.76 -2.51 50.94
C MET A 35 -12.85 -1.55 49.77
N ALA A 36 -13.96 -1.59 49.03
CA ALA A 36 -14.17 -0.71 47.91
C ALA A 36 -14.23 0.75 48.34
N LYS A 37 -14.86 1.03 49.49
CA LYS A 37 -14.93 2.39 49.99
C LYS A 37 -13.53 2.91 50.25
N ALA A 38 -12.68 2.10 50.89
CA ALA A 38 -11.32 2.53 51.14
C ALA A 38 -10.60 2.72 49.83
N ILE A 39 -10.83 1.89 48.86
CA ILE A 39 -10.15 2.05 47.59
C ILE A 39 -10.47 3.36 46.91
N GLU A 40 -11.75 3.72 46.87
CA GLU A 40 -12.11 4.96 46.24
C GLU A 40 -11.63 6.15 47.07
N ALA A 41 -11.75 6.07 48.41
CA ALA A 41 -11.33 7.15 49.29
C ALA A 41 -9.82 7.38 49.18
N ILE A 42 -9.07 6.29 49.06
CA ILE A 42 -7.62 6.36 48.96
C ILE A 42 -7.24 7.01 47.67
N ALA A 43 -7.89 6.64 46.57
CA ALA A 43 -7.57 7.30 45.33
C ALA A 43 -7.86 8.79 45.43
N GLU A 44 -8.96 9.19 46.05
CA GLU A 44 -9.19 10.64 46.09
C GLU A 44 -8.15 11.37 46.94
N LEU A 45 -7.74 10.77 48.05
CA LEU A 45 -6.79 11.38 48.94
C LEU A 45 -5.40 11.51 48.36
N ALA A 46 -4.91 10.43 47.74
CA ALA A 46 -3.58 10.47 47.16
C ALA A 46 -3.63 11.25 45.85
N LYS A 47 -4.70 11.16 45.09
CA LYS A 47 -4.73 11.85 43.81
C LYS A 47 -4.60 13.34 43.99
N GLU A 48 -5.35 13.90 44.94
CA GLU A 48 -5.26 15.33 45.14
C GLU A 48 -3.93 15.70 45.75
N ALA A 49 -3.45 14.92 46.72
CA ALA A 49 -2.20 15.26 47.36
C ALA A 49 -1.03 15.19 46.39
N ILE A 50 -1.02 14.19 45.50
CA ILE A 50 0.05 14.03 44.55
C ILE A 50 0.07 15.16 43.55
N LYS A 51 -1.10 15.50 43.00
CA LYS A 51 -1.12 16.58 42.03
C LYS A 51 -0.69 17.91 42.65
N ALA A 52 -1.18 18.20 43.87
CA ALA A 52 -0.83 19.45 44.50
C ALA A 52 0.66 19.56 44.79
N ILE A 53 1.26 18.46 45.24
CA ILE A 53 2.67 18.42 45.54
C ILE A 53 3.54 18.51 44.33
N ALA A 54 3.19 17.75 43.29
CA ALA A 54 3.98 17.75 42.09
C ALA A 54 4.05 19.13 41.47
N ASP A 55 2.94 19.86 41.45
CA ASP A 55 2.97 21.18 40.87
C ASP A 55 3.62 22.18 41.78
N LEU A 56 3.47 22.01 43.09
CA LEU A 56 4.09 22.97 43.96
C LEU A 56 5.62 22.90 43.78
N ALA A 57 6.17 21.68 43.85
CA ALA A 57 7.60 21.46 43.76
C ALA A 57 8.22 21.84 42.42
N LYS A 58 7.46 21.71 41.34
CA LYS A 58 7.97 22.04 40.01
C LYS A 58 8.03 23.52 39.74
N ASN A 59 7.59 24.33 40.68
CA ASN A 59 7.67 25.76 40.58
C ASN A 59 8.87 26.31 41.35
N HIS A 60 9.79 25.40 41.70
CA HIS A 60 11.03 25.71 42.38
C HIS A 60 12.23 25.30 41.55
N THR A 61 13.36 25.93 41.84
CA THR A 61 14.62 25.72 41.12
C THR A 61 15.64 24.93 41.92
N THR A 62 15.19 24.31 43.01
CA THR A 62 16.07 23.58 43.91
C THR A 62 15.67 22.18 44.28
N GLU A 63 16.70 21.40 44.62
CA GLU A 63 16.63 20.03 45.03
C GLU A 63 15.85 19.89 46.31
N GLU A 64 15.71 20.96 47.09
CA GLU A 64 14.91 20.83 48.28
C GLU A 64 13.49 20.42 47.92
N PHE A 65 12.95 21.03 46.87
CA PHE A 65 11.59 20.78 46.48
C PHE A 65 11.43 19.51 45.73
N MET A 66 12.37 19.21 44.85
CA MET A 66 12.21 17.94 44.17
C MET A 66 12.35 16.84 45.23
N ALA A 67 13.23 17.02 46.23
CA ALA A 67 13.41 15.98 47.23
C ALA A 67 12.15 15.78 48.07
N ARG A 68 11.50 16.88 48.46
CA ARG A 68 10.32 16.76 49.29
C ARG A 68 9.19 16.11 48.52
N ALA A 69 9.03 16.51 47.27
CA ALA A 69 7.97 15.97 46.45
C ALA A 69 8.22 14.54 45.99
N ILE A 70 9.48 14.17 45.71
CA ILE A 70 9.72 12.80 45.29
C ILE A 70 9.41 11.89 46.44
N SER A 71 9.90 12.21 47.64
CA SER A 71 9.60 11.36 48.77
C SER A 71 8.12 11.39 49.12
N ALA A 72 7.49 12.57 49.11
CA ALA A 72 6.09 12.66 49.48
C ALA A 72 5.19 11.91 48.51
N ILE A 73 5.47 12.01 47.22
CA ILE A 73 4.65 11.35 46.24
C ILE A 73 4.95 9.88 46.22
N ALA A 74 6.22 9.50 46.26
CA ALA A 74 6.50 8.09 46.24
C ALA A 74 5.85 7.41 47.46
N GLU A 75 5.84 8.05 48.64
CA GLU A 75 5.16 7.41 49.75
C GLU A 75 3.64 7.41 49.60
N LEU A 76 3.03 8.51 49.11
CA LEU A 76 1.58 8.50 48.97
C LEU A 76 1.15 7.50 47.95
N ALA A 77 1.88 7.46 46.85
CA ALA A 77 1.58 6.59 45.75
C ALA A 77 1.77 5.15 46.08
N ARG A 78 2.83 4.80 46.79
CA ARG A 78 3.04 3.41 47.06
C ARG A 78 2.16 2.97 48.20
N LYS A 79 1.88 3.85 49.18
CA LYS A 79 1.00 3.42 50.23
C LYS A 79 -0.38 3.23 49.66
N ALA A 80 -0.80 4.16 48.81
CA ALA A 80 -2.11 4.09 48.22
C ALA A 80 -2.26 2.92 47.27
N ILE A 81 -1.25 2.61 46.44
CA ILE A 81 -1.40 1.47 45.55
C ILE A 81 -1.33 0.19 46.32
N ASP A 82 -0.42 0.06 47.29
CA ASP A 82 -0.37 -1.17 48.05
C ASP A 82 -1.66 -1.34 48.82
N ALA A 83 -2.21 -0.25 49.38
CA ALA A 83 -3.45 -0.36 50.10
C ALA A 83 -4.58 -0.78 49.17
N ILE A 84 -4.63 -0.19 47.97
CA ILE A 84 -5.68 -0.53 47.04
C ILE A 84 -5.58 -1.96 46.57
N TYR A 85 -4.38 -2.39 46.22
CA TYR A 85 -4.13 -3.73 45.71
C TYR A 85 -4.40 -4.78 46.81
N ARG A 86 -3.96 -4.52 48.05
CA ARG A 86 -4.20 -5.47 49.12
C ARG A 86 -5.67 -5.73 49.35
N LEU A 87 -6.49 -4.70 49.16
CA LEU A 87 -7.91 -4.82 49.33
C LEU A 87 -8.60 -5.28 48.03
N ALA A 88 -8.12 -4.82 46.88
CA ALA A 88 -8.72 -5.09 45.59
C ALA A 88 -8.68 -6.56 45.21
N ARG A 89 -7.62 -7.24 45.63
CA ARG A 89 -7.42 -8.64 45.31
C ARG A 89 -8.43 -9.53 46.03
N ASN A 90 -9.14 -8.97 47.01
CA ASN A 90 -10.11 -9.73 47.78
C ASN A 90 -11.55 -9.46 47.33
N HIS A 91 -11.74 -8.76 46.21
CA HIS A 91 -13.10 -8.50 45.75
C HIS A 91 -13.75 -9.68 45.08
N THR A 92 -15.08 -9.73 45.19
CA THR A 92 -15.90 -10.75 44.58
C THR A 92 -16.87 -10.21 43.51
N THR A 93 -17.03 -8.88 43.40
CA THR A 93 -18.01 -8.34 42.47
C THR A 93 -17.33 -7.53 41.37
N ASP A 94 -18.07 -7.30 40.28
CA ASP A 94 -17.54 -6.53 39.16
C ASP A 94 -17.37 -5.07 39.52
N THR A 95 -18.30 -4.55 40.31
CA THR A 95 -18.31 -3.15 40.68
C THR A 95 -17.08 -2.78 41.45
N PHE A 96 -16.73 -3.60 42.42
CA PHE A 96 -15.64 -3.27 43.27
C PHE A 96 -14.30 -3.51 42.58
N MET A 97 -14.22 -4.57 41.76
CA MET A 97 -12.99 -4.80 41.02
C MET A 97 -12.77 -3.64 40.05
N ALA A 98 -13.86 -3.18 39.38
CA ALA A 98 -13.76 -2.07 38.45
C ALA A 98 -13.34 -0.79 39.14
N LYS A 99 -13.81 -0.55 40.38
CA LYS A 99 -13.40 0.64 41.10
C LYS A 99 -11.92 0.56 41.38
N ALA A 100 -11.43 -0.62 41.76
CA ALA A 100 -10.01 -0.77 41.98
C ALA A 100 -9.24 -0.57 40.69
N ILE A 101 -9.75 -1.02 39.55
CA ILE A 101 -8.98 -0.81 38.33
C ILE A 101 -8.76 0.66 38.07
N GLU A 102 -9.81 1.46 38.20
CA GLU A 102 -9.62 2.88 37.99
C GLU A 102 -8.78 3.51 39.09
N ALA A 103 -9.01 3.15 40.35
CA ALA A 103 -8.30 3.74 41.48
C ALA A 103 -6.80 3.50 41.40
N ILE A 104 -6.44 2.30 40.96
CA ILE A 104 -5.05 1.92 40.86
C ILE A 104 -4.36 2.72 39.77
N ALA A 105 -4.97 2.80 38.58
CA ALA A 105 -4.34 3.56 37.51
C ALA A 105 -4.33 5.05 37.76
N GLU A 106 -5.37 5.60 38.37
CA GLU A 106 -5.34 7.04 38.54
C GLU A 106 -4.16 7.44 39.39
N LEU A 107 -3.88 6.67 40.43
CA LEU A 107 -2.77 7.06 41.25
C LEU A 107 -1.43 6.64 40.71
N ALA A 108 -1.31 5.44 40.14
CA ALA A 108 0.00 5.07 39.68
C ALA A 108 0.38 5.98 38.54
N LYS A 109 -0.55 6.28 37.63
CA LYS A 109 -0.19 7.12 36.51
C LYS A 109 0.23 8.51 36.97
N GLU A 110 -0.54 9.15 37.87
CA GLU A 110 -0.19 10.50 38.29
C GLU A 110 1.09 10.51 39.11
N ALA A 111 1.26 9.49 39.96
CA ALA A 111 2.43 9.42 40.78
C ALA A 111 3.67 9.20 40.01
N ILE A 112 3.62 8.32 39.04
CA ILE A 112 4.79 8.00 38.27
C ILE A 112 5.23 9.18 37.47
N LYS A 113 4.29 9.84 36.83
CA LYS A 113 4.64 10.99 36.05
C LYS A 113 5.26 12.03 36.97
N ALA A 114 4.65 12.28 38.14
CA ALA A 114 5.21 13.28 39.03
C ALA A 114 6.57 12.92 39.59
N ILE A 115 6.76 11.66 39.99
CA ILE A 115 8.01 11.25 40.61
C ILE A 115 9.14 11.44 39.64
N ALA A 116 8.93 10.99 38.40
CA ALA A 116 9.98 11.17 37.44
C ALA A 116 10.13 12.61 37.02
N ASP A 117 9.04 13.36 36.85
CA ASP A 117 9.19 14.72 36.37
C ASP A 117 10.02 15.56 37.33
N LEU A 118 9.90 15.25 38.62
CA LEU A 118 10.68 15.89 39.66
C LEU A 118 12.13 15.36 39.65
N ALA A 119 12.31 14.04 39.57
CA ALA A 119 13.64 13.45 39.59
C ALA A 119 14.47 13.82 38.37
N LYS A 120 13.80 13.99 37.23
CA LYS A 120 14.39 14.34 35.95
C LYS A 120 15.00 15.73 35.94
N ASN A 121 14.72 16.54 36.96
CA ASN A 121 15.21 17.91 37.01
C ASN A 121 16.49 18.05 37.84
N HIS A 122 17.14 16.94 38.18
CA HIS A 122 18.39 17.01 38.91
C HIS A 122 19.20 15.75 38.65
N THR A 123 20.51 15.84 38.62
CA THR A 123 21.33 14.67 38.38
C THR A 123 21.68 13.85 39.63
N THR A 124 21.34 14.32 40.82
CA THR A 124 21.70 13.56 42.01
C THR A 124 21.15 12.13 41.97
N GLU A 125 22.01 11.21 42.40
CA GLU A 125 21.71 9.79 42.44
C GLU A 125 20.60 9.48 43.42
N ASP A 126 20.33 10.39 44.35
CA ASP A 126 19.26 10.16 45.30
C ASP A 126 17.90 10.27 44.64
N PHE A 127 17.77 11.13 43.62
CA PHE A 127 16.49 11.27 42.97
C PHE A 127 16.37 10.16 41.98
N MET A 128 17.48 9.87 41.31
CA MET A 128 17.43 8.82 40.32
C MET A 128 17.13 7.49 40.97
N ASP A 129 17.78 7.17 42.07
CA ASP A 129 17.52 5.86 42.65
C ASP A 129 16.13 5.78 43.26
N GLU A 130 15.67 6.83 43.95
CA GLU A 130 14.37 6.70 44.57
C GLU A 130 13.30 6.66 43.51
N ALA A 131 13.44 7.47 42.46
CA ALA A 131 12.45 7.50 41.42
C ALA A 131 12.48 6.25 40.54
N ILE A 132 13.66 5.69 40.22
CA ILE A 132 13.68 4.52 39.36
C ILE A 132 13.08 3.36 40.12
N SER A 133 13.50 3.18 41.36
CA SER A 133 13.00 2.11 42.18
C SER A 133 11.51 2.26 42.48
N ALA A 134 11.08 3.48 42.88
CA ALA A 134 9.68 3.68 43.22
C ALA A 134 8.79 3.45 42.03
N ILE A 135 9.23 3.89 40.85
CA ILE A 135 8.42 3.72 39.68
C ILE A 135 8.44 2.30 39.17
N ALA A 136 9.59 1.64 39.11
CA ALA A 136 9.52 0.30 38.58
C ALA A 136 8.61 -0.57 39.47
N GLU A 137 8.67 -0.40 40.80
CA GLU A 137 7.77 -1.20 41.63
C GLU A 137 6.32 -0.75 41.54
N LEU A 138 6.07 0.57 41.53
CA LEU A 138 4.74 1.13 41.51
C LEU A 138 4.05 0.83 40.19
N ALA A 139 4.78 1.00 39.09
CA ALA A 139 4.24 0.77 37.77
C ALA A 139 3.88 -0.66 37.56
N ARG A 140 4.75 -1.57 38.00
CA ARG A 140 4.45 -2.95 37.77
C ARG A 140 3.35 -3.44 38.67
N LYS A 141 3.34 -3.05 39.94
CA LYS A 141 2.28 -3.52 40.80
C LYS A 141 0.95 -2.99 40.35
N ALA A 142 0.91 -1.73 39.93
CA ALA A 142 -0.34 -1.17 39.50
C ALA A 142 -0.85 -1.90 38.24
N ILE A 143 0.04 -2.19 37.29
CA ILE A 143 -0.39 -2.88 36.08
C ILE A 143 -0.80 -4.30 36.34
N GLU A 144 0.01 -5.01 37.11
CA GLU A 144 -0.24 -6.40 37.40
C GLU A 144 -1.53 -6.52 38.20
N ALA A 145 -1.77 -5.59 39.14
CA ALA A 145 -3.00 -5.64 39.93
C ALA A 145 -4.20 -5.47 39.03
N ILE A 146 -4.11 -4.54 38.07
CA ILE A 146 -5.21 -4.29 37.16
C ILE A 146 -5.47 -5.43 36.24
N LEU A 147 -4.42 -5.98 35.66
CA LEU A 147 -4.58 -7.05 34.72
C LEU A 147 -5.13 -8.29 35.43
N ARG A 148 -4.69 -8.53 36.67
CA ARG A 148 -5.19 -9.67 37.40
C ARG A 148 -6.66 -9.47 37.78
N LEU A 149 -7.08 -8.24 38.14
CA LEU A 149 -8.50 -8.04 38.42
C LEU A 149 -9.30 -8.27 37.13
N ALA A 150 -8.74 -7.81 36.02
CA ALA A 150 -9.36 -7.96 34.72
C ALA A 150 -9.49 -9.41 34.30
N SER A 151 -8.57 -10.27 34.74
CA SER A 151 -8.60 -11.67 34.35
C SER A 151 -9.83 -12.38 34.92
N ASN A 152 -10.50 -11.77 35.92
CA ASN A 152 -11.69 -12.37 36.50
C ASN A 152 -12.94 -11.72 35.89
N LEU A 153 -12.71 -10.75 35.00
CA LEU A 153 -13.70 -9.94 34.34
C LEU A 153 -13.34 -9.87 32.87
N THR A 154 -13.58 -10.93 32.12
CA THR A 154 -13.02 -11.03 30.78
C THR A 154 -13.88 -10.45 29.66
N SER A 155 -15.03 -9.88 30.00
CA SER A 155 -15.90 -9.28 29.00
C SER A 155 -15.23 -7.97 28.58
N GLU A 156 -15.64 -7.39 27.44
CA GLU A 156 -15.00 -6.15 27.01
C GLU A 156 -15.18 -4.99 27.98
N THR A 157 -16.31 -4.89 28.64
CA THR A 157 -16.52 -3.75 29.53
C THR A 157 -15.37 -3.57 30.51
N TYR A 158 -14.96 -4.65 31.13
CA TYR A 158 -13.95 -4.54 32.15
C TYR A 158 -12.55 -4.75 31.61
N MET A 159 -12.42 -5.59 30.57
CA MET A 159 -11.10 -5.84 30.04
C MET A 159 -10.60 -4.58 29.34
N ARG A 160 -11.52 -3.78 28.77
CA ARG A 160 -11.17 -2.51 28.17
C ARG A 160 -10.82 -1.51 29.24
N LYS A 161 -11.61 -1.43 30.34
CA LYS A 161 -11.21 -0.48 31.36
C LYS A 161 -9.84 -0.85 31.87
N ALA A 162 -9.59 -2.15 32.03
CA ALA A 162 -8.30 -2.59 32.48
C ALA A 162 -7.21 -2.29 31.49
N GLN A 163 -7.44 -2.49 30.19
CA GLN A 163 -6.41 -2.21 29.24
C GLN A 163 -6.08 -0.75 29.18
N GLU A 164 -7.10 0.11 29.24
CA GLU A 164 -6.84 1.54 29.18
C GLU A 164 -6.13 1.97 30.44
N ALA A 165 -6.53 1.41 31.59
CA ALA A 165 -5.92 1.74 32.86
C ALA A 165 -4.44 1.35 32.84
N ILE A 166 -4.14 0.19 32.23
CA ILE A 166 -2.78 -0.30 32.08
C ILE A 166 -1.99 0.50 31.12
N GLU A 167 -2.53 0.82 29.95
CA GLU A 167 -1.76 1.58 28.98
C GLU A 167 -1.41 2.95 29.54
N LYS A 168 -2.33 3.60 30.24
CA LYS A 168 -2.00 4.91 30.78
C LYS A 168 -0.84 4.82 31.78
N ILE A 169 -0.86 3.78 32.64
CA ILE A 169 0.22 3.62 33.61
C ILE A 169 1.48 3.25 32.87
N ALA A 170 1.36 2.28 31.98
CA ALA A 170 2.46 1.70 31.28
C ALA A 170 3.21 2.66 30.40
N ARG A 171 2.52 3.54 29.70
CA ARG A 171 3.28 4.45 28.88
C ARG A 171 3.95 5.47 29.78
N THR A 172 3.25 5.89 30.83
CA THR A 172 3.83 6.86 31.71
C THR A 172 5.09 6.29 32.35
N ALA A 173 5.00 5.05 32.81
CA ALA A 173 6.08 4.33 33.44
C ALA A 173 7.19 3.96 32.49
N GLU A 174 6.88 3.56 31.26
CA GLU A 174 7.98 3.22 30.37
C GLU A 174 8.87 4.43 30.21
N GLU A 175 8.25 5.59 30.00
CA GLU A 175 9.02 6.79 29.77
C GLU A 175 9.66 7.27 31.05
N ALA A 176 8.93 7.23 32.17
CA ALA A 176 9.48 7.69 33.41
C ALA A 176 10.71 6.90 33.79
N ILE A 177 10.64 5.59 33.60
CA ILE A 177 11.74 4.72 33.93
C ILE A 177 12.89 4.96 32.97
N ARG A 178 12.59 5.09 31.67
CA ARG A 178 13.61 5.29 30.64
C ARG A 178 14.45 6.51 30.82
N ASP A 179 13.82 7.62 31.17
CA ASP A 179 14.57 8.84 31.27
C ASP A 179 15.37 8.85 32.55
N LEU A 180 14.81 8.33 33.62
CA LEU A 180 15.53 8.33 34.86
C LEU A 180 16.69 7.35 34.79
N ALA A 181 16.48 6.20 34.16
CA ALA A 181 17.53 5.22 34.05
C ALA A 181 18.68 5.75 33.22
N ARG A 182 18.39 6.48 32.14
CA ARG A 182 19.49 6.97 31.34
C ARG A 182 20.24 8.12 32.00
N ASN A 183 19.59 8.80 32.94
CA ASN A 183 20.26 9.89 33.62
C ASN A 183 21.11 9.44 34.80
N LEU A 184 21.14 8.12 35.08
CA LEU A 184 21.94 7.61 36.17
C LEU A 184 23.08 6.76 35.60
N GLU A 185 24.31 7.04 36.05
CA GLU A 185 25.52 6.36 35.57
C GLU A 185 25.65 4.88 35.92
N ASP A 186 24.82 4.39 36.83
CA ASP A 186 24.89 2.99 37.23
C ASP A 186 24.17 2.08 36.24
N GLN A 187 24.97 1.28 35.53
CA GLN A 187 24.43 0.43 34.49
C GLN A 187 23.47 -0.60 35.08
N GLU A 188 23.63 -0.98 36.35
CA GLU A 188 22.74 -1.95 36.97
C GLU A 188 21.33 -1.39 37.06
N ARG A 189 21.19 -0.09 37.32
CA ARG A 189 19.84 0.44 37.40
C ARG A 189 19.29 0.45 36.00
N ARG A 190 20.14 0.75 35.02
CA ARG A 190 19.68 0.78 33.64
C ARG A 190 19.24 -0.57 33.12
N GLU A 191 19.94 -1.64 33.50
CA GLU A 191 19.56 -2.97 33.02
C GLU A 191 18.28 -3.46 33.67
N ARG A 192 18.12 -3.20 34.98
CA ARG A 192 16.90 -3.65 35.63
C ARG A 192 15.75 -2.80 35.15
N ALA A 193 16.02 -1.51 34.92
CA ALA A 193 15.04 -0.60 34.41
C ALA A 193 14.61 -1.02 33.01
N LYS A 194 15.55 -1.49 32.16
CA LYS A 194 15.16 -1.91 30.81
C LYS A 194 14.20 -3.07 30.89
N SER A 195 14.45 -4.03 31.79
CA SER A 195 13.54 -5.15 31.89
C SER A 195 12.17 -4.67 32.34
N ALA A 196 12.13 -3.74 33.31
CA ALA A 196 10.85 -3.22 33.76
C ALA A 196 10.14 -2.49 32.63
N ARG A 197 10.89 -1.74 31.83
CA ARG A 197 10.26 -1.00 30.76
C ARG A 197 9.63 -1.90 29.74
N ASP A 198 10.32 -2.98 29.41
CA ASP A 198 9.79 -3.87 28.41
C ASP A 198 8.57 -4.64 28.90
N GLU A 199 8.54 -5.10 30.17
CA GLU A 199 7.35 -5.84 30.59
C GLU A 199 6.18 -4.89 30.70
N ILE A 200 6.45 -3.63 31.08
CA ILE A 200 5.42 -2.64 31.21
C ILE A 200 4.79 -2.32 29.86
N LYS A 201 5.63 -2.11 28.84
CA LYS A 201 5.13 -1.84 27.52
C LYS A 201 4.34 -3.03 27.00
N ARG A 202 4.89 -4.24 27.19
CA ARG A 202 4.22 -5.40 26.69
C ARG A 202 2.90 -5.67 27.39
N PHE A 203 2.78 -5.41 28.69
CA PHE A 203 1.47 -5.66 29.29
C PHE A 203 0.41 -4.83 28.57
N ALA A 204 0.71 -3.56 28.30
CA ALA A 204 -0.24 -2.71 27.60
C ALA A 204 -0.51 -3.16 26.15
N GLU A 205 0.54 -3.58 25.45
CA GLU A 205 0.44 -4.02 24.04
C GLU A 205 -0.25 -5.37 23.90
N ASP A 206 -0.04 -6.25 24.87
CA ASP A 206 -0.64 -7.57 24.87
C ASP A 206 -2.12 -7.42 25.05
N ALA A 207 -2.51 -6.63 26.05
CA ALA A 207 -3.92 -6.41 26.30
C ALA A 207 -4.55 -5.68 25.12
N ARG A 208 -3.81 -4.74 24.51
CA ARG A 208 -4.35 -3.98 23.40
C ARG A 208 -4.59 -4.86 22.20
N LYS A 209 -3.62 -5.70 21.82
CA LYS A 209 -3.84 -6.50 20.64
C LYS A 209 -4.95 -7.50 20.84
N LYS A 210 -5.04 -8.11 22.03
CA LYS A 210 -6.08 -9.09 22.19
C LYS A 210 -7.45 -8.46 22.13
N ILE A 211 -7.63 -7.29 22.75
CA ILE A 211 -8.96 -6.72 22.70
C ILE A 211 -9.28 -6.20 21.34
N GLU A 212 -8.39 -5.43 20.73
CA GLU A 212 -8.77 -4.84 19.48
C GLU A 212 -9.05 -5.85 18.40
N VAL A 213 -8.23 -6.89 18.27
CA VAL A 213 -8.52 -7.81 17.19
C VAL A 213 -9.72 -8.66 17.52
N LEU A 214 -9.79 -9.21 18.73
CA LEU A 214 -10.90 -10.10 19.02
C LEU A 214 -12.21 -9.34 19.04
N ALA A 215 -12.23 -8.12 19.59
CA ALA A 215 -13.45 -7.36 19.64
C ALA A 215 -13.92 -7.01 18.25
N LEU A 216 -12.99 -6.66 17.36
CA LEU A 216 -13.39 -6.34 16.01
C LEU A 216 -13.89 -7.58 15.28
N LEU A 217 -13.27 -8.75 15.53
CA LEU A 217 -13.75 -9.97 14.88
C LEU A 217 -15.15 -10.30 15.36
N LYS A 218 -15.41 -10.10 16.66
CA LYS A 218 -16.75 -10.36 17.17
C LYS A 218 -17.76 -9.43 16.54
N ARG A 219 -17.41 -8.14 16.38
CA ARG A 219 -18.38 -7.23 15.79
C ARG A 219 -18.62 -7.59 14.33
N SER A 220 -17.57 -7.98 13.60
CA SER A 220 -17.74 -8.32 12.20
C SER A 220 -18.62 -9.56 12.06
N ARG A 221 -18.44 -10.55 12.93
CA ARG A 221 -19.26 -11.74 12.85
C ARG A 221 -20.70 -11.46 13.22
N GLU A 222 -20.92 -10.64 14.27
CA GLU A 222 -22.27 -10.33 14.69
C GLU A 222 -22.97 -9.51 13.64
N TYR A 223 -22.25 -8.56 13.05
CA TYR A 223 -22.82 -7.71 12.04
C TYR A 223 -23.21 -8.55 10.84
N LEU A 224 -22.31 -9.44 10.39
CA LEU A 224 -22.59 -10.26 9.22
C LEU A 224 -23.78 -11.16 9.51
N LYS A 225 -23.85 -11.79 10.69
CA LYS A 225 -25.00 -12.62 10.99
C LYS A 225 -26.28 -11.80 10.96
N LYS A 226 -26.26 -10.59 11.56
CA LYS A 226 -27.44 -9.75 11.59
C LYS A 226 -27.84 -9.39 10.17
N VAL A 227 -26.86 -9.11 9.31
CA VAL A 227 -27.16 -8.79 7.94
C VAL A 227 -27.75 -9.98 7.23
N ALA A 228 -27.20 -11.16 7.43
CA ALA A 228 -27.78 -12.31 6.77
C ALA A 228 -29.24 -12.49 7.21
N LEU A 229 -29.53 -12.24 8.50
CA LEU A 229 -30.89 -12.38 9.00
C LEU A 229 -31.81 -11.31 8.39
N ILE A 230 -31.30 -10.09 8.22
CA ILE A 230 -32.07 -9.01 7.60
C ILE A 230 -32.38 -9.40 6.17
N GLN A 231 -31.37 -9.92 5.47
CA GLN A 231 -31.50 -10.32 4.09
C GLN A 231 -32.47 -11.47 3.94
N LEU A 232 -32.48 -12.42 4.89
CA LEU A 232 -33.45 -13.50 4.81
C LEU A 232 -34.84 -12.92 4.96
N VAL A 233 -35.02 -11.95 5.87
CA VAL A 233 -36.34 -11.37 6.01
C VAL A 233 -36.73 -10.71 4.71
N ILE A 234 -35.79 -10.01 4.07
CA ILE A 234 -36.10 -9.39 2.80
C ILE A 234 -36.46 -10.45 1.75
N ALA A 235 -35.70 -11.54 1.65
CA ALA A 235 -36.03 -12.56 0.66
C ALA A 235 -37.42 -13.12 0.91
N PHE A 236 -37.78 -13.33 2.18
CA PHE A 236 -39.07 -13.90 2.48
C PHE A 236 -40.19 -12.93 2.15
N VAL A 237 -40.02 -11.64 2.42
CA VAL A 237 -41.10 -10.71 2.09
C VAL A 237 -41.24 -10.57 0.57
N PHE A 238 -40.14 -10.71 -0.20
CA PHE A 238 -40.30 -10.70 -1.67
C PHE A 238 -41.10 -11.92 -2.11
N LEU A 239 -40.85 -13.08 -1.50
CA LEU A 239 -41.61 -14.28 -1.84
C LEU A 239 -43.08 -14.12 -1.47
N ILE A 240 -43.35 -13.45 -0.34
CA ILE A 240 -44.71 -13.18 0.07
C ILE A 240 -45.38 -12.28 -0.95
N LEU A 241 -44.69 -11.23 -1.39
CA LEU A 241 -45.26 -10.32 -2.37
C LEU A 241 -45.60 -11.08 -3.66
N LEU A 242 -44.73 -11.98 -4.10
CA LEU A 242 -45.01 -12.75 -5.31
C LEU A 242 -46.22 -13.65 -5.15
N ILE A 243 -46.38 -14.31 -3.99
CA ILE A 243 -47.56 -15.14 -3.86
C ILE A 243 -48.81 -14.27 -3.77
N LEU A 244 -48.73 -13.09 -3.13
CA LEU A 244 -49.89 -12.24 -3.06
C LEU A 244 -50.31 -11.79 -4.45
N LEU A 245 -49.35 -11.46 -5.32
CA LEU A 245 -49.70 -11.05 -6.66
C LEU A 245 -50.35 -12.19 -7.44
N SER A 246 -49.83 -13.40 -7.27
CA SER A 246 -50.40 -14.56 -7.95
C SER A 246 -51.83 -14.80 -7.49
N TRP A 247 -52.06 -14.73 -6.18
CA TRP A 247 -53.38 -14.91 -5.63
C TRP A 247 -54.35 -13.84 -6.10
N ARG A 248 -53.91 -12.57 -6.13
CA ARG A 248 -54.83 -11.53 -6.55
C ARG A 248 -55.20 -11.76 -8.01
N SER A 249 -54.23 -12.18 -8.83
CA SER A 249 -54.55 -12.42 -10.23
C SER A 249 -55.65 -13.45 -10.37
N GLU A 250 -55.52 -14.57 -9.63
CA GLU A 250 -56.54 -15.60 -9.73
C GLU A 250 -57.89 -15.12 -9.24
N GLU A 251 -57.92 -14.37 -8.14
CA GLU A 251 -59.17 -13.87 -7.57
C GLU A 251 -59.87 -12.85 -8.44
N LEU A 252 -59.11 -11.94 -9.05
CA LEU A 252 -59.70 -10.87 -9.83
C LEU A 252 -60.30 -11.42 -11.10
N ILE A 253 -59.63 -12.37 -11.72
CA ILE A 253 -60.16 -12.98 -12.90
C ILE A 253 -61.30 -13.89 -12.58
N ARG A 254 -61.16 -14.72 -11.54
CA ARG A 254 -62.21 -15.64 -11.21
C ARG A 254 -63.51 -14.91 -10.93
N GLU A 255 -63.48 -13.79 -10.19
CA GLU A 255 -64.73 -13.10 -9.94
C GLU A 255 -65.40 -12.67 -11.23
N LEU A 256 -64.62 -12.10 -12.15
CA LEU A 256 -65.18 -11.62 -13.39
C LEU A 256 -65.69 -12.74 -14.28
N GLU A 257 -64.95 -13.85 -14.37
CA GLU A 257 -65.37 -14.96 -15.21
C GLU A 257 -66.63 -15.62 -14.69
N GLU A 258 -66.75 -15.76 -13.35
CA GLU A 258 -67.92 -16.37 -12.75
C GLU A 258 -69.16 -15.51 -12.97
N LYS A 259 -68.99 -14.20 -12.90
CA LYS A 259 -70.09 -13.28 -13.09
C LYS A 259 -70.39 -12.93 -14.55
N GLY A 260 -69.40 -13.05 -15.45
CA GLY A 260 -69.60 -12.65 -16.83
C GLY A 260 -69.54 -11.12 -16.86
N ALA A 261 -68.74 -10.58 -15.95
CA ALA A 261 -68.60 -9.15 -15.74
C ALA A 261 -67.54 -8.48 -16.61
N ALA A 262 -66.87 -9.26 -17.45
CA ALA A 262 -65.84 -8.73 -18.35
C ALA A 262 -65.82 -9.59 -19.59
N SER A 263 -65.50 -8.99 -20.73
CA SER A 263 -65.37 -9.74 -21.97
C SER A 263 -64.07 -10.49 -21.94
N GLU A 264 -63.90 -11.45 -22.83
CA GLU A 264 -62.64 -12.17 -22.83
C GLU A 264 -61.50 -11.24 -23.18
N ALA A 265 -61.73 -10.28 -24.07
CA ALA A 265 -60.66 -9.35 -24.45
C ALA A 265 -60.25 -8.53 -23.24
N GLU A 266 -61.23 -8.10 -22.44
CA GLU A 266 -60.91 -7.33 -21.24
C GLU A 266 -60.14 -8.19 -20.26
N LEU A 267 -60.53 -9.44 -20.12
CA LEU A 267 -59.85 -10.34 -19.22
C LEU A 267 -58.46 -10.63 -19.70
N ALA A 268 -58.25 -10.79 -21.01
CA ALA A 268 -56.92 -11.06 -21.51
C ALA A 268 -55.98 -9.90 -21.19
N ARG A 269 -56.50 -8.67 -21.30
CA ARG A 269 -55.67 -7.52 -20.98
C ARG A 269 -55.34 -7.52 -19.49
N MET A 270 -56.33 -7.85 -18.64
CA MET A 270 -56.10 -7.89 -17.21
C MET A 270 -55.09 -8.97 -16.86
N LYS A 271 -55.18 -10.12 -17.52
CA LYS A 271 -54.27 -11.22 -17.27
C LYS A 271 -52.85 -10.80 -17.57
N GLN A 272 -52.64 -10.04 -18.66
CA GLN A 272 -51.29 -9.56 -18.92
C GLN A 272 -50.87 -8.53 -17.87
N GLN A 273 -51.79 -7.68 -17.41
CA GLN A 273 -51.44 -6.68 -16.40
C GLN A 273 -51.05 -7.35 -15.09
N HIS A 274 -51.74 -8.44 -14.77
CA HIS A 274 -51.49 -9.17 -13.54
C HIS A 274 -50.16 -9.89 -13.63
N MET A 275 -49.88 -10.48 -14.81
CA MET A 275 -48.63 -11.18 -15.01
C MET A 275 -47.48 -10.21 -15.10
N THR A 276 -47.74 -9.00 -15.62
CA THR A 276 -46.72 -7.99 -15.71
C THR A 276 -46.37 -7.53 -14.29
N ALA A 277 -47.36 -7.34 -13.41
CA ALA A 277 -47.02 -6.97 -12.03
C ALA A 277 -46.22 -8.09 -11.37
N TYR A 278 -46.57 -9.36 -11.64
CA TYR A 278 -45.86 -10.52 -11.12
C TYR A 278 -44.41 -10.45 -11.58
N LEU A 279 -44.25 -10.17 -12.87
CA LEU A 279 -42.96 -10.01 -13.49
C LEU A 279 -42.15 -8.92 -12.84
N GLN A 280 -42.73 -7.74 -12.63
CA GLN A 280 -41.96 -6.66 -12.05
C GLN A 280 -41.44 -7.07 -10.68
N ALA A 281 -42.29 -7.74 -9.90
CA ALA A 281 -41.89 -8.18 -8.58
C ALA A 281 -40.79 -9.22 -8.62
N ALA A 282 -40.92 -10.16 -9.55
CA ALA A 282 -39.97 -11.24 -9.66
C ALA A 282 -38.62 -10.78 -10.11
N LEU A 283 -38.61 -9.86 -11.06
CA LEU A 283 -37.35 -9.41 -11.59
C LEU A 283 -36.59 -8.65 -10.53
N THR A 284 -37.31 -7.83 -9.76
CA THR A 284 -36.67 -7.06 -8.71
C THR A 284 -36.21 -7.94 -7.58
N ALA A 285 -37.02 -8.93 -7.17
CA ALA A 285 -36.62 -9.76 -6.06
C ALA A 285 -35.29 -10.43 -6.34
N TRP A 286 -35.12 -10.87 -7.57
CA TRP A 286 -33.89 -11.53 -7.95
C TRP A 286 -32.72 -10.54 -7.98
N GLU A 287 -32.95 -9.32 -8.46
CA GLU A 287 -31.89 -8.32 -8.42
C GLU A 287 -31.45 -7.98 -7.00
N ILE A 288 -32.41 -7.87 -6.09
CA ILE A 288 -32.08 -7.51 -4.73
C ILE A 288 -31.35 -8.66 -4.07
N ILE A 289 -31.74 -9.91 -4.31
CA ILE A 289 -31.01 -11.01 -3.72
C ILE A 289 -29.55 -10.97 -4.17
N SER A 290 -29.28 -10.68 -5.45
CA SER A 290 -27.90 -10.56 -5.89
C SER A 290 -27.17 -9.45 -5.11
N LYS A 291 -27.83 -8.29 -4.92
CA LYS A 291 -27.23 -7.19 -4.15
C LYS A 291 -26.99 -7.58 -2.69
N SER A 292 -27.89 -8.37 -2.12
CA SER A 292 -27.78 -8.85 -0.74
C SER A 292 -26.54 -9.74 -0.61
N VAL A 293 -26.29 -10.57 -1.62
CA VAL A 293 -25.09 -11.38 -1.62
C VAL A 293 -23.87 -10.51 -1.65
N ILE A 294 -23.87 -9.45 -2.46
CA ILE A 294 -22.71 -8.59 -2.48
C ILE A 294 -22.50 -7.94 -1.12
N ALA A 295 -23.54 -7.45 -0.47
CA ALA A 295 -23.27 -6.86 0.85
C ALA A 295 -22.58 -7.88 1.77
N LEU A 296 -23.00 -9.15 1.71
CA LEU A 296 -22.33 -10.16 2.52
C LEU A 296 -20.90 -10.44 2.05
N LEU A 297 -20.61 -10.39 0.73
CA LEU A 297 -19.23 -10.67 0.35
C LEU A 297 -18.34 -9.53 0.79
N LEU A 298 -18.88 -8.30 0.83
CA LEU A 298 -18.06 -7.17 1.25
C LEU A 298 -17.70 -7.37 2.72
N LEU A 299 -18.65 -7.88 3.50
CA LEU A 299 -18.39 -8.16 4.90
C LEU A 299 -17.44 -9.33 5.08
N GLN A 300 -17.55 -10.34 4.22
CA GLN A 300 -16.65 -11.48 4.33
C GLN A 300 -15.23 -11.03 4.01
N GLN A 301 -15.06 -10.11 3.05
CA GLN A 301 -13.74 -9.60 2.69
C GLN A 301 -13.14 -8.83 3.86
N ASN A 302 -13.99 -8.05 4.55
CA ASN A 302 -13.57 -7.28 5.70
C ASN A 302 -13.12 -8.18 6.85
N GLN A 303 -13.92 -9.21 7.13
CA GLN A 303 -13.60 -10.13 8.21
C GLN A 303 -12.33 -10.88 7.90
N LEU A 304 -12.14 -11.26 6.64
CA LEU A 304 -10.98 -12.00 6.22
C LEU A 304 -9.75 -11.19 6.46
N ASN A 305 -9.75 -9.92 6.04
CA ASN A 305 -8.56 -9.14 6.22
C ASN A 305 -8.26 -8.87 7.69
N LEU A 306 -9.28 -8.74 8.54
CA LEU A 306 -8.98 -8.59 9.96
C LEU A 306 -8.38 -9.86 10.55
N GLU A 307 -9.00 -11.02 10.28
CA GLU A 307 -8.52 -12.26 10.84
C GLU A 307 -7.13 -12.58 10.33
N LEU A 308 -6.90 -12.31 9.04
CA LEU A 308 -5.62 -12.58 8.41
C LEU A 308 -4.48 -11.70 8.94
N ARG A 309 -4.76 -10.41 9.14
CA ARG A 309 -3.73 -9.46 9.58
C ARG A 309 -3.47 -9.44 11.09
N HIS A 310 -4.46 -9.82 11.90
CA HIS A 310 -4.41 -9.80 13.37
C HIS A 310 -3.39 -8.79 13.92
N GLU B 1 25.30 50.02 18.60
CA GLU B 1 25.24 51.28 19.34
C GLU B 1 24.44 51.17 20.63
N GLU B 2 24.37 52.30 21.34
CA GLU B 2 23.72 52.43 22.64
C GLU B 2 22.22 52.23 22.61
N PHE B 3 21.55 52.71 21.55
CA PHE B 3 20.11 52.55 21.53
C PHE B 3 19.71 51.09 21.52
N MET B 4 20.32 50.33 20.65
CA MET B 4 19.97 48.94 20.51
C MET B 4 20.31 48.20 21.81
N ALA B 5 21.48 48.52 22.40
CA ALA B 5 21.90 47.86 23.63
C ALA B 5 20.97 48.18 24.81
N ARG B 6 20.56 49.45 24.91
CA ARG B 6 19.66 49.84 25.98
C ARG B 6 18.29 49.33 25.71
N ALA B 7 17.85 49.32 24.46
CA ALA B 7 16.52 48.87 24.17
C ALA B 7 16.36 47.43 24.63
N ILE B 8 17.34 46.55 24.48
CA ILE B 8 17.06 45.21 25.00
C ILE B 8 16.83 45.24 26.48
N SER B 9 17.69 45.95 27.21
CA SER B 9 17.50 45.98 28.64
C SER B 9 16.20 46.67 29.03
N ALA B 10 15.85 47.77 28.36
CA ALA B 10 14.65 48.55 28.66
C ALA B 10 13.38 47.78 28.36
N ILE B 11 13.39 47.03 27.27
CA ILE B 11 12.23 46.28 26.87
C ILE B 11 11.95 45.21 27.90
N ALA B 12 13.00 44.46 28.27
CA ALA B 12 12.85 43.42 29.26
C ALA B 12 12.57 44.00 30.63
N GLU B 13 13.19 45.12 30.97
CA GLU B 13 13.04 45.73 32.27
C GLU B 13 11.62 46.16 32.51
N LEU B 14 10.99 46.79 31.53
CA LEU B 14 9.64 47.23 31.75
C LEU B 14 8.69 46.05 31.83
N ALA B 15 8.86 45.04 30.98
CA ALA B 15 7.97 43.90 31.06
C ALA B 15 8.20 43.14 32.34
N LYS B 16 9.46 42.97 32.74
CA LYS B 16 9.81 42.22 33.92
C LYS B 16 9.22 42.83 35.17
N LYS B 17 9.30 44.16 35.29
CA LYS B 17 8.74 44.80 36.47
C LYS B 17 7.23 44.64 36.50
N ALA B 18 6.58 44.80 35.35
CA ALA B 18 5.15 44.66 35.28
C ALA B 18 4.72 43.21 35.59
N ILE B 19 5.53 42.23 35.14
CA ILE B 19 5.27 40.81 35.40
C ILE B 19 5.38 40.52 36.87
N GLU B 20 6.45 40.99 37.50
CA GLU B 20 6.63 40.75 38.91
C GLU B 20 5.52 41.38 39.71
N ALA B 21 5.13 42.61 39.37
CA ALA B 21 4.10 43.28 40.14
C ALA B 21 2.74 42.60 40.02
N ILE B 22 2.35 42.15 38.81
CA ILE B 22 1.03 41.54 38.69
C ILE B 22 1.08 40.14 39.29
N TYR B 23 2.20 39.43 39.08
CA TYR B 23 2.38 38.12 39.68
C TYR B 23 2.34 38.18 41.18
N ARG B 24 3.09 39.10 41.79
CA ARG B 24 3.12 39.18 43.24
C ARG B 24 1.73 39.40 43.80
N LEU B 25 0.93 40.27 43.18
CA LEU B 25 -0.40 40.47 43.73
C LEU B 25 -1.20 39.19 43.63
N ALA B 26 -1.10 38.52 42.49
CA ALA B 26 -1.80 37.27 42.26
C ALA B 26 -1.33 36.14 43.15
N ASP B 27 -0.05 36.15 43.52
CA ASP B 27 0.53 35.13 44.37
C ASP B 27 -0.01 35.30 45.79
N ASN B 28 -0.21 36.56 46.21
CA ASN B 28 -0.75 36.85 47.53
C ASN B 28 -2.25 36.55 47.61
N HIS B 29 -2.95 36.71 46.50
CA HIS B 29 -4.38 36.45 46.39
C HIS B 29 -4.74 34.97 46.28
N THR B 30 -5.94 34.62 46.72
CA THR B 30 -6.42 33.25 46.58
C THR B 30 -7.54 33.16 45.55
N THR B 31 -7.88 34.30 44.95
CA THR B 31 -8.93 34.44 43.96
C THR B 31 -8.45 33.94 42.60
N ASP B 32 -9.25 33.08 41.97
CA ASP B 32 -8.92 32.45 40.69
C ASP B 32 -8.88 33.43 39.54
N THR B 33 -9.76 34.40 39.63
CA THR B 33 -9.93 35.44 38.66
C THR B 33 -8.70 36.34 38.62
N PHE B 34 -8.13 36.62 39.80
CA PHE B 34 -6.99 37.50 39.90
C PHE B 34 -5.76 36.76 39.41
N MET B 35 -5.69 35.46 39.72
CA MET B 35 -4.58 34.68 39.24
C MET B 35 -4.62 34.65 37.72
N ALA B 36 -5.82 34.45 37.16
CA ALA B 36 -5.99 34.41 35.72
C ALA B 36 -5.63 35.75 35.08
N LYS B 37 -5.98 36.87 35.73
CA LYS B 37 -5.64 38.18 35.20
C LYS B 37 -4.13 38.32 35.10
N ALA B 38 -3.42 37.90 36.15
CA ALA B 38 -1.97 37.98 36.10
C ALA B 38 -1.44 37.07 35.02
N ILE B 39 -2.03 35.91 34.84
CA ILE B 39 -1.53 35.02 33.82
C ILE B 39 -1.64 35.60 32.42
N GLU B 40 -2.78 36.19 32.11
CA GLU B 40 -2.93 36.78 30.79
C GLU B 40 -2.05 38.03 30.65
N ALA B 41 -1.97 38.86 31.70
CA ALA B 41 -1.16 40.07 31.65
C ALA B 41 0.31 39.74 31.47
N ILE B 42 0.76 38.67 32.14
CA ILE B 42 2.13 38.24 32.07
C ILE B 42 2.45 37.76 30.69
N ALA B 43 1.56 36.97 30.09
CA ALA B 43 1.83 36.55 28.74
C ALA B 43 1.92 37.75 27.82
N GLU B 44 1.07 38.75 27.97
CA GLU B 44 1.20 39.87 27.04
C GLU B 44 2.51 40.63 27.22
N LEU B 45 2.92 40.81 28.47
CA LEU B 45 4.14 41.56 28.77
C LEU B 45 5.39 40.86 28.30
N ALA B 46 5.51 39.56 28.57
CA ALA B 46 6.69 38.84 28.16
C ALA B 46 6.63 38.56 26.67
N LYS B 47 5.45 38.32 26.11
CA LYS B 47 5.39 37.98 24.70
C LYS B 47 5.89 39.12 23.85
N GLU B 48 5.47 40.34 24.16
CA GLU B 48 5.93 41.46 23.36
C GLU B 48 7.38 41.74 23.63
N ALA B 49 7.81 41.68 24.89
CA ALA B 49 9.19 41.97 25.18
C ALA B 49 10.14 40.96 24.55
N ILE B 50 9.76 39.68 24.55
CA ILE B 50 10.61 38.64 23.99
C ILE B 50 10.72 38.79 22.50
N LYS B 51 9.61 39.02 21.81
CA LYS B 51 9.69 39.17 20.37
C LYS B 51 10.52 40.39 19.98
N ALA B 52 10.32 41.51 20.68
CA ALA B 52 11.05 42.71 20.33
C ALA B 52 12.55 42.55 20.53
N ILE B 53 12.93 41.88 21.62
CA ILE B 53 14.33 41.65 21.93
C ILE B 53 14.98 40.69 20.99
N ALA B 54 14.29 39.58 20.71
CA ALA B 54 14.86 38.58 19.85
C ALA B 54 15.16 39.13 18.47
N ASP B 55 14.25 39.96 17.93
CA ASP B 55 14.51 40.50 16.61
C ASP B 55 15.51 41.62 16.65
N LEU B 56 15.55 42.39 17.73
CA LEU B 56 16.52 43.45 17.79
C LEU B 56 17.92 42.85 17.76
N ALA B 57 18.17 41.87 18.64
CA ALA B 57 19.48 41.24 18.77
C ALA B 57 19.94 40.48 17.53
N LYS B 58 19.02 39.91 16.79
CA LYS B 58 19.36 39.13 15.60
C LYS B 58 19.73 39.99 14.41
N ASN B 59 19.66 41.30 14.57
CA ASN B 59 20.05 42.23 13.55
C ASN B 59 21.46 42.77 13.79
N HIS B 60 22.18 42.10 14.71
CA HIS B 60 23.56 42.39 15.06
C HIS B 60 24.47 41.22 14.75
N THR B 61 25.75 41.53 14.59
CA THR B 61 26.78 40.56 14.25
C THR B 61 27.71 40.22 15.42
N THR B 62 27.31 40.62 16.62
CA THR B 62 28.13 40.43 17.81
C THR B 62 27.45 39.78 19.00
N GLU B 63 28.33 39.16 19.81
CA GLU B 63 27.99 38.47 21.03
C GLU B 63 27.42 39.41 22.05
N GLU B 64 27.66 40.71 21.91
CA GLU B 64 27.06 41.63 22.86
C GLU B 64 25.55 41.51 22.80
N PHE B 65 25.01 41.41 21.60
CA PHE B 65 23.58 41.38 21.42
C PHE B 65 23.00 40.04 21.69
N MET B 66 23.68 38.99 21.26
CA MET B 66 23.12 37.70 21.60
C MET B 66 23.17 37.57 23.12
N ALA B 67 24.21 38.08 23.78
CA ALA B 67 24.29 37.94 25.22
C ALA B 67 23.18 38.69 25.94
N ARG B 68 22.89 39.92 25.48
CA ARG B 68 21.85 40.69 26.12
C ARG B 68 20.50 40.07 25.94
N ALA B 69 20.23 39.59 24.73
CA ALA B 69 18.96 38.98 24.43
C ALA B 69 18.79 37.60 25.05
N ILE B 70 19.85 36.80 25.14
CA ILE B 70 19.68 35.48 25.74
C ILE B 70 19.37 35.67 27.20
N SER B 71 20.10 36.53 27.89
CA SER B 71 19.79 36.73 29.30
C SER B 71 18.44 37.41 29.48
N ALA B 72 18.12 38.43 28.66
CA ALA B 72 16.86 39.12 28.82
C ALA B 72 15.66 38.23 28.56
N ILE B 73 15.74 37.39 27.55
CA ILE B 73 14.65 36.51 27.22
C ILE B 73 14.57 35.38 28.19
N ALA B 74 15.70 34.77 28.52
CA ALA B 74 15.63 33.68 29.45
C ALA B 74 15.05 34.16 30.78
N GLU B 75 15.37 35.39 31.25
CA GLU B 75 14.75 35.84 32.47
C GLU B 75 13.27 36.17 32.29
N LEU B 76 12.88 36.82 31.19
CA LEU B 76 11.46 37.14 31.02
C LEU B 76 10.64 35.88 30.91
N ALA B 77 11.15 34.94 30.14
CA ALA B 77 10.48 33.70 29.88
C ALA B 77 10.37 32.83 31.09
N ARG B 78 11.42 32.76 31.90
CA ARG B 78 11.34 31.88 33.03
C ARG B 78 10.58 32.55 34.15
N LYS B 79 10.66 33.88 34.27
CA LYS B 79 9.89 34.51 35.32
C LYS B 79 8.44 34.40 34.95
N ALA B 80 8.11 34.63 33.69
CA ALA B 80 6.76 34.58 33.25
C ALA B 80 6.17 33.17 33.30
N ILE B 81 6.94 32.13 32.93
CA ILE B 81 6.38 30.80 33.02
C ILE B 81 6.25 30.36 34.44
N ASP B 82 7.26 30.63 35.29
CA ASP B 82 7.14 30.23 36.67
C ASP B 82 5.98 30.98 37.31
N ALA B 83 5.81 32.28 36.98
CA ALA B 83 4.71 33.02 37.55
C ALA B 83 3.38 32.44 37.08
N ILE B 84 3.27 32.10 35.80
CA ILE B 84 2.05 31.57 35.29
C ILE B 84 1.72 30.22 35.89
N TYR B 85 2.72 29.33 35.96
CA TYR B 85 2.55 27.99 36.48
C TYR B 85 2.22 28.03 37.98
N ARG B 86 2.90 28.89 38.76
CA ARG B 86 2.62 28.97 40.18
C ARG B 86 1.18 29.36 40.46
N LEU B 87 0.61 30.20 39.60
CA LEU B 87 -0.74 30.63 39.77
C LEU B 87 -1.72 29.66 39.07
N ALA B 88 -1.33 29.12 37.92
CA ALA B 88 -2.19 28.25 37.11
C ALA B 88 -2.56 26.96 37.81
N ARG B 89 -1.64 26.45 38.61
CA ARG B 89 -1.84 25.18 39.31
C ARG B 89 -2.91 25.31 40.38
N ASN B 90 -3.30 26.54 40.73
CA ASN B 90 -4.27 26.77 41.76
C ASN B 90 -5.66 27.09 41.20
N HIS B 91 -5.87 26.91 39.89
CA HIS B 91 -7.17 27.18 39.31
C HIS B 91 -8.19 26.11 39.58
N THR B 92 -9.45 26.53 39.65
CA THR B 92 -10.59 25.64 39.82
C THR B 92 -11.55 25.62 38.64
N THR B 93 -11.41 26.53 37.66
CA THR B 93 -12.37 26.59 36.56
C THR B 93 -11.71 26.27 35.24
N ASP B 94 -12.54 25.94 34.24
CA ASP B 94 -12.03 25.63 32.91
C ASP B 94 -11.46 26.83 32.21
N THR B 95 -12.09 27.98 32.43
CA THR B 95 -11.71 29.21 31.77
C THR B 95 -10.32 29.62 32.15
N PHE B 96 -10.03 29.56 33.43
CA PHE B 96 -8.75 30.04 33.90
C PHE B 96 -7.65 29.03 33.60
N MET B 97 -7.95 27.73 33.68
CA MET B 97 -6.94 26.74 33.33
C MET B 97 -6.63 26.88 31.85
N ALA B 98 -7.65 27.08 31.01
CA ALA B 98 -7.46 27.23 29.57
C ALA B 98 -6.63 28.48 29.25
N LYS B 99 -6.83 29.58 30.00
CA LYS B 99 -6.03 30.77 29.78
C LYS B 99 -4.58 30.47 30.09
N ALA B 100 -4.34 29.73 31.18
CA ALA B 100 -2.98 29.36 31.50
C ALA B 100 -2.39 28.45 30.43
N ILE B 101 -3.18 27.55 29.86
CA ILE B 101 -2.60 26.69 28.83
C ILE B 101 -2.08 27.50 27.66
N GLU B 102 -2.87 28.47 27.20
CA GLU B 102 -2.39 29.27 26.10
C GLU B 102 -1.25 30.19 26.54
N ALA B 103 -1.36 30.81 27.72
CA ALA B 103 -0.35 31.75 28.19
C ALA B 103 1.02 31.10 28.36
N ILE B 104 1.02 29.87 28.84
CA ILE B 104 2.24 29.13 29.07
C ILE B 104 2.90 28.80 27.74
N ALA B 105 2.15 28.27 26.78
CA ALA B 105 2.75 27.94 25.51
C ALA B 105 3.16 29.15 24.71
N GLU B 106 2.40 30.24 24.74
CA GLU B 106 2.80 31.35 23.93
C GLU B 106 4.17 31.84 24.34
N LEU B 107 4.42 31.89 25.64
CA LEU B 107 5.71 32.38 26.03
C LEU B 107 6.80 31.36 25.98
N ALA B 108 6.53 30.10 26.34
CA ALA B 108 7.63 29.17 26.29
C ALA B 108 8.04 28.96 24.85
N LYS B 109 7.07 28.85 23.94
CA LYS B 109 7.42 28.64 22.56
C LYS B 109 8.23 29.80 21.99
N GLU B 110 7.78 31.04 22.21
CA GLU B 110 8.53 32.17 21.65
C GLU B 110 9.88 32.33 22.30
N ALA B 111 9.94 32.12 23.61
CA ALA B 111 11.17 32.27 24.33
C ALA B 111 12.18 31.26 23.95
N ILE B 112 11.77 30.02 23.79
CA ILE B 112 12.68 28.97 23.48
C ILE B 112 13.27 29.15 22.12
N LYS B 113 12.41 29.49 21.17
CA LYS B 113 12.89 29.70 19.84
C LYS B 113 13.89 30.84 19.86
N ALA B 114 13.56 31.96 20.54
CA ALA B 114 14.47 33.09 20.56
C ALA B 114 15.78 32.79 21.29
N ILE B 115 15.73 32.11 22.42
CA ILE B 115 16.92 31.87 23.20
C ILE B 115 17.89 31.04 22.40
N ALA B 116 17.39 29.99 21.75
CA ALA B 116 18.29 29.20 20.97
C ALA B 116 18.69 29.90 19.70
N ASP B 117 17.80 30.63 19.03
CA ASP B 117 18.19 31.25 17.78
C ASP B 117 19.35 32.23 17.99
N LEU B 118 19.36 32.88 19.14
CA LEU B 118 20.44 33.77 19.52
C LEU B 118 21.70 32.98 19.93
N ALA B 119 21.53 31.94 20.74
CA ALA B 119 22.68 31.16 21.21
C ALA B 119 23.35 30.39 20.08
N LYS B 120 22.58 29.97 19.09
CA LYS B 120 23.02 29.23 17.92
C LYS B 120 23.94 30.02 17.01
N ASN B 121 24.02 31.34 17.23
CA ASN B 121 24.83 32.20 16.38
C ASN B 121 26.22 32.47 16.95
N HIS B 122 26.62 31.71 17.98
CA HIS B 122 27.97 31.89 18.52
C HIS B 122 28.39 30.59 19.20
N THR B 123 29.67 30.26 19.16
CA THR B 123 30.14 29.04 19.79
C THR B 123 30.48 29.16 21.28
N THR B 124 30.46 30.36 21.85
CA THR B 124 30.80 30.48 23.26
C THR B 124 29.94 29.61 24.15
N GLU B 125 30.61 28.98 25.12
CA GLU B 125 29.99 28.09 26.07
C GLU B 125 29.01 28.81 26.98
N ASP B 126 29.12 30.14 27.05
CA ASP B 126 28.20 30.90 27.88
C ASP B 126 26.81 30.94 27.25
N PHE B 127 26.73 30.93 25.92
CA PHE B 127 25.44 30.98 25.29
C PHE B 127 24.90 29.59 25.28
N MET B 128 25.77 28.63 25.01
CA MET B 128 25.32 27.25 24.96
C MET B 128 24.81 26.82 26.32
N ASP B 129 25.54 27.10 27.39
CA ASP B 129 25.07 26.64 28.68
C ASP B 129 23.83 27.36 29.14
N GLU B 130 23.75 28.69 28.94
CA GLU B 130 22.58 29.37 29.43
C GLU B 130 21.37 28.96 28.63
N ALA B 131 21.52 28.83 27.31
CA ALA B 131 20.41 28.45 26.48
C ALA B 131 20.00 26.98 26.64
N ILE B 132 20.94 26.05 26.82
CA ILE B 132 20.54 24.66 26.96
C ILE B 132 19.81 24.49 28.26
N SER B 133 20.37 25.05 29.33
CA SER B 133 19.76 24.97 30.64
C SER B 133 18.44 25.69 30.70
N ALA B 134 18.37 26.93 30.19
CA ALA B 134 17.14 27.70 30.24
C ALA B 134 16.04 27.02 29.48
N ILE B 135 16.37 26.44 28.32
CA ILE B 135 15.37 25.79 27.52
C ILE B 135 14.97 24.46 28.08
N ALA B 136 15.90 23.63 28.51
CA ALA B 136 15.43 22.35 29.01
C ALA B 136 14.50 22.57 30.22
N GLU B 137 14.80 23.53 31.10
CA GLU B 137 13.88 23.75 32.21
C GLU B 137 12.59 24.44 31.80
N LEU B 138 12.67 25.43 30.90
CA LEU B 138 11.52 26.19 30.45
C LEU B 138 10.58 25.32 29.65
N ALA B 139 11.13 24.53 28.73
CA ALA B 139 10.36 23.68 27.89
C ALA B 139 9.63 22.63 28.67
N ARG B 140 10.31 22.02 29.63
CA ARG B 140 9.66 20.97 30.35
C ARG B 140 8.65 21.52 31.32
N LYS B 141 8.94 22.62 32.01
CA LYS B 141 7.93 23.15 32.92
C LYS B 141 6.72 23.61 32.17
N ALA B 142 6.91 24.25 31.02
CA ALA B 142 5.78 24.72 30.29
C ALA B 142 4.92 23.54 29.81
N ILE B 143 5.55 22.47 29.33
CA ILE B 143 4.77 21.32 28.86
C ILE B 143 4.09 20.60 29.99
N GLU B 144 4.82 20.36 31.06
CA GLU B 144 4.30 19.64 32.19
C GLU B 144 3.16 20.43 32.82
N ALA B 145 3.30 21.76 32.90
CA ALA B 145 2.24 22.58 33.47
C ALA B 145 0.97 22.47 32.63
N ILE B 146 1.13 22.48 31.31
CA ILE B 146 0.00 22.40 30.41
C ILE B 146 -0.68 21.05 30.47
N LEU B 147 0.12 20.00 30.45
CA LEU B 147 -0.45 18.68 30.45
C LEU B 147 -1.16 18.42 31.77
N ARG B 148 -0.59 18.91 32.88
CA ARG B 148 -1.23 18.72 34.16
C ARG B 148 -2.53 19.53 34.26
N LEU B 149 -2.59 20.74 33.70
CA LEU B 149 -3.85 21.48 33.71
C LEU B 149 -4.87 20.71 32.88
N ALA B 150 -4.41 20.17 31.76
CA ALA B 150 -5.24 19.40 30.86
C ALA B 150 -5.78 18.14 31.51
N SER B 151 -5.04 17.55 32.43
CA SER B 151 -5.47 16.32 33.08
C SER B 151 -6.72 16.53 33.93
N ASN B 152 -7.06 17.80 34.24
CA ASN B 152 -8.24 18.09 35.02
C ASN B 152 -9.38 18.51 34.09
N LEU B 153 -9.07 18.55 32.79
CA LEU B 153 -9.94 18.99 31.72
C LEU B 153 -9.82 17.98 30.59
N THR B 154 -10.42 16.82 30.72
CA THR B 154 -10.13 15.74 29.81
C THR B 154 -10.99 15.66 28.55
N SER B 155 -11.90 16.62 28.39
CA SER B 155 -12.75 16.66 27.21
C SER B 155 -11.87 17.12 26.04
N GLU B 156 -12.31 16.91 24.80
CA GLU B 156 -11.47 17.33 23.68
C GLU B 156 -11.20 18.82 23.63
N THR B 157 -12.15 19.65 24.02
CA THR B 157 -11.94 21.09 23.91
C THR B 157 -10.64 21.52 24.57
N TYR B 158 -10.40 21.03 25.78
CA TYR B 158 -9.24 21.48 26.50
C TYR B 158 -8.05 20.59 26.29
N MET B 159 -8.27 19.28 26.07
CA MET B 159 -7.17 18.38 25.88
C MET B 159 -6.50 18.69 24.55
N ARG B 160 -7.29 19.16 23.56
CA ARG B 160 -6.74 19.56 22.28
C ARG B 160 -6.00 20.87 22.43
N LYS B 161 -6.55 21.85 23.17
CA LYS B 161 -5.77 23.08 23.33
C LYS B 161 -4.46 22.74 23.99
N ALA B 162 -4.51 21.85 24.99
CA ALA B 162 -3.31 21.46 25.67
C ALA B 162 -2.35 20.73 24.78
N GLN B 163 -2.85 19.82 23.93
CA GLN B 163 -1.94 19.10 23.07
C GLN B 163 -1.28 20.01 22.07
N GLU B 164 -2.04 20.95 21.50
CA GLU B 164 -1.46 21.84 20.52
C GLU B 164 -0.48 22.76 21.21
N ALA B 165 -0.81 23.21 22.42
CA ALA B 165 0.05 24.10 23.17
C ALA B 165 1.38 23.39 23.48
N ILE B 166 1.29 22.09 23.80
CA ILE B 166 2.45 21.25 24.06
C ILE B 166 3.26 20.98 22.85
N GLU B 167 2.62 20.60 21.74
CA GLU B 167 3.37 20.30 20.54
C GLU B 167 4.13 21.53 20.06
N LYS B 168 3.52 22.71 20.12
CA LYS B 168 4.23 23.89 19.67
C LYS B 168 5.48 24.13 20.53
N ILE B 169 5.36 23.97 21.86
CA ILE B 169 6.51 24.17 22.73
C ILE B 169 7.51 23.07 22.47
N ALA B 170 7.01 21.83 22.45
CA ALA B 170 7.82 20.66 22.34
C ALA B 170 8.62 20.55 21.08
N ARG B 171 8.06 20.92 19.94
CA ARG B 171 8.88 20.82 18.76
C ARG B 171 9.90 21.94 18.79
N THR B 172 9.51 23.11 19.26
CA THR B 172 10.43 24.21 19.30
C THR B 172 11.61 23.85 20.20
N ALA B 173 11.30 23.29 21.38
CA ALA B 173 12.26 22.88 22.36
C ALA B 173 13.08 21.69 21.94
N GLU B 174 12.49 20.70 21.27
CA GLU B 174 13.33 19.57 20.88
C GLU B 174 14.44 20.07 20.00
N GLU B 175 14.08 20.93 19.03
CA GLU B 175 15.06 21.42 18.11
C GLU B 175 16.01 22.41 18.76
N ALA B 176 15.47 23.30 19.60
CA ALA B 176 16.31 24.27 20.24
C ALA B 176 17.37 23.60 21.11
N ILE B 177 16.96 22.57 21.83
CA ILE B 177 17.85 21.85 22.69
C ILE B 177 18.86 21.09 21.85
N ARG B 178 18.40 20.42 20.79
CA ARG B 178 19.25 19.61 19.93
C ARG B 178 20.38 20.36 19.29
N ASP B 179 20.10 21.53 18.78
CA ASP B 179 21.12 22.26 18.08
C ASP B 179 22.10 22.86 19.05
N LEU B 180 21.60 23.34 20.19
CA LEU B 180 22.51 23.93 21.14
C LEU B 180 23.36 22.87 21.78
N ALA B 181 22.78 21.70 22.07
CA ALA B 181 23.53 20.62 22.67
C ALA B 181 24.63 20.15 21.74
N ARG B 182 24.35 20.06 20.45
CA ARG B 182 25.39 19.57 19.56
C ARG B 182 26.49 20.59 19.32
N ASN B 183 26.20 21.87 19.54
CA ASN B 183 27.20 22.89 19.36
C ASN B 183 28.09 23.09 20.59
N LEU B 184 27.85 22.33 21.65
CA LEU B 184 28.68 22.43 22.85
C LEU B 184 29.48 21.13 23.03
N GLU B 185 30.79 21.27 23.23
CA GLU B 185 31.71 20.13 23.37
C GLU B 185 31.53 19.27 24.62
N ASP B 186 30.77 19.75 25.59
CA ASP B 186 30.57 19.00 26.82
C ASP B 186 29.51 17.92 26.66
N GLN B 187 29.96 16.67 26.67
CA GLN B 187 29.07 15.55 26.46
C GLN B 187 28.00 15.47 27.53
N GLU B 188 28.27 15.98 28.75
CA GLU B 188 27.29 15.94 29.81
C GLU B 188 26.09 16.80 29.47
N ARG B 189 26.30 17.93 28.78
CA ARG B 189 25.14 18.74 28.45
C ARG B 189 24.40 18.01 27.37
N ARG B 190 25.12 17.35 26.46
CA ARG B 190 24.47 16.61 25.39
C ARG B 190 23.64 15.44 25.89
N GLU B 191 24.11 14.72 26.91
CA GLU B 191 23.37 13.58 27.42
C GLU B 191 22.13 14.01 28.18
N ARG B 192 22.24 15.09 28.96
CA ARG B 192 21.08 15.54 29.70
C ARG B 192 20.09 16.17 28.74
N ALA B 193 20.63 16.86 27.73
CA ALA B 193 19.82 17.45 26.71
C ALA B 193 19.09 16.38 25.93
N LYS B 194 19.73 15.22 25.63
CA LYS B 194 19.04 14.17 24.89
C LYS B 194 17.85 13.67 25.68
N SER B 195 18.01 13.50 27.00
CA SER B 195 16.89 13.03 27.79
C SER B 195 15.76 14.06 27.75
N ALA B 196 16.10 15.35 27.85
CA ALA B 196 15.07 16.38 27.80
C ALA B 196 14.40 16.36 26.44
N ARG B 197 15.15 16.16 25.37
CA ARG B 197 14.56 16.18 24.04
C ARG B 197 13.57 15.06 23.87
N ASP B 198 13.93 13.88 24.36
CA ASP B 198 13.04 12.77 24.18
C ASP B 198 11.77 12.89 25.02
N GLU B 199 11.85 13.38 26.26
CA GLU B 199 10.60 13.47 27.02
C GLU B 199 9.72 14.56 26.44
N ILE B 200 10.34 15.60 25.89
CA ILE B 200 9.60 16.70 25.29
C ILE B 200 8.85 16.23 24.04
N LYS B 201 9.55 15.49 23.18
CA LYS B 201 8.92 14.95 21.99
C LYS B 201 7.81 14.00 22.37
N ARG B 202 8.07 13.11 23.31
CA ARG B 202 7.07 12.16 23.69
C ARG B 202 5.85 12.81 24.34
N PHE B 203 6.00 13.86 25.15
CA PHE B 203 4.78 14.44 25.71
C PHE B 203 3.85 14.86 24.58
N ALA B 204 4.41 15.50 23.54
CA ALA B 204 3.59 15.93 22.41
C ALA B 204 2.99 14.76 21.63
N GLU B 205 3.78 13.70 21.41
CA GLU B 205 3.35 12.51 20.66
C GLU B 205 2.34 11.66 21.42
N ASP B 206 2.49 11.60 22.73
CA ASP B 206 1.60 10.84 23.58
C ASP B 206 0.24 11.49 23.56
N ALA B 207 0.22 12.81 23.78
CA ALA B 207 -1.04 13.53 23.75
C ALA B 207 -1.65 13.45 22.36
N ARG B 208 -0.81 13.52 21.31
CA ARG B 208 -1.33 13.49 19.95
C ARG B 208 -1.96 12.17 19.64
N LYS B 209 -1.29 11.05 19.95
CA LYS B 209 -1.90 9.78 19.59
C LYS B 209 -3.16 9.52 20.36
N LYS B 210 -3.20 9.87 21.64
CA LYS B 210 -4.41 9.59 22.38
C LYS B 210 -5.57 10.39 21.85
N ILE B 211 -5.37 11.67 21.53
CA ILE B 211 -6.51 12.42 21.07
C ILE B 211 -6.92 12.00 19.70
N GLU B 212 -5.97 11.90 18.77
CA GLU B 212 -6.41 11.63 17.42
C GLU B 212 -7.08 10.29 17.27
N VAL B 213 -6.56 9.24 17.90
CA VAL B 213 -7.25 7.98 17.69
C VAL B 213 -8.54 7.92 18.46
N LEU B 214 -8.55 8.34 19.73
CA LEU B 214 -9.77 8.21 20.48
C LEU B 214 -10.84 9.13 19.95
N ALA B 215 -10.48 10.35 19.54
CA ALA B 215 -11.47 11.28 19.03
C ALA B 215 -12.06 10.76 17.74
N LEU B 216 -11.23 10.18 16.88
CA LEU B 216 -11.75 9.65 15.65
C LEU B 216 -12.64 8.44 15.91
N LEU B 217 -12.28 7.59 16.89
CA LEU B 217 -13.14 6.46 17.20
C LEU B 217 -14.47 6.92 17.72
N LYS B 218 -14.48 7.97 18.54
CA LYS B 218 -15.73 8.50 19.05
C LYS B 218 -16.58 9.04 17.92
N ARG B 219 -15.97 9.75 16.96
CA ARG B 219 -16.78 10.29 15.88
C ARG B 219 -17.33 9.18 15.01
N SER B 220 -16.53 8.12 14.77
CA SER B 220 -17.00 7.03 13.94
C SER B 220 -18.16 6.31 14.62
N ARG B 221 -18.08 6.11 15.94
CA ARG B 221 -19.17 5.45 16.64
C ARG B 221 -20.42 6.31 16.67
N GLU B 222 -20.26 7.63 16.89
CA GLU B 222 -21.41 8.51 16.95
C GLU B 222 -22.06 8.60 15.60
N TYR B 223 -21.25 8.69 14.56
CA TYR B 223 -21.75 8.81 13.22
C TYR B 223 -22.51 7.55 12.86
N LEU B 224 -21.94 6.38 13.15
CA LEU B 224 -22.59 5.12 12.82
C LEU B 224 -23.90 5.01 13.57
N LYS B 225 -23.92 5.34 14.86
CA LYS B 225 -25.18 5.27 15.60
C LYS B 225 -26.22 6.21 14.99
N LYS B 226 -25.81 7.44 14.64
CA LYS B 226 -26.73 8.39 14.05
C LYS B 226 -27.26 7.86 12.74
N VAL B 227 -26.40 7.22 11.95
CA VAL B 227 -26.81 6.64 10.70
C VAL B 227 -27.79 5.52 10.93
N ALA B 228 -27.51 4.64 11.89
CA ALA B 228 -28.44 3.57 12.13
C ALA B 228 -29.80 4.14 12.52
N LEU B 229 -29.82 5.23 13.32
CA LEU B 229 -31.08 5.84 13.73
C LEU B 229 -31.80 6.47 12.53
N ILE B 230 -31.05 7.09 11.60
CA ILE B 230 -31.63 7.66 10.40
C ILE B 230 -32.25 6.56 9.57
N GLN B 231 -31.52 5.46 9.43
CA GLN B 231 -31.97 4.33 8.67
C GLN B 231 -33.19 3.68 9.28
N LEU B 232 -33.28 3.62 10.61
CA LEU B 232 -34.48 3.09 11.23
C LEU B 232 -35.64 3.99 10.92
N VAL B 233 -35.44 5.32 10.94
CA VAL B 233 -36.54 6.20 10.61
C VAL B 233 -36.97 5.93 9.18
N ILE B 234 -36.01 5.75 8.28
CA ILE B 234 -36.36 5.46 6.90
C ILE B 234 -37.12 4.13 6.81
N ALA B 235 -36.67 3.08 7.48
CA ALA B 235 -37.38 1.82 7.40
C ALA B 235 -38.81 1.97 7.92
N PHE B 236 -39.00 2.75 8.99
CA PHE B 236 -40.33 2.92 9.53
C PHE B 236 -41.23 3.70 8.60
N VAL B 237 -40.71 4.74 7.96
CA VAL B 237 -41.57 5.49 7.05
C VAL B 237 -41.92 4.66 5.81
N PHE B 238 -41.03 3.74 5.37
CA PHE B 238 -41.42 2.86 4.27
C PHE B 238 -42.55 1.93 4.72
N LEU B 239 -42.48 1.43 5.95
CA LEU B 239 -43.55 0.57 6.46
C LEU B 239 -44.86 1.35 6.57
N ILE B 240 -44.78 2.63 6.96
CA ILE B 240 -45.95 3.48 7.04
C ILE B 240 -46.53 3.65 5.65
N LEU B 241 -45.70 3.91 4.66
CA LEU B 241 -46.19 4.09 3.31
C LEU B 241 -46.90 2.81 2.82
N LEU B 242 -46.34 1.64 3.12
CA LEU B 242 -47.00 0.40 2.72
C LEU B 242 -48.35 0.21 3.39
N ILE B 243 -48.47 0.54 4.68
CA ILE B 243 -49.78 0.37 5.29
C ILE B 243 -50.76 1.40 4.74
N LEU B 244 -50.28 2.63 4.43
CA LEU B 244 -51.19 3.61 3.87
C LEU B 244 -51.71 3.14 2.52
N LEU B 245 -50.85 2.54 1.69
CA LEU B 245 -51.30 2.07 0.39
C LEU B 245 -52.32 0.94 0.55
N SER B 246 -52.09 0.05 1.50
CA SER B 246 -53.01 -1.05 1.73
C SER B 246 -54.37 -0.51 2.19
N TRP B 247 -54.36 0.45 3.10
CA TRP B 247 -55.59 1.04 3.59
C TRP B 247 -56.33 1.78 2.49
N ARG B 248 -55.61 2.54 1.64
CA ARG B 248 -56.31 3.26 0.60
C ARG B 248 -56.96 2.27 -0.35
N SER B 249 -56.27 1.16 -0.64
CA SER B 249 -56.85 0.19 -1.56
C SER B 249 -58.18 -0.32 -1.01
N GLU B 250 -58.20 -0.67 0.28
CA GLU B 250 -59.44 -1.18 0.86
C GLU B 250 -60.54 -0.13 0.86
N GLU B 251 -60.20 1.12 1.17
CA GLU B 251 -61.19 2.19 1.21
C GLU B 251 -61.76 2.55 -0.14
N LEU B 252 -60.90 2.60 -1.16
CA LEU B 252 -61.34 3.02 -2.48
C LEU B 252 -62.27 1.98 -3.09
N ILE B 253 -61.94 0.71 -2.89
CA ILE B 253 -62.79 -0.33 -3.40
C ILE B 253 -64.05 -0.44 -2.60
N ARG B 254 -63.94 -0.40 -1.27
CA ARG B 254 -65.12 -0.54 -0.45
C ARG B 254 -66.14 0.54 -0.77
N GLU B 255 -65.72 1.79 -0.96
CA GLU B 255 -66.72 2.80 -1.28
C GLU B 255 -67.46 2.46 -2.56
N LEU B 256 -66.73 2.06 -3.59
CA LEU B 256 -67.35 1.76 -4.85
C LEU B 256 -68.25 0.54 -4.80
N GLU B 257 -67.82 -0.51 -4.10
CA GLU B 257 -68.62 -1.73 -4.01
C GLU B 257 -69.91 -1.50 -3.23
N GLU B 258 -69.84 -0.71 -2.15
CA GLU B 258 -71.01 -0.41 -1.33
C GLU B 258 -72.03 0.40 -2.12
N LYS B 259 -71.54 1.33 -2.94
CA LYS B 259 -72.40 2.17 -3.73
C LYS B 259 -72.84 1.57 -5.06
N GLY B 260 -72.07 0.62 -5.61
CA GLY B 260 -72.38 0.08 -6.93
C GLY B 260 -71.97 1.12 -7.95
N ALA B 261 -70.92 1.87 -7.60
CA ALA B 261 -70.42 2.97 -8.39
C ALA B 261 -69.38 2.58 -9.44
N ALA B 262 -69.06 1.30 -9.52
CA ALA B 262 -68.10 0.80 -10.50
C ALA B 262 -68.49 -0.62 -10.86
N SER B 263 -68.22 -1.02 -12.10
CA SER B 263 -68.47 -2.39 -12.52
C SER B 263 -67.40 -3.27 -11.95
N GLU B 264 -67.61 -4.57 -11.97
CA GLU B 264 -66.58 -5.44 -11.45
C GLU B 264 -65.32 -5.34 -12.28
N ALA B 265 -65.45 -5.16 -13.61
CA ALA B 265 -64.27 -5.05 -14.45
C ALA B 265 -63.48 -3.80 -14.08
N GLU B 266 -64.19 -2.70 -13.79
CA GLU B 266 -63.51 -1.49 -13.40
C GLU B 266 -62.81 -1.67 -12.08
N LEU B 267 -63.47 -2.36 -11.16
CA LEU B 267 -62.89 -2.61 -9.86
C LEU B 267 -61.70 -3.53 -9.97
N ALA B 268 -61.75 -4.54 -10.82
CA ALA B 268 -60.62 -5.43 -10.97
C ALA B 268 -59.40 -4.68 -11.46
N ARG B 269 -59.61 -3.73 -12.38
CA ARG B 269 -58.50 -2.94 -12.87
C ARG B 269 -57.94 -2.09 -11.75
N MET B 270 -58.82 -1.48 -10.94
CA MET B 270 -58.38 -0.65 -9.83
C MET B 270 -57.62 -1.48 -8.82
N LYS B 271 -58.08 -2.71 -8.54
CA LYS B 271 -57.44 -3.58 -7.59
C LYS B 271 -56.02 -3.88 -8.05
N GLN B 272 -55.82 -4.11 -9.35
CA GLN B 272 -54.46 -4.31 -9.81
C GLN B 272 -53.64 -3.03 -9.70
N GLN B 273 -54.24 -1.87 -9.96
CA GLN B 273 -53.50 -0.60 -9.85
C GLN B 273 -53.08 -0.35 -8.41
N HIS B 274 -53.95 -0.72 -7.47
CA HIS B 274 -53.68 -0.51 -6.06
C HIS B 274 -52.59 -1.47 -5.60
N MET B 275 -52.66 -2.72 -6.07
CA MET B 275 -51.67 -3.71 -5.71
C MET B 275 -50.34 -3.40 -6.38
N THR B 276 -50.39 -2.81 -7.57
CA THR B 276 -49.19 -2.44 -8.27
C THR B 276 -48.51 -1.30 -7.51
N ALA B 277 -49.27 -0.31 -7.01
CA ALA B 277 -48.63 0.74 -6.22
C ALA B 277 -48.02 0.14 -4.95
N TYR B 278 -48.71 -0.83 -4.32
CA TYR B 278 -48.22 -1.52 -3.14
C TYR B 278 -46.90 -2.17 -3.46
N LEU B 279 -46.88 -2.87 -4.61
CA LEU B 279 -45.71 -3.52 -5.12
C LEU B 279 -44.57 -2.55 -5.34
N GLN B 280 -44.81 -1.42 -5.99
CA GLN B 280 -43.71 -0.50 -6.23
C GLN B 280 -43.10 -0.05 -4.92
N ALA B 281 -43.95 0.22 -3.92
CA ALA B 281 -43.45 0.64 -2.63
C ALA B 281 -42.65 -0.43 -1.93
N ALA B 282 -43.15 -1.67 -2.00
CA ALA B 282 -42.52 -2.78 -1.32
C ALA B 282 -41.19 -3.13 -1.92
N LEU B 283 -41.10 -3.09 -3.24
CA LEU B 283 -39.88 -3.47 -3.89
C LEU B 283 -38.80 -2.46 -3.57
N THR B 284 -39.17 -1.18 -3.56
CA THR B 284 -38.21 -0.14 -3.27
C THR B 284 -37.80 -0.18 -1.81
N ALA B 285 -38.74 -0.36 -0.89
CA ALA B 285 -38.37 -0.37 0.51
C ALA B 285 -37.30 -1.39 0.79
N TRP B 286 -37.44 -2.55 0.17
CA TRP B 286 -36.49 -3.61 0.37
C TRP B 286 -35.14 -3.26 -0.25
N GLU B 287 -35.14 -2.63 -1.44
CA GLU B 287 -33.88 -2.21 -2.04
C GLU B 287 -33.15 -1.19 -1.17
N ILE B 288 -33.90 -0.25 -0.61
CA ILE B 288 -33.28 0.80 0.19
C ILE B 288 -32.74 0.20 1.47
N ILE B 289 -33.45 -0.73 2.10
CA ILE B 289 -32.92 -1.34 3.31
C ILE B 289 -31.59 -2.01 3.00
N SER B 290 -31.47 -2.71 1.86
CA SER B 290 -30.19 -3.32 1.51
C SER B 290 -29.10 -2.23 1.38
N LYS B 291 -29.42 -1.10 0.73
CA LYS B 291 -28.46 0.00 0.60
C LYS B 291 -28.09 0.61 1.96
N SER B 292 -29.05 0.67 2.88
CA SER B 292 -28.83 1.18 4.22
C SER B 292 -27.84 0.28 4.96
N VAL B 293 -27.96 -1.03 4.76
CA VAL B 293 -27.01 -1.95 5.35
C VAL B 293 -25.63 -1.69 4.80
N ILE B 294 -25.51 -1.47 3.49
CA ILE B 294 -24.20 -1.20 2.95
C ILE B 294 -23.61 0.07 3.54
N ALA B 295 -24.39 1.15 3.68
CA ALA B 295 -23.78 2.34 4.27
C ALA B 295 -23.21 2.00 5.66
N LEU B 296 -23.93 1.18 6.44
CA LEU B 296 -23.40 0.79 7.75
C LEU B 296 -22.18 -0.11 7.65
N LEU B 297 -22.10 -1.01 6.63
CA LEU B 297 -20.91 -1.85 6.58
C LEU B 297 -19.71 -1.01 6.20
N LEU B 298 -19.92 0.03 5.38
CA LEU B 298 -18.81 0.88 4.98
C LEU B 298 -18.27 1.59 6.23
N LEU B 299 -19.18 2.00 7.11
CA LEU B 299 -18.76 2.62 8.35
C LEU B 299 -18.11 1.64 9.29
N GLN B 300 -18.58 0.40 9.33
CA GLN B 300 -17.99 -0.60 10.20
C GLN B 300 -16.57 -0.89 9.73
N GLN B 301 -16.34 -0.90 8.40
CA GLN B 301 -15.02 -1.15 7.84
C GLN B 301 -14.07 -0.01 8.22
N ASN B 302 -14.58 1.22 8.19
CA ASN B 302 -13.81 2.39 8.55
C ASN B 302 -13.41 2.36 10.03
N GLN B 303 -14.38 2.04 10.89
CA GLN B 303 -14.12 1.99 12.32
C GLN B 303 -13.13 0.90 12.64
N LEU B 304 -13.24 -0.24 11.95
CA LEU B 304 -12.37 -1.36 12.17
C LEU B 304 -10.96 -0.99 11.86
N ASN B 305 -10.73 -0.36 10.71
CA ASN B 305 -9.37 -0.03 10.37
C ASN B 305 -8.79 1.02 11.31
N LEU B 306 -9.59 1.95 11.81
CA LEU B 306 -9.04 2.88 12.78
C LEU B 306 -8.67 2.20 14.09
N GLU B 307 -9.59 1.39 14.64
CA GLU B 307 -9.33 0.73 15.90
C GLU B 307 -8.17 -0.23 15.78
N LEU B 308 -8.08 -0.93 14.65
CA LEU B 308 -7.03 -1.90 14.42
C LEU B 308 -5.65 -1.26 14.27
N ARG B 309 -5.56 -0.13 13.54
CA ARG B 309 -4.29 0.54 13.30
C ARG B 309 -3.79 1.44 14.42
N HIS B 310 -4.69 1.98 15.23
CA HIS B 310 -4.40 2.93 16.32
C HIS B 310 -3.09 3.71 16.10
N GLU C 1 39.18 40.23 -18.28
CA GLU C 1 39.55 41.62 -18.56
C GLU C 1 38.95 42.60 -17.56
N GLU C 2 39.28 43.89 -17.77
CA GLU C 2 38.90 45.00 -16.92
C GLU C 2 37.41 45.27 -16.87
N PHE C 3 36.72 45.12 -18.00
CA PHE C 3 35.29 45.39 -17.97
C PHE C 3 34.57 44.48 -17.03
N MET C 4 34.82 43.20 -17.14
CA MET C 4 34.13 42.22 -16.34
C MET C 4 34.48 42.44 -14.86
N ALA C 5 35.77 42.71 -14.60
CA ALA C 5 36.21 42.91 -13.22
C ALA C 5 35.59 44.17 -12.59
N ARG C 6 35.52 45.25 -13.37
CA ARG C 6 34.94 46.47 -12.87
C ARG C 6 33.45 46.33 -12.78
N ALA C 7 32.82 45.64 -13.73
CA ALA C 7 31.40 45.51 -13.69
C ALA C 7 30.97 44.84 -12.40
N ILE C 8 31.69 43.84 -11.89
CA ILE C 8 31.18 43.30 -10.63
C ILE C 8 31.21 44.35 -9.54
N SER C 9 32.31 45.07 -9.45
CA SER C 9 32.37 46.07 -8.40
C SER C 9 31.35 47.17 -8.61
N ALA C 10 31.17 47.62 -9.86
CA ALA C 10 30.26 48.71 -10.20
C ALA C 10 28.81 48.34 -9.97
N ILE C 11 28.46 47.11 -10.28
CA ILE C 11 27.11 46.64 -10.13
C ILE C 11 26.76 46.63 -8.65
N ALA C 12 27.64 46.03 -7.85
CA ALA C 12 27.41 45.98 -6.42
C ALA C 12 27.50 47.35 -5.80
N GLU C 13 28.41 48.18 -6.26
CA GLU C 13 28.62 49.51 -5.70
C GLU C 13 27.40 50.37 -5.85
N LEU C 14 26.80 50.36 -7.04
CA LEU C 14 25.64 51.20 -7.22
C LEU C 14 24.46 50.70 -6.40
N ALA C 15 24.25 49.37 -6.37
CA ALA C 15 23.14 48.89 -5.59
C ALA C 15 23.39 49.09 -4.12
N LYS C 16 24.62 48.88 -3.66
CA LYS C 16 24.97 49.00 -2.26
C LYS C 16 24.75 50.40 -1.75
N LYS C 17 25.17 51.41 -2.54
CA LYS C 17 24.97 52.78 -2.11
C LYS C 17 23.49 53.12 -2.04
N ALA C 18 22.72 52.67 -3.03
CA ALA C 18 21.29 52.94 -3.05
C ALA C 18 20.60 52.23 -1.87
N ILE C 19 21.06 51.02 -1.52
CA ILE C 19 20.52 50.25 -0.40
C ILE C 19 20.79 50.96 0.89
N GLU C 20 22.04 51.39 1.09
CA GLU C 20 22.37 52.08 2.32
C GLU C 20 21.59 53.36 2.46
N ALA C 21 21.46 54.14 1.37
CA ALA C 21 20.75 55.39 1.45
C ALA C 21 19.27 55.23 1.76
N ILE C 22 18.59 54.24 1.15
CA ILE C 22 17.17 54.11 1.41
C ILE C 22 16.97 53.48 2.79
N TYR C 23 17.84 52.51 3.15
CA TYR C 23 17.81 51.93 4.47
C TYR C 23 18.01 52.94 5.55
N ARG C 24 19.04 53.78 5.43
CA ARG C 24 19.33 54.76 6.45
C ARG C 24 18.16 55.68 6.68
N LEU C 25 17.49 56.13 5.61
CA LEU C 25 16.36 57.00 5.83
C LEU C 25 15.27 56.25 6.57
N ALA C 26 15.01 55.01 6.17
CA ALA C 26 14.01 54.18 6.79
C ALA C 26 14.35 53.83 8.23
N ASP C 27 15.62 53.69 8.55
CA ASP C 27 16.07 53.35 9.89
C ASP C 27 15.83 54.55 10.82
N ASN C 28 16.01 55.77 10.27
CA ASN C 28 15.77 56.99 11.04
C ASN C 28 14.27 57.26 11.26
N HIS C 29 13.46 56.85 10.28
CA HIS C 29 12.01 57.00 10.32
C HIS C 29 11.30 55.98 11.20
N THR C 30 10.14 56.36 11.72
CA THR C 30 9.33 55.43 12.51
C THR C 30 8.06 55.02 11.75
N THR C 31 7.92 55.55 10.54
CA THR C 31 6.78 55.31 9.67
C THR C 31 6.91 53.93 9.00
N ASP C 32 5.83 53.15 9.08
CA ASP C 32 5.80 51.79 8.54
C ASP C 32 5.88 51.73 7.04
N THR C 33 5.28 52.72 6.43
CA THR C 33 5.21 52.89 5.00
C THR C 33 6.59 53.15 4.43
N PHE C 34 7.39 53.94 5.13
CA PHE C 34 8.72 54.30 4.68
C PHE C 34 9.63 53.11 4.86
N MET C 35 9.45 52.38 5.95
CA MET C 35 10.24 51.20 6.14
C MET C 35 9.94 50.20 5.04
N ALA C 36 8.66 50.04 4.69
CA ALA C 36 8.26 49.14 3.64
C ALA C 36 8.81 49.56 2.29
N LYS C 37 8.86 50.88 2.02
CA LYS C 37 9.42 51.36 0.78
C LYS C 37 10.87 50.97 0.66
N ALA C 38 11.63 51.15 1.75
CA ALA C 38 13.03 50.76 1.72
C ALA C 38 13.14 49.28 1.53
N ILE C 39 12.28 48.50 2.14
CA ILE C 39 12.37 47.06 1.99
C ILE C 39 12.18 46.61 0.56
N GLU C 40 11.18 47.15 -0.12
CA GLU C 40 10.95 46.77 -1.49
C GLU C 40 12.07 47.31 -2.39
N ALA C 41 12.52 48.56 -2.16
CA ALA C 41 13.57 49.15 -2.96
C ALA C 41 14.88 48.37 -2.81
N ILE C 42 15.16 47.92 -1.60
CA ILE C 42 16.37 47.19 -1.30
C ILE C 42 16.33 45.85 -2.00
N ALA C 43 15.19 45.17 -1.96
CA ALA C 43 15.13 43.91 -2.69
C ALA C 43 15.35 44.15 -4.17
N GLU C 44 14.80 45.21 -4.76
CA GLU C 44 15.04 45.36 -6.19
C GLU C 44 16.51 45.64 -6.51
N LEU C 45 17.15 46.46 -5.67
CA LEU C 45 18.54 46.84 -5.90
C LEU C 45 19.51 45.68 -5.73
N ALA C 46 19.34 44.90 -4.67
CA ALA C 46 20.24 43.78 -4.44
C ALA C 46 19.87 42.64 -5.38
N LYS C 47 18.60 42.44 -5.68
CA LYS C 47 18.22 41.32 -6.52
C LYS C 47 18.84 41.43 -7.89
N GLU C 48 18.78 42.63 -8.49
CA GLU C 48 19.35 42.77 -9.80
C GLU C 48 20.87 42.72 -9.73
N ALA C 49 21.46 43.37 -8.72
CA ALA C 49 22.90 43.37 -8.64
C ALA C 49 23.46 41.98 -8.41
N ILE C 50 22.79 41.18 -7.59
CA ILE C 50 23.27 39.84 -7.28
C ILE C 50 23.16 38.95 -8.49
N LYS C 51 22.05 38.99 -9.21
CA LYS C 51 21.93 38.14 -10.38
C LYS C 51 22.94 38.51 -11.43
N ALA C 52 23.14 39.82 -11.67
CA ALA C 52 24.07 40.24 -12.71
C ALA C 52 25.50 39.82 -12.38
N ILE C 53 25.89 39.95 -11.11
CA ILE C 53 27.21 39.59 -10.67
C ILE C 53 27.45 38.10 -10.70
N ALA C 54 26.48 37.33 -10.21
CA ALA C 54 26.65 35.90 -10.16
C ALA C 54 26.84 35.33 -11.55
N ASP C 55 26.10 35.83 -12.54
CA ASP C 55 26.25 35.29 -13.88
C ASP C 55 27.49 35.82 -14.54
N LEU C 56 27.88 37.05 -14.25
CA LEU C 56 29.07 37.56 -14.88
C LEU C 56 30.27 36.72 -14.44
N ALA C 57 30.41 36.51 -13.13
CA ALA C 57 31.54 35.78 -12.56
C ALA C 57 31.60 34.31 -12.95
N LYS C 58 30.46 33.69 -13.17
CA LYS C 58 30.41 32.28 -13.53
C LYS C 58 30.77 32.02 -14.98
N ASN C 59 31.05 33.07 -15.73
CA ASN C 59 31.48 32.95 -17.09
C ASN C 59 33.00 33.10 -17.22
N HIS C 60 33.67 33.00 -16.06
CA HIS C 60 35.12 33.05 -15.94
C HIS C 60 35.66 31.75 -15.36
N THR C 61 36.94 31.51 -15.62
CA THR C 61 37.64 30.30 -15.20
C THR C 61 38.63 30.55 -14.06
N THR C 62 38.54 31.72 -13.45
CA THR C 62 39.47 32.11 -12.39
C THR C 62 38.87 32.62 -11.11
N GLU C 63 39.68 32.45 -10.06
CA GLU C 63 39.39 32.84 -8.70
C GLU C 63 39.23 34.33 -8.59
N GLU C 64 39.75 35.10 -9.54
CA GLU C 64 39.55 36.53 -9.46
C GLU C 64 38.06 36.84 -9.48
N PHE C 65 37.33 36.14 -10.34
CA PHE C 65 35.92 36.41 -10.51
C PHE C 65 35.09 35.81 -9.44
N MET C 66 35.43 34.59 -9.04
CA MET C 66 34.64 34.04 -7.96
C MET C 66 34.90 34.93 -6.72
N ALA C 67 36.13 35.41 -6.53
CA ALA C 67 36.39 36.23 -5.35
C ALA C 67 35.63 37.53 -5.37
N ARG C 68 35.57 38.19 -6.53
CA ARG C 68 34.87 39.46 -6.61
C ARG C 68 33.39 39.27 -6.38
N ALA C 69 32.83 38.24 -6.97
CA ALA C 69 31.41 37.98 -6.85
C ALA C 69 31.02 37.44 -5.48
N ILE C 70 31.85 36.62 -4.84
CA ILE C 70 31.50 36.13 -3.52
C ILE C 70 31.46 37.30 -2.57
N SER C 71 32.49 38.14 -2.59
CA SER C 71 32.46 39.28 -1.70
C SER C 71 31.36 40.26 -2.05
N ALA C 72 31.16 40.54 -3.35
CA ALA C 72 30.15 41.51 -3.75
C ALA C 72 28.74 41.05 -3.39
N ILE C 73 28.46 39.77 -3.59
CA ILE C 73 27.14 39.26 -3.30
C ILE C 73 26.96 39.10 -1.83
N ALA C 74 27.96 38.56 -1.12
CA ALA C 74 27.78 38.40 0.30
C ALA C 74 27.55 39.76 0.94
N GLU C 75 28.23 40.84 0.49
CA GLU C 75 27.94 42.13 1.08
C GLU C 75 26.58 42.67 0.67
N LEU C 76 26.17 42.53 -0.61
CA LEU C 76 24.86 43.05 -0.99
C LEU C 76 23.77 42.33 -0.28
N ALA C 77 23.91 41.02 -0.21
CA ALA C 77 22.92 40.17 0.40
C ALA C 77 22.81 40.36 1.87
N ARG C 78 23.93 40.51 2.57
CA ARG C 78 23.81 40.66 3.99
C ARG C 78 23.42 42.06 4.35
N LYS C 79 23.85 43.06 3.57
CA LYS C 79 23.43 44.40 3.90
C LYS C 79 21.95 44.51 3.64
N ALA C 80 21.49 43.96 2.53
CA ALA C 80 20.10 44.02 2.18
C ALA C 80 19.22 43.22 3.13
N ILE C 81 19.64 42.03 3.57
CA ILE C 81 18.80 41.29 4.50
C ILE C 81 18.81 41.94 5.86
N ASP C 82 19.97 42.40 6.34
CA ASP C 82 19.99 43.04 7.64
C ASP C 82 19.17 44.32 7.57
N ALA C 83 19.25 45.06 6.47
CA ALA C 83 18.47 46.26 6.36
C ALA C 83 16.97 45.94 6.34
N ILE C 84 16.60 44.91 5.60
CA ILE C 84 15.20 44.55 5.52
C ILE C 84 14.67 44.06 6.84
N TYR C 85 15.42 43.20 7.53
CA TYR C 85 15.02 42.63 8.81
C TYR C 85 14.96 43.72 9.89
N ARG C 86 15.94 44.64 9.92
CA ARG C 86 15.92 45.69 10.92
C ARG C 86 14.69 46.55 10.81
N LEU C 87 14.21 46.76 9.60
CA LEU C 87 13.03 47.57 9.37
C LEU C 87 11.75 46.71 9.46
N ALA C 88 11.80 45.47 8.98
CA ALA C 88 10.65 44.57 8.91
C ALA C 88 10.10 44.22 10.27
N ARG C 89 10.98 44.10 11.25
CA ARG C 89 10.61 43.72 12.60
C ARG C 89 9.80 44.80 13.29
N ASN C 90 9.77 46.01 12.71
CA ASN C 90 9.05 47.13 13.29
C ASN C 90 7.71 47.39 12.60
N HIS C 91 7.26 46.47 11.74
CA HIS C 91 5.98 46.66 11.06
C HIS C 91 4.79 46.36 11.95
N THR C 92 3.70 47.07 11.66
CA THR C 92 2.43 46.87 12.34
C THR C 92 1.31 46.36 11.43
N THR C 93 1.51 46.35 10.10
CA THR C 93 0.42 45.96 9.21
C THR C 93 0.77 44.69 8.45
N ASP C 94 -0.27 44.05 7.89
CA ASP C 94 -0.08 42.82 7.13
C ASP C 94 0.65 43.07 5.83
N THR C 95 0.35 44.21 5.21
CA THR C 95 0.91 44.53 3.92
C THR C 95 2.40 44.68 3.98
N PHE C 96 2.87 45.38 5.00
CA PHE C 96 4.27 45.66 5.07
C PHE C 96 5.04 44.43 5.55
N MET C 97 4.46 43.65 6.47
CA MET C 97 5.13 42.44 6.91
C MET C 97 5.23 41.47 5.72
N ALA C 98 4.16 41.37 4.92
CA ALA C 98 4.15 40.50 3.75
C ALA C 98 5.19 40.94 2.71
N LYS C 99 5.38 42.27 2.54
CA LYS C 99 6.39 42.73 1.61
C LYS C 99 7.76 42.31 2.09
N ALA C 100 7.99 42.42 3.41
CA ALA C 100 9.26 41.97 3.96
C ALA C 100 9.42 40.48 3.77
N ILE C 101 8.36 39.69 3.92
CA ILE C 101 8.55 38.25 3.75
C ILE C 101 9.05 37.93 2.35
N GLU C 102 8.45 38.53 1.34
CA GLU C 102 8.92 38.26 0.00
C GLU C 102 10.31 38.88 -0.24
N ALA C 103 10.55 40.10 0.24
CA ALA C 103 11.81 40.79 0.00
C ALA C 103 12.99 40.05 0.61
N ILE C 104 12.76 39.48 1.79
CA ILE C 104 13.80 38.75 2.49
C ILE C 104 14.15 37.47 1.75
N ALA C 105 13.14 36.70 1.35
CA ALA C 105 13.44 35.46 0.64
C ALA C 105 13.99 35.69 -0.74
N GLU C 106 13.52 36.70 -1.46
CA GLU C 106 14.04 36.85 -2.80
C GLU C 106 15.53 37.08 -2.76
N LEU C 107 15.99 37.88 -1.81
CA LEU C 107 17.41 38.11 -1.80
C LEU C 107 18.20 37.03 -1.11
N ALA C 108 17.71 36.46 -0.02
CA ALA C 108 18.53 35.45 0.61
C ALA C 108 18.63 34.26 -0.32
N LYS C 109 17.53 33.87 -0.97
CA LYS C 109 17.60 32.72 -1.83
C LYS C 109 18.55 32.95 -3.01
N GLU C 110 18.47 34.11 -3.68
CA GLU C 110 19.34 34.33 -4.82
C GLU C 110 20.79 34.49 -4.39
N ALA C 111 21.00 35.16 -3.26
CA ALA C 111 22.35 35.38 -2.78
C ALA C 111 23.01 34.12 -2.35
N ILE C 112 22.29 33.26 -1.67
CA ILE C 112 22.86 32.05 -1.15
C ILE C 112 23.24 31.14 -2.28
N LYS C 113 22.34 31.01 -3.25
CA LYS C 113 22.64 30.16 -4.36
C LYS C 113 23.88 30.71 -5.07
N ALA C 114 23.93 32.03 -5.31
CA ALA C 114 25.09 32.59 -6.00
C ALA C 114 26.39 32.47 -5.22
N ILE C 115 26.35 32.73 -3.93
CA ILE C 115 27.57 32.72 -3.13
C ILE C 115 28.16 31.34 -3.15
N ALA C 116 27.34 30.33 -2.95
CA ALA C 116 27.87 28.99 -2.97
C ALA C 116 28.23 28.56 -4.38
N ASP C 117 27.45 28.91 -5.38
CA ASP C 117 27.76 28.42 -6.72
C ASP C 117 29.13 28.92 -7.17
N LEU C 118 29.50 30.11 -6.73
CA LEU C 118 30.79 30.69 -7.01
C LEU C 118 31.87 30.03 -6.13
N ALA C 119 31.60 29.87 -4.84
CA ALA C 119 32.58 29.29 -3.92
C ALA C 119 32.87 27.82 -4.24
N LYS C 120 31.87 27.11 -4.72
CA LYS C 120 31.91 25.70 -5.08
C LYS C 120 32.85 25.42 -6.26
N ASN C 121 33.27 26.46 -6.97
CA ASN C 121 34.11 26.30 -8.13
C ASN C 121 35.60 26.47 -7.83
N HIS C 122 35.97 26.47 -6.56
CA HIS C 122 37.39 26.55 -6.21
C HIS C 122 37.59 25.96 -4.83
N THR C 123 38.73 25.33 -4.59
CA THR C 123 39.00 24.73 -3.28
C THR C 123 39.59 25.69 -2.24
N THR C 124 39.95 26.91 -2.61
CA THR C 124 40.53 27.82 -1.62
C THR C 124 39.64 28.01 -0.41
N GLU C 125 40.29 27.99 0.75
CA GLU C 125 39.64 28.16 2.04
C GLU C 125 39.02 29.53 2.19
N ASP C 126 39.45 30.49 1.38
CA ASP C 126 38.89 31.82 1.45
C ASP C 126 37.46 31.84 0.90
N PHE C 127 37.18 31.00 -0.09
CA PHE C 127 35.84 31.00 -0.64
C PHE C 127 34.99 30.16 0.25
N MET C 128 35.56 29.05 0.72
CA MET C 128 34.79 28.18 1.58
C MET C 128 34.42 28.89 2.86
N ASP C 129 35.36 29.58 3.49
CA ASP C 129 35.00 30.21 4.75
C ASP C 129 34.06 31.38 4.56
N GLU C 130 34.27 32.21 3.54
CA GLU C 130 33.39 33.34 3.40
C GLU C 130 32.00 32.88 3.03
N ALA C 131 31.90 31.89 2.15
CA ALA C 131 30.62 31.40 1.72
C ALA C 131 29.90 30.60 2.80
N ILE C 132 30.61 29.77 3.59
CA ILE C 132 29.92 28.99 4.60
C ILE C 132 29.39 29.93 5.65
N SER C 133 30.23 30.85 6.11
CA SER C 133 29.85 31.80 7.13
C SER C 133 28.75 32.73 6.63
N ALA C 134 28.90 33.30 5.41
CA ALA C 134 27.92 34.23 4.90
C ALA C 134 26.58 33.57 4.74
N ILE C 135 26.57 32.33 4.28
CA ILE C 135 25.33 31.64 4.06
C ILE C 135 24.71 31.17 5.35
N ALA C 136 25.47 30.58 6.27
CA ALA C 136 24.81 30.14 7.47
C ALA C 136 24.16 31.33 8.18
N GLU C 137 24.82 32.50 8.23
CA GLU C 137 24.18 33.64 8.87
C GLU C 137 23.03 34.22 8.05
N LEU C 138 23.20 34.33 6.73
CA LEU C 138 22.21 34.91 5.85
C LEU C 138 20.97 34.05 5.78
N ALA C 139 21.17 32.73 5.65
CA ALA C 139 20.08 31.80 5.55
C ALA C 139 19.26 31.76 6.79
N ARG C 140 19.92 31.76 7.95
CA ARG C 140 19.18 31.68 9.16
C ARG C 140 18.48 32.97 9.47
N LYS C 141 19.13 34.12 9.28
CA LYS C 141 18.44 35.36 9.57
C LYS C 141 17.28 35.55 8.65
N ALA C 142 17.43 35.22 7.38
CA ALA C 142 16.33 35.39 6.47
C ALA C 142 15.15 34.50 6.86
N ILE C 143 15.42 33.24 7.23
CA ILE C 143 14.33 32.36 7.62
C ILE C 143 13.68 32.76 8.92
N GLU C 144 14.49 33.07 9.90
CA GLU C 144 14.00 33.45 11.20
C GLU C 144 13.21 34.74 11.10
N ALA C 145 13.67 35.69 10.29
CA ALA C 145 12.95 36.94 10.13
C ALA C 145 11.58 36.69 9.53
N ILE C 146 11.52 35.80 8.53
CA ILE C 146 10.26 35.49 7.88
C ILE C 146 9.30 34.77 8.78
N LEU C 147 9.81 33.77 9.50
CA LEU C 147 8.95 33.00 10.35
C LEU C 147 8.43 33.88 11.48
N ARG C 148 9.27 34.77 12.00
CA ARG C 148 8.81 35.64 13.06
C ARG C 148 7.78 36.65 12.55
N LEU C 149 7.93 37.16 11.33
CA LEU C 149 6.90 38.06 10.80
C LEU C 149 5.60 37.27 10.65
N ALA C 150 5.73 36.03 10.19
CA ALA C 150 4.60 35.14 10.00
C ALA C 150 3.89 34.83 11.29
N SER C 151 4.62 34.78 12.40
CA SER C 151 4.01 34.45 13.69
C SER C 151 3.00 35.51 14.13
N ASN C 152 3.03 36.70 13.52
CA ASN C 152 2.09 37.76 13.86
C ASN C 152 0.95 37.78 12.83
N LEU C 153 1.05 36.89 11.84
CA LEU C 153 0.14 36.75 10.72
C LEU C 153 -0.15 35.27 10.55
N THR C 154 -0.99 34.71 11.40
CA THR C 154 -1.12 33.26 11.44
C THR C 154 -2.16 32.65 10.52
N SER C 155 -2.83 33.48 9.73
CA SER C 155 -3.82 32.99 8.79
C SER C 155 -3.07 32.32 7.64
N GLU C 156 -3.75 31.50 6.84
CA GLU C 156 -3.01 30.83 5.75
C GLU C 156 -2.41 31.77 4.74
N THR C 157 -3.06 32.89 4.44
CA THR C 157 -2.53 33.78 3.41
C THR C 157 -1.07 34.14 3.68
N TYR C 158 -0.76 34.49 4.91
CA TYR C 158 0.57 34.95 5.19
C TYR C 158 1.46 33.84 5.68
N MET C 159 0.90 32.85 6.37
CA MET C 159 1.71 31.77 6.88
C MET C 159 2.21 30.94 5.70
N ARG C 160 1.41 30.85 4.62
CA ARG C 160 1.83 30.15 3.41
C ARG C 160 2.87 30.97 2.69
N LYS C 161 2.69 32.30 2.57
CA LYS C 161 3.76 33.05 1.90
C LYS C 161 5.04 32.87 2.68
N ALA C 162 4.94 32.89 4.00
CA ALA C 162 6.11 32.71 4.82
C ALA C 162 6.71 31.34 4.67
N GLN C 163 5.88 30.29 4.63
CA GLN C 163 6.44 28.97 4.50
C GLN C 163 7.12 28.78 3.18
N GLU C 164 6.53 29.30 2.10
CA GLU C 164 7.13 29.14 0.80
C GLU C 164 8.41 29.95 0.74
N ALA C 165 8.39 31.15 1.33
CA ALA C 165 9.56 32.01 1.34
C ALA C 165 10.70 31.32 2.09
N ILE C 166 10.37 30.63 3.19
CA ILE C 166 11.32 29.89 3.99
C ILE C 166 11.82 28.67 3.29
N GLU C 167 10.95 27.87 2.69
CA GLU C 167 11.41 26.68 2.02
C GLU C 167 12.34 27.02 0.88
N LYS C 168 12.05 28.07 0.13
CA LYS C 168 12.94 28.41 -0.97
C LYS C 168 14.33 28.78 -0.45
N ILE C 169 14.39 29.55 0.65
CA ILE C 169 15.68 29.92 1.21
C ILE C 169 16.33 28.70 1.79
N ALA C 170 15.57 27.95 2.57
CA ALA C 170 16.04 26.81 3.31
C ALA C 170 16.57 25.70 2.47
N ARG C 171 15.94 25.39 1.34
CA ARG C 171 16.51 24.32 0.55
C ARG C 171 17.76 24.83 -0.11
N THR C 172 17.74 26.09 -0.56
CA THR C 172 18.90 26.63 -1.23
C THR C 172 20.07 26.62 -0.26
N ALA C 173 19.84 27.06 0.97
CA ALA C 173 20.82 27.14 2.02
C ALA C 173 21.25 25.78 2.53
N GLU C 174 20.36 24.81 2.66
CA GLU C 174 20.81 23.53 3.15
C GLU C 174 21.85 23.00 2.20
N GLU C 175 21.56 23.09 0.89
CA GLU C 175 22.47 22.55 -0.09
C GLU C 175 23.71 23.41 -0.21
N ALA C 176 23.56 24.74 -0.19
CA ALA C 176 24.70 25.60 -0.34
C ALA C 176 25.68 25.38 0.80
N ILE C 177 25.15 25.22 2.00
CA ILE C 177 25.98 25.02 3.17
C ILE C 177 26.63 23.64 3.09
N ARG C 178 25.86 22.62 2.71
CA ARG C 178 26.33 21.25 2.65
C ARG C 178 27.50 21.04 1.72
N ASP C 179 27.43 21.64 0.55
CA ASP C 179 28.46 21.40 -0.43
C ASP C 179 29.71 22.18 -0.06
N LEU C 180 29.52 23.39 0.45
CA LEU C 180 30.69 24.17 0.80
C LEU C 180 31.35 23.58 2.02
N ALA C 181 30.56 23.10 2.99
CA ALA C 181 31.12 22.52 4.18
C ALA C 181 31.91 21.26 3.85
N ARG C 182 31.42 20.44 2.94
CA ARG C 182 32.15 19.23 2.64
C ARG C 182 33.41 19.48 1.82
N ASN C 183 33.47 20.62 1.13
CA ASN C 183 34.64 20.95 0.35
C ASN C 183 35.74 21.62 1.18
N LEU C 184 35.51 21.83 2.47
CA LEU C 184 36.51 22.44 3.33
C LEU C 184 37.00 21.41 4.35
N GLU C 185 38.31 21.26 4.47
CA GLU C 185 38.94 20.28 5.35
C GLU C 185 38.78 20.53 6.86
N ASP C 186 38.31 21.71 7.24
CA ASP C 186 38.15 22.03 8.64
C ASP C 186 36.84 21.45 9.19
N GLN C 187 36.98 20.46 10.05
CA GLN C 187 35.83 19.77 10.61
C GLN C 187 34.96 20.72 11.41
N GLU C 188 35.53 21.78 12.00
CA GLU C 188 34.76 22.72 12.78
C GLU C 188 33.76 23.45 11.91
N ARG C 189 34.12 23.75 10.65
CA ARG C 189 33.15 24.44 9.82
C ARG C 189 32.08 23.43 9.47
N ARG C 190 32.48 22.18 9.27
CA ARG C 190 31.51 21.15 8.92
C ARG C 190 30.50 20.88 10.03
N GLU C 191 30.95 20.89 11.29
CA GLU C 191 30.05 20.63 12.41
C GLU C 191 29.09 21.78 12.63
N ARG C 192 29.58 23.02 12.51
CA ARG C 192 28.70 24.15 12.73
C ARG C 192 27.75 24.24 11.55
N ALA C 193 28.26 23.93 10.36
CA ALA C 193 27.46 23.93 9.17
C ALA C 193 26.38 22.86 9.26
N LYS C 194 26.67 21.67 9.83
CA LYS C 194 25.64 20.65 9.96
C LYS C 194 24.51 21.15 10.83
N SER C 195 24.84 21.83 11.93
CA SER C 195 23.78 22.32 12.79
C SER C 195 22.93 23.34 12.04
N ALA C 196 23.59 24.23 11.27
CA ALA C 196 22.84 25.22 10.51
C ALA C 196 21.97 24.53 9.47
N ARG C 197 22.47 23.48 8.83
CA ARG C 197 21.70 22.81 7.82
C ARG C 197 20.46 22.18 8.38
N ASP C 198 20.60 21.57 9.55
CA ASP C 198 19.44 20.91 10.12
C ASP C 198 18.40 21.90 10.61
N GLU C 199 18.79 23.03 11.22
CA GLU C 199 17.74 23.94 11.68
C GLU C 199 17.05 24.59 10.48
N ILE C 200 17.81 24.80 9.41
CA ILE C 200 17.28 25.39 8.20
C ILE C 200 16.25 24.47 7.56
N LYS C 201 16.59 23.19 7.43
CA LYS C 201 15.67 22.23 6.87
C LYS C 201 14.43 22.11 7.73
N ARG C 202 14.63 22.02 9.05
CA ARG C 202 13.50 21.88 9.93
C ARG C 202 12.61 23.10 9.93
N PHE C 203 13.13 24.32 9.84
CA PHE C 203 12.19 25.44 9.83
C PHE C 203 11.21 25.28 8.66
N ALA C 204 11.73 24.90 7.49
CA ALA C 204 10.86 24.72 6.33
C ALA C 204 9.89 23.55 6.49
N GLU C 205 10.36 22.44 7.07
CA GLU C 205 9.54 21.23 7.27
C GLU C 205 8.50 21.40 8.37
N ASP C 206 8.84 22.16 9.40
CA ASP C 206 7.94 22.43 10.51
C ASP C 206 6.79 23.26 10.01
N ALA C 207 7.11 24.34 9.28
CA ALA C 207 6.09 25.19 8.74
C ALA C 207 5.25 24.42 7.72
N ARG C 208 5.90 23.56 6.93
CA ARG C 208 5.18 22.81 5.92
C ARG C 208 4.20 21.84 6.53
N LYS C 209 4.63 21.07 7.53
CA LYS C 209 3.68 20.10 8.07
C LYS C 209 2.54 20.78 8.77
N LYS C 210 2.80 21.87 9.50
CA LYS C 210 1.68 22.48 10.19
C LYS C 210 0.68 23.04 9.21
N ILE C 211 1.13 23.68 8.14
CA ILE C 211 0.14 24.25 7.26
C ILE C 211 -0.57 23.18 6.50
N GLU C 212 0.16 22.25 5.90
CA GLU C 212 -0.53 21.31 5.06
C GLU C 212 -1.53 20.45 5.81
N VAL C 213 -1.19 19.97 7.00
CA VAL C 213 -2.16 19.13 7.65
C VAL C 213 -3.30 19.96 8.20
N LEU C 214 -3.01 21.07 8.88
CA LEU C 214 -4.09 21.81 9.48
C LEU C 214 -4.98 22.43 8.43
N ALA C 215 -4.40 22.93 7.34
CA ALA C 215 -5.20 23.54 6.29
C ALA C 215 -6.11 22.51 5.66
N LEU C 216 -5.59 21.30 5.43
CA LEU C 216 -6.41 20.28 4.83
C LEU C 216 -7.51 19.85 5.81
N LEU C 217 -7.22 19.78 7.11
CA LEU C 217 -8.26 19.41 8.05
C LEU C 217 -9.34 20.47 8.08
N LYS C 218 -8.96 21.75 8.00
CA LYS C 218 -9.95 22.80 7.99
C LYS C 218 -10.81 22.71 6.75
N ARG C 219 -10.22 22.42 5.58
CA ARG C 219 -11.04 22.32 4.38
C ARG C 219 -11.96 21.14 4.45
N SER C 220 -11.50 20.00 5.00
CA SER C 220 -12.35 18.82 5.09
C SER C 220 -13.51 19.09 6.03
N ARG C 221 -13.27 19.78 7.15
CA ARG C 221 -14.36 20.06 8.07
C ARG C 221 -15.35 21.06 7.47
N GLU C 222 -14.84 22.09 6.78
CA GLU C 222 -15.73 23.08 6.19
C GLU C 222 -16.54 22.45 5.09
N TYR C 223 -15.91 21.62 4.27
CA TYR C 223 -16.58 20.98 3.18
C TYR C 223 -17.67 20.08 3.73
N LEU C 224 -17.35 19.26 4.75
CA LEU C 224 -18.34 18.35 5.30
C LEU C 224 -19.50 19.13 5.88
N LYS C 225 -19.23 20.21 6.63
CA LYS C 225 -20.33 20.98 7.18
C LYS C 225 -21.19 21.55 6.05
N LYS C 226 -20.56 22.08 5.00
CA LYS C 226 -21.32 22.64 3.88
C LYS C 226 -22.16 21.56 3.24
N VAL C 227 -21.61 20.36 3.10
CA VAL C 227 -22.36 19.26 2.54
C VAL C 227 -23.52 18.89 3.42
N ALA C 228 -23.31 18.82 4.73
CA ALA C 228 -24.42 18.48 5.59
C ALA C 228 -25.52 19.53 5.44
N LEU C 229 -25.16 20.80 5.31
CA LEU C 229 -26.14 21.87 5.16
C LEU C 229 -26.87 21.74 3.83
N ILE C 230 -26.16 21.37 2.77
CA ILE C 230 -26.77 21.18 1.45
C ILE C 230 -27.76 20.04 1.54
N GLN C 231 -27.35 18.96 2.20
CA GLN C 231 -28.18 17.79 2.35
C GLN C 231 -29.40 18.07 3.20
N LEU C 232 -29.28 18.92 4.22
CA LEU C 232 -30.46 19.28 5.00
C LEU C 232 -31.41 20.05 4.12
N VAL C 233 -30.89 20.94 3.27
CA VAL C 233 -31.79 21.67 2.39
C VAL C 233 -32.49 20.69 1.48
N ILE C 234 -31.76 19.71 0.96
CA ILE C 234 -32.40 18.71 0.12
C ILE C 234 -33.46 17.93 0.89
N ALA C 235 -33.16 17.48 2.11
CA ALA C 235 -34.17 16.74 2.86
C ALA C 235 -35.41 17.60 3.09
N PHE C 236 -35.24 18.89 3.36
CA PHE C 236 -36.38 19.73 3.61
C PHE C 236 -37.20 19.96 2.36
N VAL C 237 -36.56 20.13 1.21
CA VAL C 237 -37.35 20.32 0.01
C VAL C 237 -38.08 19.02 -0.39
N PHE C 238 -37.53 17.83 -0.08
CA PHE C 238 -38.28 16.61 -0.32
C PHE C 238 -39.52 16.57 0.57
N LEU C 239 -39.38 16.99 1.83
CA LEU C 239 -40.51 17.01 2.74
C LEU C 239 -41.56 18.01 2.26
N ILE C 240 -41.11 19.14 1.70
CA ILE C 240 -42.02 20.13 1.16
C ILE C 240 -42.78 19.53 -0.02
N LEU C 241 -42.07 18.84 -0.90
CA LEU C 241 -42.72 18.23 -2.05
C LEU C 241 -43.78 17.22 -1.59
N LEU C 242 -43.47 16.42 -0.57
CA LEU C 242 -44.46 15.47 -0.07
C LEU C 242 -45.70 16.15 0.49
N ILE C 243 -45.53 17.25 1.24
CA ILE C 243 -46.72 17.90 1.76
C ILE C 243 -47.50 18.55 0.62
N LEU C 244 -46.81 19.09 -0.40
CA LEU C 244 -47.53 19.69 -1.51
C LEU C 244 -48.35 18.64 -2.23
N LEU C 245 -47.81 17.43 -2.42
CA LEU C 245 -48.57 16.39 -3.09
C LEU C 245 -49.78 15.97 -2.27
N SER C 246 -49.62 15.89 -0.95
CA SER C 246 -50.73 15.53 -0.08
C SER C 246 -51.83 16.58 -0.17
N TRP C 247 -51.43 17.86 -0.10
CA TRP C 247 -52.40 18.94 -0.19
C TRP C 247 -53.10 18.97 -1.53
N ARG C 248 -52.38 18.75 -2.63
CA ARG C 248 -53.04 18.80 -3.93
C ARG C 248 -54.04 17.66 -4.00
N SER C 249 -53.71 16.49 -3.46
CA SER C 249 -54.64 15.37 -3.52
C SER C 249 -55.94 15.74 -2.82
N GLU C 250 -55.84 16.34 -1.62
CA GLU C 250 -57.06 16.70 -0.91
C GLU C 250 -57.86 17.76 -1.65
N GLU C 251 -57.19 18.75 -2.22
CA GLU C 251 -57.87 19.83 -2.94
C GLU C 251 -58.55 19.37 -4.21
N LEU C 252 -57.88 18.51 -4.98
CA LEU C 252 -58.42 18.07 -6.26
C LEU C 252 -59.65 17.21 -6.07
N ILE C 253 -59.60 16.34 -5.06
CA ILE C 253 -60.75 15.52 -4.79
C ILE C 253 -61.85 16.33 -4.17
N ARG C 254 -61.53 17.18 -3.19
CA ARG C 254 -62.55 17.95 -2.54
C ARG C 254 -63.33 18.79 -3.53
N GLU C 255 -62.66 19.43 -4.48
CA GLU C 255 -63.42 20.23 -5.43
C GLU C 255 -64.42 19.38 -6.19
N LEU C 256 -63.98 18.21 -6.66
CA LEU C 256 -64.85 17.37 -7.45
C LEU C 256 -66.00 16.79 -6.62
N GLU C 257 -65.73 16.38 -5.39
CA GLU C 257 -66.77 15.80 -4.54
C GLU C 257 -67.81 16.84 -4.16
N GLU C 258 -67.38 18.07 -3.87
CA GLU C 258 -68.30 19.14 -3.51
C GLU C 258 -69.21 19.50 -4.68
N LYS C 259 -68.65 19.49 -5.88
CA LYS C 259 -69.40 19.83 -7.07
C LYS C 259 -70.19 18.67 -7.67
N GLY C 260 -69.75 17.42 -7.43
CA GLY C 260 -70.40 16.28 -8.07
C GLY C 260 -69.93 16.23 -9.51
N ALA C 261 -68.69 16.70 -9.71
CA ALA C 261 -68.06 16.82 -11.00
C ALA C 261 -67.35 15.57 -11.49
N ALA C 262 -67.35 14.51 -10.69
CA ALA C 262 -66.71 13.26 -11.06
C ALA C 262 -67.48 12.13 -10.39
N SER C 263 -67.51 10.98 -11.05
CA SER C 263 -68.15 9.81 -10.47
C SER C 263 -67.25 9.24 -9.41
N GLU C 264 -67.77 8.36 -8.56
CA GLU C 264 -66.90 7.79 -7.56
C GLU C 264 -65.80 6.97 -8.20
N ALA C 265 -66.11 6.28 -9.31
CA ALA C 265 -65.08 5.47 -9.97
C ALA C 265 -63.97 6.38 -10.49
N GLU C 266 -64.35 7.54 -11.03
CA GLU C 266 -63.34 8.46 -11.52
C GLU C 266 -62.49 8.99 -10.38
N LEU C 267 -63.14 9.27 -9.26
CA LEU C 267 -62.43 9.77 -8.11
C LEU C 267 -61.53 8.70 -7.53
N ALA C 268 -61.96 7.45 -7.50
CA ALA C 268 -61.11 6.40 -6.97
C ALA C 268 -59.84 6.27 -7.80
N ARG C 269 -59.97 6.41 -9.12
CA ARG C 269 -58.79 6.34 -9.97
C ARG C 269 -57.87 7.51 -9.67
N MET C 270 -58.45 8.71 -9.50
CA MET C 270 -57.65 9.88 -9.20
C MET C 270 -56.95 9.73 -7.86
N LYS C 271 -57.64 9.18 -6.87
CA LYS C 271 -57.07 8.98 -5.55
C LYS C 271 -55.87 8.07 -5.63
N GLN C 272 -55.94 7.01 -6.46
CA GLN C 272 -54.76 6.18 -6.62
C GLN C 272 -53.65 6.93 -7.34
N GLN C 273 -53.99 7.76 -8.33
CA GLN C 273 -52.97 8.51 -9.06
C GLN C 273 -52.27 9.51 -8.14
N HIS C 274 -53.04 10.09 -7.22
CA HIS C 274 -52.50 11.08 -6.29
C HIS C 274 -51.62 10.39 -5.27
N MET C 275 -52.05 9.20 -4.80
CA MET C 275 -51.27 8.45 -3.83
C MET C 275 -50.04 7.87 -4.49
N THR C 276 -50.14 7.53 -5.78
CA THR C 276 -49.02 7.00 -6.50
C THR C 276 -47.98 8.11 -6.65
N ALA C 277 -48.38 9.34 -6.96
CA ALA C 277 -47.40 10.42 -7.04
C ALA C 277 -46.74 10.64 -5.67
N TYR C 278 -47.54 10.54 -4.59
CA TYR C 278 -47.04 10.68 -3.23
C TYR C 278 -45.98 9.62 -2.99
N LEU C 279 -46.32 8.40 -3.39
CA LEU C 279 -45.43 7.26 -3.29
C LEU C 279 -44.14 7.49 -4.04
N GLN C 280 -44.21 7.94 -5.29
CA GLN C 280 -42.99 8.12 -6.04
C GLN C 280 -42.07 9.10 -5.34
N ALA C 281 -42.66 10.19 -4.80
CA ALA C 281 -41.88 11.17 -4.10
C ALA C 281 -41.26 10.64 -2.83
N ALA C 282 -42.04 9.86 -2.08
CA ALA C 282 -41.59 9.32 -0.82
C ALA C 282 -40.50 8.32 -0.98
N LEU C 283 -40.62 7.46 -1.99
CA LEU C 283 -39.64 6.43 -2.18
C LEU C 283 -38.32 7.04 -2.55
N THR C 284 -38.36 8.06 -3.42
CA THR C 284 -37.15 8.71 -3.85
C THR C 284 -36.52 9.51 -2.72
N ALA C 285 -37.33 10.23 -1.94
CA ALA C 285 -36.74 11.03 -0.88
C ALA C 285 -35.92 10.18 0.05
N TRP C 286 -36.43 9.00 0.35
CA TRP C 286 -35.74 8.11 1.25
C TRP C 286 -34.47 7.56 0.60
N GLU C 287 -34.51 7.24 -0.70
CA GLU C 287 -33.30 6.80 -1.38
C GLU C 287 -32.22 7.88 -1.39
N ILE C 288 -32.62 9.13 -1.61
CA ILE C 288 -31.64 10.20 -1.69
C ILE C 288 -31.06 10.44 -0.31
N ILE C 289 -31.87 10.38 0.75
CA ILE C 289 -31.31 10.58 2.07
C ILE C 289 -30.24 9.53 2.35
N SER C 290 -30.48 8.27 1.96
CA SER C 290 -29.46 7.24 2.14
C SER C 290 -28.17 7.62 1.37
N LYS C 291 -28.32 8.10 0.13
CA LYS C 291 -27.16 8.53 -0.67
C LYS C 291 -26.44 9.71 -0.04
N SER C 292 -27.19 10.63 0.57
CA SER C 292 -26.65 11.80 1.24
C SER C 292 -25.78 11.35 2.42
N VAL C 293 -26.25 10.33 3.14
CA VAL C 293 -25.46 9.78 4.24
C VAL C 293 -24.17 9.22 3.70
N ILE C 294 -24.22 8.50 2.58
CA ILE C 294 -22.98 7.97 2.05
C ILE C 294 -22.02 9.08 1.67
N ALA C 295 -22.49 10.15 1.03
CA ALA C 295 -21.52 11.20 0.71
C ALA C 295 -20.84 11.70 1.99
N LEU C 296 -21.59 11.83 3.10
CA LEU C 296 -20.96 12.25 4.34
C LEU C 296 -20.02 11.18 4.91
N LEU C 297 -20.32 9.88 4.76
CA LEU C 297 -19.40 8.90 5.33
C LEU C 297 -18.11 8.91 4.52
N LEU C 298 -18.19 9.18 3.22
CA LEU C 298 -16.98 9.22 2.41
C LEU C 298 -16.11 10.36 2.88
N LEU C 299 -16.73 11.48 3.24
CA LEU C 299 -15.99 12.60 3.77
C LEU C 299 -15.44 12.33 5.15
N GLN C 300 -16.19 11.60 5.97
CA GLN C 300 -15.72 11.29 7.31
C GLN C 300 -14.50 10.37 7.21
N GLN C 301 -14.51 9.44 6.23
CA GLN C 301 -13.38 8.52 6.04
C GLN C 301 -12.15 9.32 5.61
N ASN C 302 -12.35 10.31 4.75
CA ASN C 302 -11.27 11.15 4.27
C ASN C 302 -10.65 11.96 5.41
N GLN C 303 -11.52 12.56 6.23
CA GLN C 303 -11.05 13.38 7.33
C GLN C 303 -10.31 12.53 8.35
N LEU C 304 -10.80 11.31 8.57
CA LEU C 304 -10.21 10.41 9.52
C LEU C 304 -8.81 10.07 9.09
N ASN C 305 -8.63 9.71 7.82
CA ASN C 305 -7.30 9.34 7.41
C ASN C 305 -6.35 10.52 7.44
N LEU C 306 -6.81 11.74 7.16
CA LEU C 306 -5.90 12.87 7.29
C LEU C 306 -5.50 13.12 8.74
N GLU C 307 -6.49 13.15 9.65
CA GLU C 307 -6.19 13.43 11.04
C GLU C 307 -5.32 12.34 11.63
N LEU C 308 -5.58 11.09 11.25
CA LEU C 308 -4.85 9.95 11.76
C LEU C 308 -3.40 9.91 11.28
N ARG C 309 -3.17 10.22 9.99
CA ARG C 309 -1.83 10.16 9.41
C ARG C 309 -0.95 11.39 9.66
N HIS C 310 -1.56 12.56 9.90
CA HIS C 310 -0.88 13.85 10.09
C HIS C 310 0.53 13.89 9.45
N GLU D 1 44.17 5.57 -38.80
CA GLU D 1 44.81 6.26 -39.92
C GLU D 1 44.64 7.77 -39.85
N GLU D 2 45.21 8.45 -40.85
CA GLU D 2 45.25 9.90 -40.97
C GLU D 2 43.90 10.54 -41.17
N PHE D 3 43.01 9.91 -41.93
CA PHE D 3 41.72 10.54 -42.15
C PHE D 3 40.96 10.70 -40.87
N MET D 4 40.89 9.65 -40.09
CA MET D 4 40.12 9.66 -38.88
C MET D 4 40.75 10.67 -37.90
N ALA D 5 42.10 10.67 -37.83
CA ALA D 5 42.79 11.57 -36.92
C ALA D 5 42.60 13.04 -37.31
N ARG D 6 42.66 13.33 -38.61
CA ARG D 6 42.46 14.69 -39.07
C ARG D 6 41.03 15.07 -38.97
N ALA D 7 40.11 14.15 -39.24
CA ALA D 7 38.72 14.49 -39.19
C ALA D 7 38.36 14.96 -37.79
N ILE D 8 38.89 14.37 -36.73
CA ILE D 8 38.48 14.96 -35.44
C ILE D 8 38.92 16.39 -35.32
N SER D 9 40.17 16.65 -35.68
CA SER D 9 40.64 18.01 -35.57
C SER D 9 39.89 18.95 -36.50
N ALA D 10 39.62 18.52 -37.73
CA ALA D 10 38.96 19.34 -38.74
C ALA D 10 37.52 19.63 -38.39
N ILE D 11 36.84 18.65 -37.81
CA ILE D 11 35.46 18.82 -37.44
C ILE D 11 35.35 19.85 -36.34
N ALA D 12 36.19 19.70 -35.31
CA ALA D 12 36.19 20.64 -34.22
C ALA D 12 36.70 21.99 -34.65
N GLU D 13 37.70 22.02 -35.53
CA GLU D 13 38.31 23.27 -35.97
C GLU D 13 37.33 24.13 -36.71
N LEU D 14 36.55 23.53 -37.61
CA LEU D 14 35.61 24.33 -38.35
C LEU D 14 34.50 24.84 -37.45
N ALA D 15 33.98 23.99 -36.55
CA ALA D 15 32.93 24.46 -35.69
C ALA D 15 33.45 25.49 -34.71
N LYS D 16 34.65 25.27 -34.17
CA LYS D 16 35.24 26.16 -33.20
C LYS D 16 35.45 27.55 -33.77
N LYS D 17 35.96 27.64 -35.00
CA LYS D 17 36.18 28.95 -35.60
C LYS D 17 34.86 29.65 -35.84
N ALA D 18 33.85 28.91 -36.31
CA ALA D 18 32.54 29.50 -36.55
C ALA D 18 31.89 29.95 -35.24
N ILE D 19 32.11 29.19 -34.14
CA ILE D 19 31.59 29.52 -32.82
C ILE D 19 32.23 30.78 -32.31
N GLU D 20 33.56 30.86 -32.40
CA GLU D 20 34.23 32.04 -31.93
C GLU D 20 33.82 33.26 -32.72
N ALA D 21 33.70 33.14 -34.04
CA ALA D 21 33.33 34.29 -34.84
C ALA D 21 31.92 34.81 -34.55
N ILE D 22 30.94 33.90 -34.39
CA ILE D 22 29.59 34.37 -34.16
C ILE D 22 29.47 34.88 -32.72
N TYR D 23 30.13 34.18 -31.78
CA TYR D 23 30.17 34.62 -30.40
C TYR D 23 30.79 35.99 -30.26
N ARG D 24 31.96 36.20 -30.86
CA ARG D 24 32.63 37.47 -30.74
C ARG D 24 31.76 38.60 -31.22
N LEU D 25 31.06 38.43 -32.35
CA LEU D 25 30.23 39.52 -32.81
C LEU D 25 29.12 39.78 -31.80
N ALA D 26 28.52 38.70 -31.29
CA ALA D 26 27.45 38.81 -30.30
C ALA D 26 27.92 39.38 -28.98
N ASP D 27 29.16 39.13 -28.61
CA ASP D 27 29.73 39.62 -27.37
C ASP D 27 29.94 41.14 -27.47
N ASN D 28 30.31 41.60 -28.68
CA ASN D 28 30.50 43.03 -28.92
C ASN D 28 29.16 43.78 -28.99
N HIS D 29 28.12 43.10 -29.49
CA HIS D 29 26.78 43.65 -29.62
C HIS D 29 26.01 43.69 -28.31
N THR D 30 25.07 44.63 -28.22
CA THR D 30 24.19 44.72 -27.05
C THR D 30 22.77 44.30 -27.39
N THR D 31 22.56 43.93 -28.65
CA THR D 31 21.26 43.52 -29.19
C THR D 31 20.95 42.09 -28.77
N ASP D 32 19.75 41.88 -28.24
CA ASP D 32 19.30 40.58 -27.73
C ASP D 32 19.12 39.54 -28.81
N THR D 33 18.69 40.02 -29.95
CA THR D 33 18.43 39.25 -31.13
C THR D 33 19.72 38.67 -31.68
N PHE D 34 20.79 39.46 -31.65
CA PHE D 34 22.08 39.05 -32.18
C PHE D 34 22.69 38.05 -31.23
N MET D 35 22.51 38.28 -29.92
CA MET D 35 23.04 37.34 -28.97
C MET D 35 22.33 36.01 -29.14
N ALA D 36 21.01 36.05 -29.35
CA ALA D 36 20.24 34.85 -29.54
C ALA D 36 20.65 34.11 -30.82
N LYS D 37 20.96 34.86 -31.89
CA LYS D 37 21.41 34.24 -33.12
C LYS D 37 22.69 33.47 -32.88
N ALA D 38 23.64 34.09 -32.16
CA ALA D 38 24.87 33.39 -31.87
C ALA D 38 24.60 32.18 -31.02
N ILE D 39 23.69 32.27 -30.09
CA ILE D 39 23.40 31.13 -29.24
C ILE D 39 22.89 29.94 -30.02
N GLU D 40 21.94 30.18 -30.92
CA GLU D 40 21.42 29.08 -31.70
C GLU D 40 22.47 28.56 -32.69
N ALA D 41 23.23 29.48 -33.33
CA ALA D 41 24.26 29.08 -34.28
C ALA D 41 25.35 28.24 -33.60
N ILE D 42 25.70 28.63 -32.38
CA ILE D 42 26.73 27.95 -31.62
C ILE D 42 26.27 26.57 -31.27
N ALA D 43 25.02 26.43 -30.83
CA ALA D 43 24.54 25.10 -30.54
C ALA D 43 24.57 24.25 -31.80
N GLU D 44 24.20 24.78 -32.96
CA GLU D 44 24.24 23.88 -34.12
C GLU D 44 25.66 23.47 -34.49
N LEU D 45 26.61 24.40 -34.38
CA LEU D 45 27.98 24.12 -34.74
C LEU D 45 28.66 23.12 -33.82
N ALA D 46 28.49 23.31 -32.50
CA ALA D 46 29.12 22.41 -31.57
C ALA D 46 28.34 21.10 -31.52
N LYS D 47 27.03 21.13 -31.66
CA LYS D 47 26.27 19.90 -31.56
C LYS D 47 26.66 18.92 -32.64
N GLU D 48 26.79 19.41 -33.87
CA GLU D 48 27.17 18.49 -34.94
C GLU D 48 28.62 18.06 -34.79
N ALA D 49 29.50 19.00 -34.44
CA ALA D 49 30.89 18.65 -34.33
C ALA D 49 31.13 17.65 -33.21
N ILE D 50 30.43 17.80 -32.08
CA ILE D 50 30.62 16.92 -30.95
C ILE D 50 30.11 15.54 -31.26
N LYS D 51 28.93 15.42 -31.87
CA LYS D 51 28.43 14.10 -32.19
C LYS D 51 29.32 13.39 -33.19
N ALA D 52 29.78 14.11 -34.22
CA ALA D 52 30.60 13.47 -35.24
C ALA D 52 31.92 12.98 -34.66
N ILE D 53 32.52 13.77 -33.78
CA ILE D 53 33.79 13.42 -33.16
C ILE D 53 33.66 12.28 -32.19
N ALA D 54 32.62 12.33 -31.35
CA ALA D 54 32.46 11.30 -30.37
C ALA D 54 32.28 9.94 -31.01
N ASP D 55 31.51 9.87 -32.11
CA ASP D 55 31.32 8.58 -32.75
C ASP D 55 32.52 8.19 -33.55
N LEU D 56 33.23 9.13 -34.12
CA LEU D 56 34.40 8.75 -34.89
C LEU D 56 35.41 8.09 -33.96
N ALA D 57 35.72 8.75 -32.84
CA ALA D 57 36.72 8.28 -31.88
C ALA D 57 36.35 6.96 -31.20
N LYS D 58 35.08 6.71 -30.99
CA LYS D 58 34.63 5.49 -30.32
C LYS D 58 34.69 4.26 -31.21
N ASN D 59 35.08 4.46 -32.47
CA ASN D 59 35.25 3.36 -33.40
C ASN D 59 36.71 2.95 -33.52
N HIS D 60 37.53 3.43 -32.57
CA HIS D 60 38.94 3.13 -32.45
C HIS D 60 39.25 2.44 -31.14
N THR D 61 40.36 1.72 -31.12
CA THR D 61 40.82 0.94 -29.98
C THR D 61 42.02 1.56 -29.27
N THR D 62 42.30 2.83 -29.57
CA THR D 62 43.46 3.51 -29.01
C THR D 62 43.21 4.87 -28.41
N GLU D 63 44.11 5.20 -27.48
CA GLU D 63 44.15 6.43 -26.74
C GLU D 63 44.38 7.60 -27.65
N GLU D 64 44.90 7.38 -28.85
CA GLU D 64 45.06 8.51 -29.74
C GLU D 64 43.71 9.13 -30.03
N PHE D 65 42.70 8.30 -30.24
CA PHE D 65 41.40 8.78 -30.60
C PHE D 65 40.63 9.28 -29.43
N MET D 66 40.72 8.59 -28.30
CA MET D 66 40.02 9.13 -27.17
C MET D 66 40.67 10.47 -26.82
N ALA D 67 42.00 10.59 -26.95
CA ALA D 67 42.63 11.84 -26.60
C ALA D 67 42.22 12.98 -27.51
N ARG D 68 42.12 12.72 -28.81
CA ARG D 68 41.75 13.76 -29.74
C ARG D 68 40.33 14.21 -29.51
N ALA D 69 39.43 13.25 -29.28
CA ALA D 69 38.04 13.55 -29.06
C ALA D 69 37.76 14.17 -27.71
N ILE D 70 38.47 13.76 -26.66
CA ILE D 70 38.22 14.36 -25.36
C ILE D 70 38.62 15.80 -25.42
N SER D 71 39.80 16.10 -25.96
CA SER D 71 40.19 17.49 -26.04
C SER D 71 39.31 18.27 -27.00
N ALA D 72 38.98 17.69 -28.17
CA ALA D 72 38.18 18.41 -29.15
C ALA D 72 36.78 18.72 -28.63
N ILE D 73 36.17 17.76 -27.95
CA ILE D 73 34.83 17.96 -27.43
C ILE D 73 34.86 18.84 -26.23
N ALA D 74 35.80 18.64 -25.31
CA ALA D 74 35.82 19.49 -24.16
C ALA D 74 36.03 20.94 -24.58
N GLU D 75 36.86 21.21 -25.61
CA GLU D 75 36.99 22.59 -26.04
C GLU D 75 35.75 23.10 -26.76
N LEU D 76 35.11 22.30 -27.63
CA LEU D 76 33.93 22.79 -28.31
C LEU D 76 32.82 23.05 -27.35
N ALA D 77 32.66 22.13 -26.42
CA ALA D 77 31.61 22.20 -25.44
C ALA D 77 31.78 23.32 -24.47
N ARG D 78 33.00 23.56 -24.01
CA ARG D 78 33.15 24.61 -23.04
C ARG D 78 33.18 25.95 -23.73
N LYS D 79 33.70 26.03 -24.95
CA LYS D 79 33.67 27.31 -25.62
C LYS D 79 32.24 27.65 -25.93
N ALA D 80 31.49 26.67 -26.42
CA ALA D 80 30.12 26.88 -26.78
C ALA D 80 29.23 27.19 -25.58
N ILE D 81 29.42 26.50 -24.43
CA ILE D 81 28.59 26.82 -23.28
C ILE D 81 28.98 28.15 -22.71
N ASP D 82 30.27 28.46 -22.59
CA ASP D 82 30.65 29.74 -22.05
C ASP D 82 30.16 30.83 -22.97
N ALA D 83 30.24 30.63 -24.30
CA ALA D 83 29.76 31.63 -25.21
C ALA D 83 28.26 31.81 -25.06
N ILE D 84 27.52 30.71 -24.94
CA ILE D 84 26.09 30.81 -24.82
C ILE D 84 25.68 31.47 -23.53
N TYR D 85 26.30 31.09 -22.42
CA TYR D 85 25.99 31.62 -21.11
C TYR D 85 26.37 33.11 -21.02
N ARG D 86 27.53 33.49 -21.56
CA ARG D 86 27.93 34.90 -21.52
C ARG D 86 26.93 35.79 -22.21
N LEU D 87 26.33 35.29 -23.29
CA LEU D 87 25.35 36.06 -24.02
C LEU D 87 23.93 35.87 -23.44
N ALA D 88 23.61 34.65 -22.99
CA ALA D 88 22.29 34.32 -22.48
C ALA D 88 21.89 35.10 -21.25
N ARG D 89 22.87 35.40 -20.41
CA ARG D 89 22.64 36.09 -19.16
C ARG D 89 22.23 37.55 -19.41
N ASN D 90 22.40 38.03 -20.64
CA ASN D 90 22.08 39.40 -20.96
C ASN D 90 20.74 39.52 -21.71
N HIS D 91 19.95 38.44 -21.76
CA HIS D 91 18.67 38.52 -22.45
C HIS D 91 17.59 39.21 -21.64
N THR D 92 16.67 39.84 -22.35
CA THR D 92 15.52 40.51 -21.77
C THR D 92 14.18 39.88 -22.15
N THR D 93 14.15 38.97 -23.13
CA THR D 93 12.87 38.41 -23.58
C THR D 93 12.78 36.93 -23.30
N ASP D 94 11.54 36.40 -23.32
CA ASP D 94 11.32 34.99 -23.07
C ASP D 94 11.85 34.12 -24.17
N THR D 95 11.73 34.62 -25.41
CA THR D 95 12.14 33.85 -26.58
C THR D 95 13.61 33.57 -26.56
N PHE D 96 14.39 34.59 -26.25
CA PHE D 96 15.81 34.42 -26.32
C PHE D 96 16.34 33.66 -25.12
N MET D 97 15.74 33.85 -23.93
CA MET D 97 16.16 33.08 -22.78
C MET D 97 15.84 31.61 -23.03
N ALA D 98 14.66 31.33 -23.60
CA ALA D 98 14.25 29.96 -23.89
C ALA D 98 15.18 29.30 -24.91
N LYS D 99 15.65 30.08 -25.92
CA LYS D 99 16.59 29.52 -26.89
C LYS D 99 17.87 29.15 -26.18
N ALA D 100 18.33 30.00 -25.27
CA ALA D 100 19.53 29.68 -24.52
C ALA D 100 19.30 28.44 -23.65
N ILE D 101 18.12 28.29 -23.07
CA ILE D 101 17.93 27.11 -22.23
C ILE D 101 18.12 25.84 -23.04
N GLU D 102 17.51 25.78 -24.22
CA GLU D 102 17.68 24.59 -25.02
C GLU D 102 19.12 24.47 -25.55
N ALA D 103 19.72 25.58 -26.01
CA ALA D 103 21.05 25.56 -26.59
C ALA D 103 22.10 25.08 -25.60
N ILE D 104 21.94 25.50 -24.35
CA ILE D 104 22.88 25.16 -23.29
C ILE D 104 22.78 23.66 -22.99
N ALA D 105 21.57 23.14 -22.82
CA ALA D 105 21.45 21.73 -22.52
C ALA D 105 21.80 20.84 -23.68
N GLU D 106 21.48 21.23 -24.91
CA GLU D 106 21.80 20.32 -25.98
C GLU D 106 23.28 20.08 -26.05
N LEU D 107 24.07 21.13 -25.85
CA LEU D 107 25.48 20.90 -25.94
C LEU D 107 26.09 20.35 -24.69
N ALA D 108 25.66 20.78 -23.49
CA ALA D 108 26.31 20.24 -22.33
C ALA D 108 25.97 18.77 -22.23
N LYS D 109 24.72 18.40 -22.50
CA LYS D 109 24.37 17.00 -22.38
C LYS D 109 25.15 16.14 -23.37
N GLU D 110 25.24 16.54 -24.65
CA GLU D 110 25.95 15.72 -25.61
C GLU D 110 27.44 15.69 -25.34
N ALA D 111 27.99 16.84 -24.93
CA ALA D 111 29.40 16.92 -24.66
C ALA D 111 29.80 16.11 -23.49
N ILE D 112 29.02 16.16 -22.43
CA ILE D 112 29.36 15.46 -21.22
C ILE D 112 29.33 13.97 -21.45
N LYS D 113 28.27 13.52 -22.12
CA LYS D 113 28.18 12.11 -22.37
C LYS D 113 29.38 11.70 -23.22
N ALA D 114 29.71 12.46 -24.27
CA ALA D 114 30.83 12.08 -25.11
C ALA D 114 32.18 12.12 -24.40
N ILE D 115 32.42 13.15 -23.61
CA ILE D 115 33.70 13.31 -22.95
C ILE D 115 33.94 12.15 -22.04
N ALA D 116 32.94 11.80 -21.24
CA ALA D 116 33.13 10.69 -20.36
C ALA D 116 33.14 9.37 -21.10
N ASP D 117 32.31 9.20 -22.12
CA ASP D 117 32.28 7.90 -22.79
C ASP D 117 33.64 7.56 -23.40
N LEU D 118 34.34 8.59 -23.86
CA LEU D 118 35.69 8.45 -24.39
C LEU D 118 36.70 8.24 -23.25
N ALA D 119 36.61 9.04 -22.18
CA ALA D 119 37.56 8.93 -21.07
C ALA D 119 37.43 7.61 -20.33
N LYS D 120 36.23 7.08 -20.25
CA LYS D 120 35.88 5.83 -19.59
C LYS D 120 36.51 4.61 -20.25
N ASN D 121 37.06 4.77 -21.46
CA ASN D 121 37.63 3.66 -22.18
C ASN D 121 39.14 3.55 -22.01
N HIS D 122 39.71 4.27 -21.05
CA HIS D 122 41.14 4.14 -20.79
C HIS D 122 41.41 4.55 -19.35
N THR D 123 42.40 3.94 -18.71
CA THR D 123 42.72 4.28 -17.33
C THR D 123 43.68 5.46 -17.16
N THR D 124 44.26 5.99 -18.24
CA THR D 124 45.19 7.09 -18.07
C THR D 124 44.58 8.26 -17.33
N GLU D 125 45.39 8.83 -16.43
CA GLU D 125 45.01 9.96 -15.59
C GLU D 125 44.77 11.21 -16.42
N ASP D 126 45.28 11.24 -17.64
CA ASP D 126 45.07 12.39 -18.50
C ASP D 126 43.63 12.46 -18.98
N PHE D 127 42.99 11.31 -19.17
CA PHE D 127 41.62 11.33 -19.63
C PHE D 127 40.75 11.55 -18.45
N MET D 128 41.10 10.91 -17.33
CA MET D 128 40.30 11.06 -16.15
C MET D 128 40.32 12.50 -15.68
N ASP D 129 41.49 13.13 -15.62
CA ASP D 129 41.50 14.48 -15.12
C ASP D 129 40.84 15.46 -16.06
N GLU D 130 41.08 15.33 -17.38
CA GLU D 130 40.48 16.31 -18.26
C GLU D 130 38.98 16.13 -18.28
N ALA D 131 38.51 14.89 -18.30
CA ALA D 131 37.10 14.64 -18.34
C ALA D 131 36.39 14.96 -17.02
N ILE D 132 37.00 14.68 -15.87
CA ILE D 132 36.31 14.98 -14.61
C ILE D 132 36.20 16.47 -14.47
N SER D 133 37.31 17.18 -14.71
CA SER D 133 37.33 18.62 -14.60
C SER D 133 36.42 19.27 -15.63
N ALA D 134 36.50 18.85 -16.91
CA ALA D 134 35.70 19.46 -17.94
C ALA D 134 34.24 19.27 -17.68
N ILE D 135 33.86 18.09 -17.21
CA ILE D 135 32.47 17.82 -16.95
C ILE D 135 31.97 18.50 -15.70
N ALA D 136 32.71 18.45 -14.60
CA ALA D 136 32.16 19.10 -13.43
C ALA D 136 31.94 20.60 -13.71
N GLU D 137 32.86 21.26 -14.44
CA GLU D 137 32.62 22.66 -14.73
C GLU D 137 31.53 22.88 -15.77
N LEU D 138 31.50 22.06 -16.82
CA LEU D 138 30.56 22.19 -17.91
C LEU D 138 29.15 21.88 -17.44
N ALA D 139 29.00 20.81 -16.66
CA ALA D 139 27.72 20.40 -16.16
C ALA D 139 27.13 21.41 -15.23
N ARG D 140 27.96 21.96 -14.34
CA ARG D 140 27.41 22.89 -13.40
C ARG D 140 27.10 24.21 -14.06
N LYS D 141 27.97 24.71 -14.95
CA LYS D 141 27.66 25.98 -15.58
C LYS D 141 26.44 25.86 -16.44
N ALA D 142 26.30 24.74 -17.16
CA ALA D 142 25.14 24.61 -17.99
C ALA D 142 23.86 24.56 -17.16
N ILE D 143 23.87 23.84 -16.04
CA ILE D 143 22.68 23.76 -15.20
C ILE D 143 22.36 25.07 -14.53
N GLU D 144 23.37 25.70 -13.96
CA GLU D 144 23.22 26.93 -13.25
C GLU D 144 22.75 28.02 -14.22
N ALA D 145 23.28 28.04 -15.46
CA ALA D 145 22.86 29.03 -16.42
C ALA D 145 21.39 28.85 -16.75
N ILE D 146 20.96 27.60 -16.92
CA ILE D 146 19.58 27.31 -17.25
C ILE D 146 18.64 27.65 -16.12
N LEU D 147 18.99 27.28 -14.92
CA LEU D 147 18.13 27.53 -13.80
C LEU D 147 18.02 29.03 -13.55
N ARG D 148 19.12 29.76 -13.73
CA ARG D 148 19.06 31.18 -13.52
C ARG D 148 18.23 31.86 -14.62
N LEU D 149 18.30 31.39 -15.87
CA LEU D 149 17.44 31.98 -16.90
C LEU D 149 15.98 31.70 -16.55
N ALA D 150 15.74 30.48 -16.05
CA ALA D 150 14.41 30.05 -15.65
C ALA D 150 13.86 30.87 -14.50
N SER D 151 14.73 31.35 -13.61
CA SER D 151 14.29 32.11 -12.46
C SER D 151 13.63 33.43 -12.87
N ASN D 152 13.85 33.88 -14.12
CA ASN D 152 13.26 35.10 -14.60
C ASN D 152 12.01 34.79 -15.43
N LEU D 153 11.73 33.50 -15.57
CA LEU D 153 10.66 32.93 -16.35
C LEU D 153 9.98 31.86 -15.51
N THR D 154 9.19 32.25 -14.54
CA THR D 154 8.73 31.28 -13.54
C THR D 154 7.43 30.56 -13.87
N SER D 155 6.85 30.83 -15.04
CA SER D 155 5.64 30.15 -15.46
C SER D 155 6.02 28.72 -15.83
N GLU D 156 5.05 27.82 -15.92
CA GLU D 156 5.41 26.44 -16.26
C GLU D 156 6.05 26.28 -17.63
N THR D 157 5.64 27.06 -18.61
CA THR D 157 6.20 26.88 -19.94
C THR D 157 7.72 26.90 -19.93
N TYR D 158 8.30 27.85 -19.24
CA TYR D 158 9.73 27.97 -19.27
C TYR D 158 10.40 27.24 -18.14
N MET D 159 9.73 27.14 -16.98
CA MET D 159 10.34 26.48 -15.86
C MET D 159 10.42 24.98 -16.17
N ARG D 160 9.47 24.46 -16.95
CA ARG D 160 9.51 23.07 -17.37
C ARG D 160 10.58 22.88 -18.42
N LYS D 161 10.71 23.80 -19.40
CA LYS D 161 11.80 23.59 -20.35
C LYS D 161 13.11 23.60 -19.60
N ALA D 162 13.23 24.50 -18.62
CA ALA D 162 14.44 24.57 -17.85
C ALA D 162 14.66 23.33 -17.02
N GLN D 163 13.62 22.79 -16.39
CA GLN D 163 13.81 21.61 -15.59
C GLN D 163 14.20 20.42 -16.43
N GLU D 164 13.59 20.26 -17.60
CA GLU D 164 13.92 19.15 -18.45
C GLU D 164 15.33 19.30 -18.99
N ALA D 165 15.69 20.55 -19.33
CA ALA D 165 17.02 20.84 -19.85
C ALA D 165 18.06 20.51 -18.79
N ILE D 166 17.76 20.83 -17.52
CA ILE D 166 18.62 20.54 -16.39
C ILE D 166 18.70 19.08 -16.09
N GLU D 167 17.58 18.37 -16.05
CA GLU D 167 17.62 16.96 -15.73
C GLU D 167 18.41 16.20 -16.78
N LYS D 168 18.26 16.55 -18.05
CA LYS D 168 19.02 15.83 -19.06
C LYS D 168 20.52 16.03 -18.86
N ILE D 169 20.94 17.27 -18.55
CA ILE D 169 22.36 17.52 -18.32
C ILE D 169 22.78 16.84 -17.05
N ALA D 170 21.99 17.03 -15.99
CA ALA D 170 22.30 16.56 -14.68
C ALA D 170 22.40 15.09 -14.55
N ARG D 171 21.54 14.33 -15.21
CA ARG D 171 21.71 12.90 -15.07
C ARG D 171 22.92 12.46 -15.87
N THR D 172 23.13 13.07 -17.02
CA THR D 172 24.26 12.69 -17.83
C THR D 172 25.54 12.97 -17.06
N ALA D 173 25.62 14.15 -16.45
CA ALA D 173 26.74 14.60 -15.67
C ALA D 173 26.92 13.84 -14.38
N GLU D 174 25.85 13.50 -13.67
CA GLU D 174 26.06 12.77 -12.45
C GLU D 174 26.77 11.48 -12.75
N GLU D 175 26.31 10.79 -13.81
CA GLU D 175 26.89 9.52 -14.15
C GLU D 175 28.26 9.69 -14.75
N ALA D 176 28.43 10.69 -15.63
CA ALA D 176 29.71 10.88 -16.26
C ALA D 176 30.78 11.18 -15.22
N ILE D 177 30.43 12.00 -14.24
CA ILE D 177 31.36 12.36 -13.21
C ILE D 177 31.64 11.16 -12.33
N ARG D 178 30.60 10.40 -11.96
CA ARG D 178 30.72 9.25 -11.08
C ARG D 178 31.63 8.18 -11.59
N ASP D 179 31.52 7.86 -12.86
CA ASP D 179 32.30 6.77 -13.39
C ASP D 179 33.74 7.21 -13.58
N LEU D 180 33.93 8.45 -14.01
CA LEU D 180 35.28 8.89 -14.22
C LEU D 180 35.98 9.07 -12.89
N ALA D 181 35.27 9.58 -11.89
CA ALA D 181 35.85 9.77 -10.58
C ALA D 181 36.25 8.44 -9.97
N ARG D 182 35.44 7.41 -10.13
CA ARG D 182 35.80 6.15 -9.52
C ARG D 182 36.94 5.44 -10.25
N ASN D 183 37.16 5.80 -11.52
CA ASN D 183 38.23 5.18 -12.26
C ASN D 183 39.57 5.88 -12.05
N LEU D 184 39.61 6.93 -11.23
CA LEU D 184 40.86 7.63 -10.96
C LEU D 184 41.24 7.41 -9.50
N GLU D 185 42.48 7.00 -9.26
CA GLU D 185 43.00 6.70 -7.92
C GLU D 185 43.14 7.89 -6.97
N ASP D 186 43.04 9.11 -7.48
CA ASP D 186 43.18 10.29 -6.66
C ASP D 186 41.89 10.62 -5.91
N GLN D 187 41.92 10.42 -4.60
CA GLN D 187 40.74 10.61 -3.78
C GLN D 187 40.26 12.06 -3.84
N GLU D 188 41.17 13.02 -4.08
CA GLU D 188 40.78 14.42 -4.14
C GLU D 188 39.85 14.66 -5.33
N ARG D 189 40.06 13.96 -6.45
CA ARG D 189 39.17 14.19 -7.57
C ARG D 189 37.85 13.56 -7.21
N ARG D 190 37.90 12.42 -6.51
CA ARG D 190 36.66 11.75 -6.13
C ARG D 190 35.82 12.56 -5.15
N GLU D 191 36.45 13.25 -4.20
CA GLU D 191 35.70 14.03 -3.23
C GLU D 191 35.10 15.27 -3.86
N ARG D 192 35.84 15.93 -4.75
CA ARG D 192 35.31 17.12 -5.37
C ARG D 192 34.22 16.71 -6.36
N ALA D 193 34.45 15.57 -7.02
CA ALA D 193 33.49 15.03 -7.94
C ALA D 193 32.22 14.66 -7.20
N LYS D 194 32.30 14.08 -5.98
CA LYS D 194 31.09 13.74 -5.25
C LYS D 194 30.27 14.97 -4.96
N SER D 195 30.92 16.07 -4.58
CA SER D 195 30.17 17.28 -4.32
C SER D 195 29.48 17.76 -5.58
N ALA D 196 30.20 17.71 -6.72
CA ALA D 196 29.60 18.13 -7.97
C ALA D 196 28.42 17.23 -8.32
N ARG D 197 28.56 15.92 -8.09
CA ARG D 197 27.49 15.02 -8.44
C ARG D 197 26.25 15.28 -7.64
N ASP D 198 26.42 15.57 -6.36
CA ASP D 198 25.24 15.80 -5.54
C ASP D 198 24.56 17.12 -5.87
N GLU D 199 25.31 18.20 -6.15
CA GLU D 199 24.59 19.44 -6.45
C GLU D 199 23.90 19.32 -7.80
N ILE D 200 24.50 18.56 -8.72
CA ILE D 200 23.93 18.36 -10.03
C ILE D 200 22.62 17.59 -9.94
N LYS D 201 22.63 16.49 -9.18
CA LYS D 201 21.42 15.71 -8.99
C LYS D 201 20.35 16.54 -8.32
N ARG D 202 20.73 17.27 -7.27
CA ARG D 202 19.76 18.06 -6.56
C ARG D 202 19.19 19.18 -7.40
N PHE D 203 19.97 19.84 -8.26
CA PHE D 203 19.34 20.89 -9.05
C PHE D 203 18.18 20.32 -9.85
N ALA D 204 18.39 19.13 -10.46
CA ALA D 204 17.33 18.50 -11.25
C ALA D 204 16.14 18.07 -10.38
N GLU D 205 16.42 17.51 -9.19
CA GLU D 205 15.38 17.01 -8.27
C GLU D 205 14.60 18.14 -7.61
N ASP D 206 15.28 19.25 -7.33
CA ASP D 206 14.66 20.40 -6.71
C ASP D 206 13.68 21.00 -7.68
N ALA D 207 14.13 21.21 -8.93
CA ALA D 207 13.26 21.76 -9.93
C ALA D 207 12.11 20.80 -10.22
N ARG D 208 12.40 19.49 -10.22
CA ARG D 208 11.36 18.52 -10.50
C ARG D 208 10.30 18.50 -9.44
N LYS D 209 10.68 18.47 -8.16
CA LYS D 209 9.63 18.40 -7.16
C LYS D 209 8.81 19.67 -7.11
N LYS D 210 9.44 20.83 -7.29
CA LYS D 210 8.63 22.04 -7.23
C LYS D 210 7.64 22.10 -8.36
N ILE D 211 8.06 21.73 -9.58
CA ILE D 211 7.11 21.84 -10.66
C ILE D 211 6.04 20.79 -10.54
N GLU D 212 6.42 19.54 -10.34
CA GLU D 212 5.40 18.52 -10.37
C GLU D 212 4.36 18.69 -9.29
N VAL D 213 4.76 19.01 -8.06
CA VAL D 213 3.73 19.12 -7.05
C VAL D 213 2.93 20.39 -7.23
N LEU D 214 3.59 21.53 -7.46
CA LEU D 214 2.83 22.75 -7.54
C LEU D 214 1.96 22.76 -8.77
N ALA D 215 2.45 22.25 -9.91
CA ALA D 215 1.66 22.24 -11.11
C ALA D 215 0.45 21.36 -10.94
N LEU D 216 0.61 20.21 -10.28
CA LEU D 216 -0.51 19.33 -10.09
C LEU D 216 -1.51 19.97 -9.12
N LEU D 217 -1.04 20.68 -8.09
CA LEU D 217 -1.97 21.33 -7.17
C LEU D 217 -2.75 22.39 -7.90
N LYS D 218 -2.08 23.14 -8.79
CA LYS D 218 -2.79 24.16 -9.54
C LYS D 218 -3.84 23.54 -10.44
N ARG D 219 -3.53 22.42 -11.10
CA ARG D 219 -4.53 21.81 -11.96
C ARG D 219 -5.69 21.27 -11.16
N SER D 220 -5.43 20.70 -9.98
CA SER D 220 -6.51 20.16 -9.17
C SER D 220 -7.41 21.28 -8.68
N ARG D 221 -6.83 22.43 -8.29
CA ARG D 221 -7.65 23.54 -7.84
C ARG D 221 -8.46 24.14 -8.98
N GLU D 222 -7.84 24.28 -10.16
CA GLU D 222 -8.55 24.85 -11.29
C GLU D 222 -9.65 23.94 -11.74
N TYR D 223 -9.37 22.64 -11.76
CA TYR D 223 -10.35 21.67 -12.19
C TYR D 223 -11.52 21.70 -11.22
N LEU D 224 -11.25 21.68 -9.90
CA LEU D 224 -12.31 21.66 -8.92
C LEU D 224 -13.15 22.93 -9.06
N LYS D 225 -12.51 24.10 -9.20
CA LYS D 225 -13.29 25.32 -9.36
C LYS D 225 -14.16 25.24 -10.59
N LYS D 226 -13.60 24.76 -11.72
CA LYS D 226 -14.38 24.66 -12.95
C LYS D 226 -15.54 23.72 -12.74
N VAL D 227 -15.33 22.62 -12.02
CA VAL D 227 -16.40 21.70 -11.75
C VAL D 227 -17.45 22.33 -10.90
N ALA D 228 -17.06 23.05 -9.86
CA ALA D 228 -18.07 23.69 -9.04
C ALA D 228 -18.90 24.65 -9.88
N LEU D 229 -18.25 25.37 -10.81
CA LEU D 229 -18.98 26.31 -11.67
C LEU D 229 -19.92 25.57 -12.62
N ILE D 230 -19.49 24.42 -13.14
CA ILE D 230 -20.34 23.60 -14.02
C ILE D 230 -21.55 23.14 -13.23
N GLN D 231 -21.30 22.68 -12.00
CA GLN D 231 -22.34 22.18 -11.14
C GLN D 231 -23.32 23.27 -10.75
N LEU D 232 -22.84 24.51 -10.54
CA LEU D 232 -23.74 25.60 -10.24
C LEU D 232 -24.62 25.85 -11.45
N VAL D 233 -24.04 25.79 -12.66
CA VAL D 233 -24.87 25.99 -13.84
C VAL D 233 -25.93 24.92 -13.88
N ILE D 234 -25.56 23.66 -13.60
CA ILE D 234 -26.52 22.60 -13.59
C ILE D 234 -27.60 22.85 -12.54
N ALA D 235 -27.23 23.24 -11.32
CA ALA D 235 -28.25 23.49 -10.31
C ALA D 235 -29.21 24.59 -10.75
N PHE D 236 -28.69 25.63 -11.40
CA PHE D 236 -29.54 26.73 -11.82
C PHE D 236 -30.48 26.30 -12.92
N VAL D 237 -30.01 25.51 -13.88
CA VAL D 237 -30.91 25.09 -14.93
C VAL D 237 -31.98 24.13 -14.40
N PHE D 238 -31.68 23.33 -13.36
CA PHE D 238 -32.74 22.52 -12.76
C PHE D 238 -33.79 23.41 -12.11
N LEU D 239 -33.34 24.49 -11.44
CA LEU D 239 -34.28 25.41 -10.82
C LEU D 239 -35.13 26.11 -11.89
N ILE D 240 -34.52 26.43 -13.03
CA ILE D 240 -35.24 27.04 -14.13
C ILE D 240 -36.30 26.06 -14.64
N LEU D 241 -35.93 24.80 -14.82
CA LEU D 241 -36.87 23.81 -15.30
C LEU D 241 -38.06 23.69 -14.33
N LEU D 242 -37.80 23.70 -13.02
CA LEU D 242 -38.89 23.63 -12.06
C LEU D 242 -39.82 24.84 -12.13
N ILE D 243 -39.28 26.05 -12.30
CA ILE D 243 -40.18 27.18 -12.39
C ILE D 243 -40.95 27.13 -13.70
N LEU D 244 -40.32 26.66 -14.80
CA LEU D 244 -41.05 26.57 -16.05
C LEU D 244 -42.20 25.60 -15.91
N LEU D 245 -42.00 24.47 -15.24
CA LEU D 245 -43.09 23.51 -15.08
C LEU D 245 -44.21 24.09 -14.25
N SER D 246 -43.86 24.84 -13.19
CA SER D 246 -44.88 25.45 -12.35
C SER D 246 -45.68 26.47 -13.15
N TRP D 247 -45.00 27.30 -13.94
CA TRP D 247 -45.68 28.28 -14.75
C TRP D 247 -46.57 27.64 -15.80
N ARG D 248 -46.10 26.57 -16.46
CA ARG D 248 -46.94 25.96 -17.47
C ARG D 248 -48.17 25.40 -16.82
N SER D 249 -48.05 24.82 -15.63
CA SER D 249 -49.21 24.25 -14.97
C SER D 249 -50.26 25.34 -14.74
N GLU D 250 -49.83 26.50 -14.24
CA GLU D 250 -50.78 27.56 -13.99
C GLU D 250 -51.43 28.07 -15.28
N GLU D 251 -50.64 28.21 -16.34
CA GLU D 251 -51.15 28.71 -17.62
C GLU D 251 -52.11 27.75 -18.29
N LEU D 252 -51.81 26.45 -18.26
CA LEU D 252 -52.63 25.47 -18.96
C LEU D 252 -53.98 25.34 -18.28
N ILE D 253 -53.98 25.36 -16.96
CA ILE D 253 -55.24 25.28 -16.25
C ILE D 253 -55.99 26.57 -16.36
N ARG D 254 -55.32 27.71 -16.18
CA ARG D 254 -56.02 28.97 -16.25
C ARG D 254 -56.72 29.15 -17.59
N GLU D 255 -56.08 28.80 -18.70
CA GLU D 255 -56.77 28.97 -19.96
C GLU D 255 -58.05 28.16 -20.00
N LEU D 256 -57.99 26.91 -19.56
CA LEU D 256 -59.15 26.06 -19.62
C LEU D 256 -60.25 26.50 -18.67
N GLU D 257 -59.89 26.93 -17.46
CA GLU D 257 -60.89 27.36 -16.49
C GLU D 257 -61.58 28.64 -16.93
N GLU D 258 -60.83 29.57 -17.52
CA GLU D 258 -61.40 30.83 -17.99
C GLU D 258 -62.36 30.59 -19.14
N LYS D 259 -62.02 29.66 -20.02
CA LYS D 259 -62.86 29.35 -21.16
C LYS D 259 -63.99 28.35 -20.87
N GLY D 260 -63.83 27.51 -19.84
CA GLY D 260 -64.82 26.47 -19.59
C GLY D 260 -64.61 25.37 -20.61
N ALA D 261 -63.35 25.23 -21.02
CA ALA D 261 -62.93 24.29 -22.05
C ALA D 261 -62.61 22.89 -21.55
N ALA D 262 -62.75 22.66 -20.26
CA ALA D 262 -62.50 21.35 -19.67
C ALA D 262 -63.39 21.19 -18.46
N SER D 263 -63.81 19.96 -18.18
CA SER D 263 -64.61 19.69 -17.00
C SER D 263 -63.71 19.70 -15.80
N GLU D 264 -64.28 19.78 -14.60
CA GLU D 264 -63.42 19.77 -13.44
C GLU D 264 -62.66 18.47 -13.33
N ALA D 265 -63.29 17.35 -13.71
CA ALA D 265 -62.62 16.06 -13.64
C ALA D 265 -61.43 16.05 -14.57
N GLU D 266 -61.59 16.63 -15.76
CA GLU D 266 -60.49 16.68 -16.71
C GLU D 266 -59.37 17.54 -16.16
N LEU D 267 -59.73 18.66 -15.55
CA LEU D 267 -58.76 19.54 -14.99
C LEU D 267 -58.05 18.90 -13.81
N ALA D 268 -58.76 18.16 -12.98
CA ALA D 268 -58.12 17.51 -11.85
C ALA D 268 -57.07 16.53 -12.33
N ARG D 269 -57.37 15.81 -13.42
CA ARG D 269 -56.40 14.88 -13.96
C ARG D 269 -55.18 15.64 -14.48
N MET D 270 -55.42 16.76 -15.17
CA MET D 270 -54.32 17.56 -15.70
C MET D 270 -53.48 18.11 -14.57
N LYS D 271 -54.11 18.55 -13.48
CA LYS D 271 -53.40 19.11 -12.34
C LYS D 271 -52.48 18.06 -11.76
N GLN D 272 -52.94 16.80 -11.67
CA GLN D 272 -52.02 15.77 -11.19
C GLN D 272 -50.90 15.51 -12.19
N GLN D 273 -51.19 15.57 -13.49
CA GLN D 273 -50.15 15.34 -14.49
C GLN D 273 -49.09 16.44 -14.43
N HIS D 274 -49.54 17.67 -14.17
CA HIS D 274 -48.65 18.80 -14.11
C HIS D 274 -47.79 18.72 -12.86
N MET D 275 -48.41 18.31 -11.73
CA MET D 275 -47.69 18.18 -10.48
C MET D 275 -46.77 16.99 -10.53
N THR D 276 -47.15 15.95 -11.27
CA THR D 276 -46.31 14.78 -11.43
C THR D 276 -45.08 15.17 -12.23
N ALA D 277 -45.22 15.97 -13.30
CA ALA D 277 -44.04 16.39 -14.03
C ALA D 277 -43.13 17.25 -13.13
N TYR D 278 -43.74 18.11 -12.29
CA TYR D 278 -43.01 18.94 -11.34
C TYR D 278 -42.21 18.05 -10.42
N LEU D 279 -42.88 17.01 -9.92
CA LEU D 279 -42.30 16.01 -9.06
C LEU D 279 -41.13 15.32 -9.72
N GLN D 280 -41.29 14.86 -10.96
CA GLN D 280 -40.20 14.15 -11.58
C GLN D 280 -38.96 15.05 -11.68
N ALA D 281 -39.19 16.33 -12.01
CA ALA D 281 -38.09 17.25 -12.12
C ALA D 281 -37.42 17.51 -10.79
N ALA D 282 -38.24 17.66 -9.75
CA ALA D 282 -37.73 17.97 -8.43
C ALA D 282 -36.95 16.84 -7.84
N LEU D 283 -37.43 15.62 -8.04
CA LEU D 283 -36.78 14.50 -7.44
C LEU D 283 -35.41 14.30 -8.08
N THR D 284 -35.36 14.48 -9.40
CA THR D 284 -34.11 14.31 -10.11
C THR D 284 -33.14 15.43 -9.77
N ALA D 285 -33.61 16.67 -9.70
CA ALA D 285 -32.68 17.75 -9.41
C ALA D 285 -31.96 17.52 -8.12
N TRP D 286 -32.67 17.02 -7.13
CA TRP D 286 -32.09 16.77 -5.85
C TRP D 286 -31.10 15.60 -5.92
N GLU D 287 -31.42 14.55 -6.68
CA GLU D 287 -30.48 13.45 -6.85
C GLU D 287 -29.19 13.90 -7.52
N ILE D 288 -29.32 14.75 -8.54
CA ILE D 288 -28.14 15.19 -9.26
C ILE D 288 -27.30 16.09 -8.37
N ILE D 289 -27.91 16.96 -7.58
CA ILE D 289 -27.12 17.79 -6.70
C ILE D 289 -26.29 16.91 -5.76
N SER D 290 -26.89 15.84 -5.21
CA SER D 290 -26.13 14.94 -4.36
C SER D 290 -24.94 14.34 -5.13
N LYS D 291 -25.16 13.91 -6.38
CA LYS D 291 -24.08 13.37 -7.22
C LYS D 291 -23.00 14.41 -7.51
N SER D 292 -23.40 15.68 -7.69
CA SER D 292 -22.50 16.78 -7.94
C SER D 292 -21.58 16.98 -6.73
N VAL D 293 -22.15 16.85 -5.53
CA VAL D 293 -21.36 16.94 -4.32
C VAL D 293 -20.34 15.83 -4.29
N ILE D 294 -20.74 14.62 -4.66
CA ILE D 294 -19.77 13.54 -4.65
C ILE D 294 -18.65 13.82 -5.64
N ALA D 295 -18.94 14.29 -6.85
CA ALA D 295 -17.82 14.56 -7.74
C ALA D 295 -16.83 15.55 -7.09
N LEU D 296 -17.34 16.55 -6.38
CA LEU D 296 -16.44 17.48 -5.70
C LEU D 296 -15.71 16.82 -4.52
N LEU D 297 -16.33 15.88 -3.79
CA LEU D 297 -15.59 15.30 -2.68
C LEU D 297 -14.48 14.41 -3.23
N LEU D 298 -14.70 13.79 -4.40
CA LEU D 298 -13.67 12.94 -4.98
C LEU D 298 -12.48 13.81 -5.34
N LEU D 299 -12.75 15.01 -5.85
CA LEU D 299 -11.69 15.94 -6.17
C LEU D 299 -11.00 16.47 -4.93
N GLN D 300 -11.77 16.71 -3.87
CA GLN D 300 -11.17 17.21 -2.64
C GLN D 300 -10.24 16.14 -2.06
N GLN D 301 -10.63 14.86 -2.17
CA GLN D 301 -9.80 13.76 -1.66
C GLN D 301 -8.50 13.69 -2.47
N ASN D 302 -8.59 13.90 -3.78
CA ASN D 302 -7.43 13.88 -4.65
C ASN D 302 -6.47 15.02 -4.32
N GLN D 303 -7.02 16.22 -4.13
CA GLN D 303 -6.20 17.38 -3.83
C GLN D 303 -5.53 17.21 -2.48
N LEU D 304 -6.26 16.64 -1.52
CA LEU D 304 -5.74 16.44 -0.19
C LEU D 304 -4.56 15.52 -0.22
N ASN D 305 -4.68 14.40 -0.94
CA ASN D 305 -3.56 13.48 -0.94
C ASN D 305 -2.36 14.06 -1.67
N LEU D 306 -2.56 14.88 -2.70
CA LEU D 306 -1.39 15.51 -3.32
C LEU D 306 -0.72 16.51 -2.39
N GLU D 307 -1.51 17.39 -1.77
CA GLU D 307 -0.93 18.41 -0.90
C GLU D 307 -0.26 17.76 0.29
N LEU D 308 -0.88 16.71 0.84
CA LEU D 308 -0.37 16.02 1.99
C LEU D 308 0.93 15.27 1.72
N ARG D 309 1.02 14.59 0.56
CA ARG D 309 2.20 13.80 0.22
C ARG D 309 3.37 14.58 -0.36
N HIS D 310 3.11 15.72 -1.00
CA HIS D 310 4.10 16.57 -1.68
C HIS D 310 5.35 15.79 -2.13
N GLU E 1 37.34 -33.68 -30.96
CA GLU E 1 37.94 -34.09 -32.23
C GLU E 1 38.15 -32.92 -33.20
N GLU E 2 38.71 -33.25 -34.36
CA GLU E 2 39.07 -32.31 -35.40
C GLU E 2 37.90 -31.59 -36.04
N PHE E 3 36.78 -32.28 -36.23
CA PHE E 3 35.66 -31.61 -36.86
C PHE E 3 35.17 -30.45 -36.03
N MET E 4 34.97 -30.68 -34.76
CA MET E 4 34.43 -29.66 -33.89
C MET E 4 35.44 -28.50 -33.81
N ALA E 5 36.73 -28.84 -33.70
CA ALA E 5 37.76 -27.81 -33.59
C ALA E 5 37.86 -26.96 -34.86
N ARG E 6 37.78 -27.61 -36.03
CA ARG E 6 37.85 -26.89 -37.27
C ARG E 6 36.58 -26.14 -37.51
N ALA E 7 35.45 -26.72 -37.14
CA ALA E 7 34.20 -26.04 -37.37
C ALA E 7 34.19 -24.70 -36.67
N ILE E 8 34.73 -24.58 -35.45
CA ILE E 8 34.68 -23.23 -34.90
C ILE E 8 35.48 -22.26 -35.74
N SER E 9 36.68 -22.67 -36.14
CA SER E 9 37.46 -21.75 -36.94
C SER E 9 36.82 -21.48 -38.29
N ALA E 10 36.27 -22.50 -38.93
CA ALA E 10 35.66 -22.39 -40.25
C ALA E 10 34.41 -21.54 -40.24
N ILE E 11 33.62 -21.66 -39.19
CA ILE E 11 32.38 -20.92 -39.07
C ILE E 11 32.72 -19.44 -38.94
N ALA E 12 33.65 -19.13 -38.03
CA ALA E 12 34.04 -17.75 -37.85
C ALA E 12 34.80 -17.21 -39.04
N GLU E 13 35.62 -18.04 -39.68
CA GLU E 13 36.42 -17.62 -40.81
C GLU E 13 35.56 -17.21 -41.97
N LEU E 14 34.54 -17.98 -42.28
CA LEU E 14 33.72 -17.63 -43.40
C LEU E 14 32.91 -16.37 -43.11
N ALA E 15 32.36 -16.26 -41.89
CA ALA E 15 31.60 -15.06 -41.60
C ALA E 15 32.50 -13.85 -41.54
N LYS E 16 33.69 -14.00 -40.95
CA LYS E 16 34.62 -12.91 -40.79
C LYS E 16 35.06 -12.35 -42.12
N LYS E 17 35.38 -13.23 -43.09
CA LYS E 17 35.79 -12.75 -44.39
C LYS E 17 34.66 -12.02 -45.09
N ALA E 18 33.44 -12.57 -44.99
CA ALA E 18 32.30 -11.93 -45.60
C ALA E 18 32.00 -10.57 -44.95
N ILE E 19 32.19 -10.47 -43.62
CA ILE E 19 31.99 -9.23 -42.87
C ILE E 19 32.98 -8.20 -43.30
N GLU E 20 34.26 -8.58 -43.37
CA GLU E 20 35.27 -7.63 -43.77
C GLU E 20 35.03 -7.15 -45.19
N ALA E 21 34.68 -8.05 -46.10
CA ALA E 21 34.47 -7.65 -47.47
C ALA E 21 33.29 -6.70 -47.65
N ILE E 22 32.17 -6.96 -46.97
CA ILE E 22 31.03 -6.08 -47.17
C ILE E 22 31.26 -4.76 -46.42
N TYR E 23 31.89 -4.84 -45.24
CA TYR E 23 32.24 -3.65 -44.50
C TYR E 23 33.19 -2.77 -45.27
N ARG E 24 34.26 -3.34 -45.82
CA ARG E 24 35.23 -2.55 -46.54
C ARG E 24 34.58 -1.81 -47.70
N LEU E 25 33.70 -2.47 -48.44
CA LEU E 25 33.07 -1.75 -49.54
C LEU E 25 32.24 -0.59 -49.00
N ALA E 26 31.49 -0.85 -47.93
CA ALA E 26 30.65 0.15 -47.31
C ALA E 26 31.45 1.28 -46.69
N ASP E 27 32.65 0.98 -46.19
CA ASP E 27 33.51 1.97 -45.56
C ASP E 27 34.04 2.93 -46.64
N ASN E 28 34.32 2.38 -47.84
CA ASN E 28 34.81 3.18 -48.96
C ASN E 28 33.69 4.04 -49.57
N HIS E 29 32.46 3.53 -49.52
CA HIS E 29 31.28 4.23 -50.04
C HIS E 29 30.76 5.33 -49.12
N THR E 30 30.10 6.32 -49.71
CA THR E 30 29.47 7.38 -48.93
C THR E 30 27.94 7.27 -48.95
N THR E 31 27.46 6.25 -49.66
CA THR E 31 26.04 5.98 -49.84
C THR E 31 25.45 5.33 -48.59
N ASP E 32 24.35 5.86 -48.11
CA ASP E 32 23.70 5.40 -46.89
C ASP E 32 23.10 4.02 -47.01
N THR E 33 22.61 3.75 -48.19
CA THR E 33 21.98 2.51 -48.58
C THR E 33 22.99 1.38 -48.55
N PHE E 34 24.22 1.66 -49.01
CA PHE E 34 25.26 0.65 -49.08
C PHE E 34 25.77 0.38 -47.68
N MET E 35 25.86 1.44 -46.87
CA MET E 35 26.29 1.24 -45.51
C MET E 35 25.27 0.39 -44.78
N ALA E 36 23.98 0.66 -45.01
CA ALA E 36 22.92 -0.11 -44.39
C ALA E 36 22.94 -1.56 -44.84
N LYS E 37 23.23 -1.81 -46.13
CA LYS E 37 23.32 -3.18 -46.63
C LYS E 37 24.40 -3.92 -45.89
N ALA E 38 25.57 -3.29 -45.72
CA ALA E 38 26.63 -3.96 -44.99
C ALA E 38 26.22 -4.19 -43.56
N ILE E 39 25.52 -3.26 -42.96
CA ILE E 39 25.12 -3.45 -41.58
C ILE E 39 24.21 -4.65 -41.39
N GLU E 40 23.22 -4.79 -42.26
CA GLU E 40 22.33 -5.92 -42.14
C GLU E 40 23.05 -7.23 -42.49
N ALA E 41 23.90 -7.21 -43.55
CA ALA E 41 24.63 -8.40 -43.95
C ALA E 41 25.58 -8.86 -42.85
N ILE E 42 26.22 -7.90 -42.18
CA ILE E 42 27.15 -8.19 -41.13
C ILE E 42 26.44 -8.81 -39.97
N ALA E 43 25.27 -8.27 -39.59
CA ALA E 43 24.56 -8.89 -38.51
C ALA E 43 24.18 -10.31 -38.88
N GLU E 44 23.77 -10.58 -40.12
CA GLU E 44 23.40 -11.97 -40.38
C GLU E 44 24.60 -12.91 -40.33
N LEU E 45 25.74 -12.46 -40.84
CA LEU E 45 26.94 -13.27 -40.86
C LEU E 45 27.50 -13.58 -39.49
N ALA E 46 27.58 -12.55 -38.63
CA ALA E 46 28.13 -12.77 -37.31
C ALA E 46 27.09 -13.45 -36.44
N LYS E 47 25.80 -13.14 -36.63
CA LYS E 47 24.80 -13.73 -35.75
C LYS E 47 24.77 -15.23 -35.89
N GLU E 48 24.81 -15.73 -37.13
CA GLU E 48 24.77 -17.16 -37.31
C GLU E 48 26.08 -17.78 -36.87
N ALA E 49 27.21 -17.15 -37.19
CA ALA E 49 28.48 -17.72 -36.82
C ALA E 49 28.66 -17.78 -35.30
N ILE E 50 28.21 -16.74 -34.59
CA ILE E 50 28.35 -16.69 -33.16
C ILE E 50 27.49 -17.73 -32.49
N LYS E 51 26.23 -17.86 -32.92
CA LYS E 51 25.38 -18.86 -32.30
C LYS E 51 25.91 -20.27 -32.54
N ALA E 52 26.35 -20.55 -33.77
CA ALA E 52 26.82 -21.90 -34.07
C ALA E 52 28.06 -22.24 -33.27
N ILE E 53 28.97 -21.29 -33.11
CA ILE E 53 30.20 -21.50 -32.36
C ILE E 53 29.95 -21.65 -30.89
N ALA E 54 29.12 -20.78 -30.33
CA ALA E 54 28.87 -20.83 -28.92
C ALA E 54 28.26 -22.15 -28.50
N ASP E 55 27.34 -22.69 -29.31
CA ASP E 55 26.75 -23.96 -28.94
C ASP E 55 27.68 -25.11 -29.23
N LEU E 56 28.49 -25.01 -30.25
CA LEU E 56 29.38 -26.10 -30.53
C LEU E 56 30.35 -26.26 -29.35
N ALA E 57 30.98 -25.16 -28.94
CA ALA E 57 31.97 -25.17 -27.88
C ALA E 57 31.43 -25.56 -26.51
N LYS E 58 30.17 -25.24 -26.24
CA LYS E 58 29.57 -25.55 -24.95
C LYS E 58 29.19 -27.00 -24.80
N ASN E 59 29.40 -27.79 -25.85
CA ASN E 59 29.15 -29.21 -25.80
C ASN E 59 30.44 -30.00 -25.57
N HIS E 60 31.48 -29.27 -25.15
CA HIS E 60 32.78 -29.82 -24.81
C HIS E 60 33.12 -29.55 -23.34
N THR E 61 34.03 -30.37 -22.82
CA THR E 61 34.46 -30.31 -21.43
C THR E 61 35.87 -29.75 -21.26
N THR E 62 36.39 -29.14 -22.32
CA THR E 62 37.76 -28.63 -22.31
C THR E 62 37.94 -27.20 -22.77
N GLU E 63 39.04 -26.63 -22.26
CA GLU E 63 39.48 -25.28 -22.52
C GLU E 63 39.83 -25.10 -23.97
N GLU E 64 40.10 -26.18 -24.70
CA GLU E 64 40.37 -26.01 -26.11
C GLU E 64 39.18 -25.36 -26.79
N PHE E 65 37.98 -25.80 -26.44
CA PHE E 65 36.79 -25.31 -27.07
C PHE E 65 36.36 -23.98 -26.56
N MET E 66 36.47 -23.78 -25.25
CA MET E 66 36.10 -22.46 -24.80
C MET E 66 37.10 -21.47 -25.40
N ALA E 67 38.38 -21.86 -25.52
CA ALA E 67 39.36 -20.93 -26.07
C ALA E 67 39.07 -20.58 -27.51
N ARG E 68 38.71 -21.59 -28.32
CA ARG E 68 38.44 -21.33 -29.71
C ARG E 68 37.23 -20.46 -29.90
N ALA E 69 36.19 -20.73 -29.12
CA ALA E 69 34.95 -19.99 -29.22
C ALA E 69 35.06 -18.60 -28.61
N ILE E 70 35.81 -18.41 -27.54
CA ILE E 70 35.92 -17.07 -26.98
C ILE E 70 36.63 -16.20 -27.97
N SER E 71 37.75 -16.68 -28.52
CA SER E 71 38.45 -15.86 -29.48
C SER E 71 37.64 -15.68 -30.76
N ALA E 72 37.00 -16.75 -31.26
CA ALA E 72 36.24 -16.63 -32.50
C ALA E 72 35.06 -15.68 -32.37
N ILE E 73 34.36 -15.75 -31.24
CA ILE E 73 33.21 -14.89 -31.04
C ILE E 73 33.64 -13.50 -30.74
N ALA E 74 34.63 -13.32 -29.88
CA ALA E 74 35.04 -11.98 -29.58
C ALA E 74 35.52 -11.29 -30.86
N GLU E 75 36.22 -11.99 -31.77
CA GLU E 75 36.60 -11.32 -33.00
C GLU E 75 35.41 -11.07 -33.92
N LEU E 76 34.48 -12.02 -34.05
CA LEU E 76 33.35 -11.78 -34.95
C LEU E 76 32.51 -10.66 -34.45
N ALA E 77 32.27 -10.66 -33.14
CA ALA E 77 31.45 -9.68 -32.51
C ALA E 77 32.04 -8.31 -32.51
N ARG E 78 33.34 -8.19 -32.28
CA ARG E 78 33.90 -6.87 -32.24
C ARG E 78 34.13 -6.36 -33.64
N LYS E 79 34.44 -7.25 -34.59
CA LYS E 79 34.62 -6.76 -35.94
C LYS E 79 33.28 -6.31 -36.46
N ALA E 80 32.24 -7.10 -36.20
CA ALA E 80 30.93 -6.79 -36.66
C ALA E 80 30.35 -5.54 -36.00
N ILE E 81 30.55 -5.36 -34.68
CA ILE E 81 30.02 -4.16 -34.06
C ILE E 81 30.79 -2.95 -34.50
N ASP E 82 32.13 -3.03 -34.57
CA ASP E 82 32.89 -1.88 -35.00
C ASP E 82 32.53 -1.55 -36.44
N ALA E 83 32.34 -2.57 -37.28
CA ALA E 83 31.98 -2.32 -38.66
C ALA E 83 30.60 -1.66 -38.73
N ILE E 84 29.65 -2.15 -37.94
CA ILE E 84 28.33 -1.60 -37.96
C ILE E 84 28.30 -0.18 -37.45
N TYR E 85 28.98 0.09 -36.34
CA TYR E 85 29.03 1.40 -35.72
C TYR E 85 29.76 2.41 -36.64
N ARG E 86 30.88 2.00 -37.25
CA ARG E 86 31.60 2.91 -38.13
C ARG E 86 30.74 3.38 -39.29
N LEU E 87 29.87 2.50 -39.78
CA LEU E 87 29.00 2.85 -40.88
C LEU E 87 27.70 3.49 -40.37
N ALA E 88 27.18 3.03 -39.24
CA ALA E 88 25.91 3.49 -38.69
C ALA E 88 25.91 4.95 -38.31
N ARG E 89 27.05 5.42 -37.84
CA ARG E 89 27.20 6.79 -37.37
C ARG E 89 27.12 7.78 -38.53
N ASN E 90 27.20 7.28 -39.76
CA ASN E 90 27.15 8.13 -40.93
C ASN E 90 25.78 8.12 -41.62
N HIS E 91 24.77 7.55 -40.97
CA HIS E 91 23.44 7.53 -41.59
C HIS E 91 22.71 8.85 -41.48
N THR E 92 21.86 9.10 -42.48
CA THR E 92 21.02 10.27 -42.52
C THR E 92 19.51 9.97 -42.45
N THR E 93 19.11 8.69 -42.57
CA THR E 93 17.68 8.37 -42.59
C THR E 93 17.29 7.53 -41.39
N ASP E 94 15.98 7.49 -41.12
CA ASP E 94 15.45 6.72 -40.00
C ASP E 94 15.58 5.23 -40.24
N THR E 95 15.40 4.82 -41.49
CA THR E 95 15.41 3.42 -41.83
C THR E 95 16.76 2.81 -41.58
N PHE E 96 17.80 3.51 -41.99
CA PHE E 96 19.11 2.94 -41.88
C PHE E 96 19.62 3.01 -40.44
N MET E 97 19.29 4.09 -39.72
CA MET E 97 19.69 4.17 -38.33
C MET E 97 19.00 3.06 -37.55
N ALA E 98 17.69 2.82 -37.84
CA ALA E 98 16.94 1.79 -37.17
C ALA E 98 17.51 0.39 -37.47
N LYS E 99 17.99 0.15 -38.71
CA LYS E 99 18.59 -1.13 -39.02
C LYS E 99 19.84 -1.31 -38.20
N ALA E 100 20.63 -0.24 -38.06
CA ALA E 100 21.82 -0.33 -37.24
C ALA E 100 21.45 -0.58 -35.79
N ILE E 101 20.38 0.03 -35.29
CA ILE E 101 20.04 -0.21 -33.89
C ILE E 101 19.78 -1.69 -33.64
N GLU E 102 19.01 -2.32 -34.52
CA GLU E 102 18.76 -3.74 -34.32
C GLU E 102 20.02 -4.57 -34.58
N ALA E 103 20.78 -4.24 -35.63
CA ALA E 103 21.96 -5.02 -35.99
C ALA E 103 23.02 -5.02 -34.90
N ILE E 104 23.16 -3.87 -34.25
CA ILE E 104 24.14 -3.70 -33.20
C ILE E 104 23.74 -4.53 -31.98
N ALA E 105 22.49 -4.45 -31.55
CA ALA E 105 22.08 -5.22 -30.41
C ALA E 105 22.02 -6.70 -30.66
N GLU E 106 21.61 -7.13 -31.86
CA GLU E 106 21.52 -8.56 -32.05
C GLU E 106 22.87 -9.19 -31.88
N LEU E 107 23.92 -8.55 -32.39
CA LEU E 107 25.20 -9.16 -32.25
C LEU E 107 25.86 -8.93 -30.92
N ALA E 108 25.73 -7.73 -30.35
CA ALA E 108 26.41 -7.54 -29.09
C ALA E 108 25.75 -8.43 -28.04
N LYS E 109 24.43 -8.51 -28.05
CA LYS E 109 23.77 -9.33 -27.05
C LYS E 109 24.16 -10.80 -27.19
N GLU E 110 24.12 -11.36 -28.40
CA GLU E 110 24.46 -12.77 -28.55
C GLU E 110 25.91 -13.03 -28.27
N ALA E 111 26.79 -12.12 -28.71
CA ALA E 111 28.19 -12.29 -28.50
C ALA E 111 28.58 -12.22 -27.07
N ILE E 112 28.02 -11.29 -26.35
CA ILE E 112 28.37 -11.10 -24.96
C ILE E 112 27.95 -12.28 -24.15
N LYS E 113 26.73 -12.75 -24.39
CA LYS E 113 26.26 -13.88 -23.65
C LYS E 113 27.16 -15.06 -23.96
N ALA E 114 27.49 -15.29 -25.24
CA ALA E 114 28.34 -16.42 -25.57
C ALA E 114 29.75 -16.32 -25.02
N ILE E 115 30.37 -15.15 -25.10
CA ILE E 115 31.74 -14.98 -24.67
C ILE E 115 31.84 -15.28 -23.20
N ALA E 116 30.92 -14.73 -22.41
CA ALA E 116 30.99 -15.01 -21.00
C ALA E 116 30.56 -16.42 -20.69
N ASP E 117 29.56 -16.97 -21.37
CA ASP E 117 29.11 -18.31 -21.01
C ASP E 117 30.23 -19.33 -21.19
N LEU E 118 31.08 -19.09 -22.18
CA LEU E 118 32.24 -19.92 -22.43
C LEU E 118 33.34 -19.62 -21.40
N ALA E 119 33.63 -18.34 -21.13
CA ALA E 119 34.69 -17.98 -20.21
C ALA E 119 34.37 -18.39 -18.77
N LYS E 120 33.10 -18.38 -18.42
CA LYS E 120 32.58 -18.74 -17.10
C LYS E 120 32.78 -20.21 -16.76
N ASN E 121 33.16 -21.03 -17.75
CA ASN E 121 33.32 -22.45 -17.54
C ASN E 121 34.77 -22.85 -17.27
N HIS E 122 35.64 -21.88 -17.00
CA HIS E 122 37.02 -22.21 -16.68
C HIS E 122 37.61 -21.06 -15.85
N THR E 123 38.51 -21.38 -14.93
CA THR E 123 39.12 -20.34 -14.12
C THR E 123 40.36 -19.66 -14.73
N THR E 124 40.85 -20.15 -15.87
CA THR E 124 42.05 -19.52 -16.44
C THR E 124 41.86 -18.04 -16.69
N GLU E 125 42.91 -17.29 -16.35
CA GLU E 125 42.96 -15.85 -16.49
C GLU E 125 42.89 -15.42 -17.94
N ASP E 126 43.19 -16.34 -18.87
CA ASP E 126 43.12 -16.01 -20.28
C ASP E 126 41.68 -15.86 -20.73
N PHE E 127 40.76 -16.61 -20.14
CA PHE E 127 39.38 -16.50 -20.56
C PHE E 127 38.79 -15.34 -19.85
N MET E 128 39.16 -15.18 -18.58
CA MET E 128 38.62 -14.07 -17.83
C MET E 128 39.06 -12.76 -18.43
N ASP E 129 40.33 -12.61 -18.75
CA ASP E 129 40.75 -11.32 -19.27
C ASP E 129 40.21 -11.05 -20.65
N GLU E 130 40.19 -12.06 -21.55
CA GLU E 130 39.70 -11.77 -22.88
C GLU E 130 38.22 -11.48 -22.83
N ALA E 131 37.47 -12.24 -22.04
CA ALA E 131 36.05 -12.05 -21.96
C ALA E 131 35.67 -10.75 -21.22
N ILE E 132 36.37 -10.39 -20.14
CA ILE E 132 35.98 -9.17 -19.44
C ILE E 132 36.26 -7.99 -20.32
N SER E 133 37.45 -7.95 -20.93
CA SER E 133 37.82 -6.87 -21.80
C SER E 133 36.95 -6.81 -23.03
N ALA E 134 36.72 -7.95 -23.70
CA ALA E 134 35.93 -7.96 -24.91
C ALA E 134 34.53 -7.51 -24.65
N ILE E 135 33.95 -7.93 -23.53
CA ILE E 135 32.61 -7.56 -23.22
C ILE E 135 32.50 -6.14 -22.75
N ALA E 136 33.37 -5.67 -21.87
CA ALA E 136 33.18 -4.30 -21.45
C ALA E 136 33.28 -3.36 -22.66
N GLU E 137 34.20 -3.61 -23.60
CA GLU E 137 34.26 -2.74 -24.76
C GLU E 137 33.10 -2.95 -25.73
N LEU E 138 32.71 -4.20 -25.96
CA LEU E 138 31.65 -4.53 -26.90
C LEU E 138 30.32 -4.04 -26.40
N ALA E 139 30.04 -4.27 -25.12
CA ALA E 139 28.80 -3.86 -24.51
C ALA E 139 28.63 -2.39 -24.52
N ARG E 140 29.69 -1.66 -24.19
CA ARG E 140 29.54 -0.23 -24.13
C ARG E 140 29.46 0.37 -25.50
N LYS E 141 30.27 -0.10 -26.46
CA LYS E 141 30.16 0.48 -27.79
C LYS E 141 28.82 0.19 -28.40
N ALA E 142 28.32 -1.01 -28.20
CA ALA E 142 27.04 -1.33 -28.78
C ALA E 142 25.94 -0.45 -28.18
N ILE E 143 25.96 -0.25 -26.86
CA ILE E 143 24.94 0.58 -26.23
C ILE E 143 25.05 2.03 -26.61
N GLU E 144 26.26 2.56 -26.56
CA GLU E 144 26.51 3.93 -26.87
C GLU E 144 26.17 4.21 -28.32
N ALA E 145 26.49 3.28 -29.23
CA ALA E 145 26.16 3.48 -30.63
C ALA E 145 24.66 3.55 -30.82
N ILE E 146 23.93 2.68 -30.12
CA ILE E 146 22.48 2.67 -30.24
C ILE E 146 21.84 3.90 -29.66
N LEU E 147 22.29 4.31 -28.49
CA LEU E 147 21.70 5.45 -27.85
C LEU E 147 21.99 6.70 -28.67
N ARG E 148 23.19 6.80 -29.24
CA ARG E 148 23.52 7.96 -30.04
C ARG E 148 22.71 7.97 -31.34
N LEU E 149 22.46 6.81 -31.96
CA LEU E 149 21.61 6.81 -33.16
C LEU E 149 20.20 7.25 -32.76
N ALA E 150 19.76 6.79 -31.60
CA ALA E 150 18.45 7.11 -31.06
C ALA E 150 18.31 8.59 -30.77
N SER E 151 19.39 9.25 -30.39
CA SER E 151 19.34 10.66 -30.05
C SER E 151 18.96 11.53 -31.26
N ASN E 152 19.07 10.97 -32.48
CA ASN E 152 18.72 11.71 -33.67
C ASN E 152 17.32 11.31 -34.14
N LEU E 153 16.72 10.38 -33.40
CA LEU E 153 15.42 9.79 -33.65
C LEU E 153 14.66 9.75 -32.33
N THR E 154 14.15 10.88 -31.89
CA THR E 154 13.64 10.96 -30.53
C THR E 154 12.17 10.61 -30.34
N SER E 155 11.50 10.22 -31.43
CA SER E 155 10.10 9.81 -31.33
C SER E 155 10.06 8.44 -30.65
N GLU E 156 8.90 8.03 -30.15
CA GLU E 156 8.86 6.73 -29.48
C GLU E 156 9.22 5.55 -30.36
N THR E 157 8.86 5.59 -31.64
CA THR E 157 9.12 4.45 -32.49
C THR E 157 10.59 4.03 -32.43
N TYR E 158 11.49 4.99 -32.52
CA TYR E 158 12.89 4.64 -32.58
C TYR E 158 13.53 4.67 -31.22
N MET E 159 13.06 5.52 -30.31
CA MET E 159 13.66 5.60 -29.00
C MET E 159 13.34 4.32 -28.25
N ARG E 160 12.17 3.72 -28.52
CA ARG E 160 11.81 2.45 -27.91
C ARG E 160 12.62 1.33 -28.52
N LYS E 161 12.80 1.32 -29.86
CA LYS E 161 13.65 0.25 -30.40
C LYS E 161 15.02 0.36 -29.79
N ALA E 162 15.51 1.59 -29.65
CA ALA E 162 16.80 1.79 -29.06
C ALA E 162 16.86 1.38 -27.62
N GLN E 163 15.83 1.71 -26.84
CA GLN E 163 15.87 1.32 -25.44
C GLN E 163 15.82 -0.16 -25.27
N GLU E 164 15.00 -0.85 -26.06
CA GLU E 164 14.92 -2.29 -25.94
C GLU E 164 16.21 -2.91 -26.39
N ALA E 165 16.81 -2.37 -27.46
CA ALA E 165 18.05 -2.87 -27.98
C ALA E 165 19.16 -2.73 -26.93
N ILE E 166 19.15 -1.60 -26.22
CA ILE E 166 20.08 -1.32 -25.14
C ILE E 166 19.86 -2.18 -23.94
N GLU E 167 18.62 -2.33 -23.49
CA GLU E 167 18.37 -3.14 -22.32
C GLU E 167 18.79 -4.58 -22.56
N LYS E 168 18.51 -5.11 -23.75
CA LYS E 168 18.90 -6.49 -23.99
C LYS E 168 20.43 -6.65 -23.92
N ILE E 169 21.18 -5.69 -24.50
CA ILE E 169 22.63 -5.76 -24.44
C ILE E 169 23.08 -5.56 -23.02
N ALA E 170 22.54 -4.51 -22.39
CA ALA E 170 22.93 -4.08 -21.09
C ALA E 170 22.70 -5.08 -20.00
N ARG E 171 21.59 -5.79 -20.02
CA ARG E 171 21.43 -6.76 -18.96
C ARG E 171 22.35 -7.93 -19.23
N THR E 172 22.51 -8.30 -20.50
CA THR E 172 23.37 -9.42 -20.80
C THR E 172 24.79 -9.09 -20.35
N ALA E 173 25.24 -7.88 -20.68
CA ALA E 173 26.56 -7.38 -20.34
C ALA E 173 26.75 -7.14 -18.88
N GLU E 174 25.76 -6.61 -18.16
CA GLU E 174 25.99 -6.40 -16.75
C GLU E 174 26.31 -7.73 -16.10
N GLU E 175 25.54 -8.75 -16.44
CA GLU E 175 25.74 -10.04 -15.83
C GLU E 175 26.99 -10.71 -16.35
N ALA E 176 27.24 -10.61 -17.65
CA ALA E 176 28.41 -11.25 -18.20
C ALA E 176 29.68 -10.68 -17.58
N ILE E 177 29.71 -9.36 -17.41
CA ILE E 177 30.85 -8.70 -16.84
C ILE E 177 30.97 -9.08 -15.37
N ARG E 178 29.85 -9.07 -14.65
CA ARG E 178 29.83 -9.36 -13.22
C ARG E 178 30.36 -10.71 -12.85
N ASP E 179 29.98 -11.72 -13.59
CA ASP E 179 30.37 -13.05 -13.25
C ASP E 179 31.82 -13.28 -13.61
N LEU E 180 32.24 -12.73 -14.74
CA LEU E 180 33.60 -12.93 -15.15
C LEU E 180 34.53 -12.15 -14.24
N ALA E 181 34.14 -10.94 -13.85
CA ALA E 181 34.95 -10.13 -12.98
C ALA E 181 35.12 -10.80 -11.63
N ARG E 182 34.06 -11.40 -11.10
CA ARG E 182 34.21 -12.00 -9.79
C ARG E 182 35.01 -13.30 -9.82
N ASN E 183 35.09 -13.93 -11.00
CA ASN E 183 35.86 -15.15 -11.10
C ASN E 183 37.35 -14.91 -11.36
N LEU E 184 37.76 -13.65 -11.45
CA LEU E 184 39.16 -13.33 -11.66
C LEU E 184 39.73 -12.64 -10.40
N GLU E 185 40.86 -13.14 -9.91
CA GLU E 185 41.50 -12.64 -8.68
C GLU E 185 42.07 -11.21 -8.75
N ASP E 186 42.18 -10.66 -9.95
CA ASP E 186 42.73 -9.33 -10.11
C ASP E 186 41.69 -8.25 -9.82
N GLN E 187 41.88 -7.55 -8.70
CA GLN E 187 40.93 -6.55 -8.26
C GLN E 187 40.81 -5.42 -9.29
N GLU E 188 41.87 -5.16 -10.08
CA GLU E 188 41.81 -4.10 -11.06
C GLU E 188 40.80 -4.42 -12.14
N ARG E 189 40.65 -5.70 -12.50
CA ARG E 189 39.67 -6.00 -13.53
C ARG E 189 38.31 -5.85 -12.89
N ARG E 190 38.19 -6.21 -11.62
CA ARG E 190 36.92 -6.09 -10.93
C ARG E 190 36.47 -4.64 -10.78
N GLU E 191 37.39 -3.73 -10.49
CA GLU E 191 37.02 -2.33 -10.32
C GLU E 191 36.63 -1.68 -11.63
N ARG E 192 37.36 -2.01 -12.72
CA ARG E 192 37.03 -1.41 -13.99
C ARG E 192 35.73 -2.03 -14.49
N ALA E 193 35.57 -3.33 -14.22
CA ALA E 193 34.37 -4.03 -14.58
C ALA E 193 33.19 -3.45 -13.83
N LYS E 194 33.33 -3.10 -12.55
CA LYS E 194 32.20 -2.53 -11.82
C LYS E 194 31.76 -1.23 -12.45
N SER E 195 32.71 -0.39 -12.87
CA SER E 195 32.31 0.85 -13.50
C SER E 195 31.57 0.57 -14.80
N ALA E 196 32.06 -0.40 -15.58
CA ALA E 196 31.37 -0.73 -16.82
C ALA E 196 29.98 -1.26 -16.53
N ARG E 197 29.84 -2.07 -15.49
CA ARG E 197 28.54 -2.64 -15.19
C ARG E 197 27.55 -1.58 -14.82
N ASP E 198 27.98 -0.60 -14.04
CA ASP E 198 27.05 0.41 -13.63
C ASP E 198 26.66 1.34 -14.77
N GLU E 199 27.58 1.70 -15.68
CA GLU E 199 27.15 2.60 -16.75
C GLU E 199 26.24 1.85 -17.70
N ILE E 200 26.48 0.55 -17.86
CA ILE E 200 25.67 -0.28 -18.74
C ILE E 200 24.25 -0.39 -18.21
N LYS E 201 24.12 -0.68 -16.91
CA LYS E 201 22.81 -0.78 -16.31
C LYS E 201 22.09 0.56 -16.39
N ARG E 202 22.80 1.64 -16.07
CA ARG E 202 22.17 2.93 -16.10
C ARG E 202 21.76 3.34 -17.50
N PHE E 203 22.52 3.04 -18.55
CA PHE E 203 22.05 3.46 -19.86
C PHE E 203 20.66 2.86 -20.13
N ALA E 204 20.49 1.57 -19.79
CA ALA E 204 19.20 0.93 -20.00
C ALA E 204 18.09 1.52 -19.11
N GLU E 205 18.42 1.81 -17.83
CA GLU E 205 17.45 2.35 -16.86
C GLU E 205 17.08 3.80 -17.14
N ASP E 206 18.04 4.57 -17.64
CA ASP E 206 17.83 5.96 -17.97
C ASP E 206 16.87 6.04 -19.14
N ALA E 207 17.15 5.26 -20.19
CA ALA E 207 16.29 5.25 -21.34
C ALA E 207 14.91 4.71 -20.95
N ARG E 208 14.87 3.69 -20.08
CA ARG E 208 13.61 3.12 -19.69
C ARG E 208 12.75 4.10 -18.91
N LYS E 209 13.32 4.79 -17.93
CA LYS E 209 12.47 5.70 -17.18
C LYS E 209 11.98 6.84 -18.02
N LYS E 210 12.83 7.38 -18.89
CA LYS E 210 12.36 8.50 -19.69
C LYS E 210 11.24 8.10 -20.61
N ILE E 211 11.36 6.94 -21.25
CA ILE E 211 10.29 6.60 -22.16
C ILE E 211 9.05 6.23 -21.43
N GLU E 212 9.14 5.37 -20.43
CA GLU E 212 7.91 4.91 -19.82
C GLU E 212 7.14 6.03 -19.16
N VAL E 213 7.80 6.93 -18.44
CA VAL E 213 7.00 7.94 -17.80
C VAL E 213 6.51 8.96 -18.81
N LEU E 214 7.37 9.43 -19.71
CA LEU E 214 6.92 10.47 -20.61
C LEU E 214 5.89 9.94 -21.58
N ALA E 215 6.06 8.70 -22.06
CA ALA E 215 5.11 8.14 -22.99
C ALA E 215 3.75 7.97 -22.33
N LEU E 216 3.75 7.54 -21.07
CA LEU E 216 2.50 7.36 -20.39
C LEU E 216 1.84 8.71 -20.11
N LEU E 217 2.64 9.75 -19.80
CA LEU E 217 2.05 11.06 -19.59
C LEU E 217 1.44 11.58 -20.87
N LYS E 218 2.10 11.35 -22.00
CA LYS E 218 1.55 11.78 -23.26
C LYS E 218 0.26 11.06 -23.57
N ARG E 219 0.18 9.76 -23.29
CA ARG E 219 -1.06 9.06 -23.58
C ARG E 219 -2.17 9.52 -22.68
N SER E 220 -1.87 9.80 -21.40
CA SER E 220 -2.89 10.26 -20.48
C SER E 220 -3.41 11.62 -20.89
N ARG E 221 -2.52 12.52 -21.34
CA ARG E 221 -2.97 13.83 -21.77
C ARG E 221 -3.78 13.75 -23.05
N GLU E 222 -3.35 12.91 -24.00
CA GLU E 222 -4.07 12.78 -25.26
C GLU E 222 -5.42 12.18 -25.03
N TYR E 223 -5.48 11.16 -24.18
CA TYR E 223 -6.71 10.48 -23.89
C TYR E 223 -7.66 11.45 -23.22
N LEU E 224 -7.19 12.21 -22.22
CA LEU E 224 -8.06 13.13 -21.52
C LEU E 224 -8.58 14.18 -22.49
N LYS E 225 -7.70 14.75 -23.35
CA LYS E 225 -8.19 15.73 -24.30
C LYS E 225 -9.25 15.13 -25.21
N LYS E 226 -9.01 13.90 -25.71
CA LYS E 226 -9.97 13.25 -26.59
C LYS E 226 -11.27 13.05 -25.87
N VAL E 227 -11.22 12.68 -24.59
CA VAL E 227 -12.42 12.50 -23.81
C VAL E 227 -13.14 13.81 -23.64
N ALA E 228 -12.43 14.88 -23.33
CA ALA E 228 -13.10 16.14 -23.16
C ALA E 228 -13.80 16.52 -24.48
N LEU E 229 -13.16 16.24 -25.62
CA LEU E 229 -13.77 16.56 -26.91
C LEU E 229 -15.00 15.70 -27.17
N ILE E 230 -14.96 14.42 -26.77
CA ILE E 230 -16.11 13.52 -26.92
C ILE E 230 -17.24 14.04 -26.08
N GLN E 231 -16.92 14.43 -24.85
CA GLN E 231 -17.89 14.94 -23.92
C GLN E 231 -18.50 16.25 -24.38
N LEU E 232 -17.71 17.12 -25.02
CA LEU E 232 -18.28 18.34 -25.57
C LEU E 232 -19.25 17.99 -26.67
N VAL E 233 -18.91 17.01 -27.51
CA VAL E 233 -19.85 16.62 -28.55
C VAL E 233 -21.12 16.14 -27.92
N ILE E 234 -21.02 15.33 -26.86
CA ILE E 234 -22.20 14.85 -26.18
C ILE E 234 -23.00 16.02 -25.60
N ALA E 235 -22.36 16.98 -24.94
CA ALA E 235 -23.11 18.09 -24.39
C ALA E 235 -23.83 18.87 -25.49
N PHE E 236 -23.18 19.03 -26.64
CA PHE E 236 -23.81 19.78 -27.71
C PHE E 236 -24.99 19.04 -28.30
N VAL E 237 -24.89 17.72 -28.46
CA VAL E 237 -26.02 17.01 -29.01
C VAL E 237 -27.19 16.98 -28.02
N PHE E 238 -26.92 16.99 -26.70
CA PHE E 238 -28.03 17.10 -25.74
C PHE E 238 -28.72 18.46 -25.91
N LEU E 239 -27.92 19.52 -26.10
CA LEU E 239 -28.51 20.85 -26.28
C LEU E 239 -29.32 20.90 -27.57
N ILE E 240 -28.85 20.21 -28.62
CA ILE E 240 -29.57 20.14 -29.88
C ILE E 240 -30.90 19.43 -29.65
N LEU E 241 -30.87 18.31 -28.93
CA LEU E 241 -32.09 17.57 -28.67
C LEU E 241 -33.10 18.45 -27.93
N LEU E 242 -32.64 19.22 -26.93
CA LEU E 242 -33.54 20.10 -26.22
C LEU E 242 -34.15 21.18 -27.09
N ILE E 243 -33.38 21.77 -28.00
CA ILE E 243 -33.99 22.78 -28.86
C ILE E 243 -34.94 22.11 -29.84
N LEU E 244 -34.64 20.90 -30.32
CA LEU E 244 -35.55 20.24 -31.23
C LEU E 244 -36.87 19.96 -30.53
N LEU E 245 -36.83 19.53 -29.26
CA LEU E 245 -38.08 19.27 -28.55
C LEU E 245 -38.88 20.55 -28.36
N SER E 246 -38.20 21.65 -28.05
CA SER E 246 -38.89 22.92 -27.87
C SER E 246 -39.55 23.36 -29.17
N TRP E 247 -38.82 23.24 -30.29
CA TRP E 247 -39.37 23.61 -31.58
C TRP E 247 -40.54 22.73 -31.97
N ARG E 248 -40.46 21.42 -31.73
CA ARG E 248 -41.57 20.56 -32.12
C ARG E 248 -42.78 20.94 -31.31
N SER E 249 -42.61 21.26 -30.02
CA SER E 249 -43.74 21.63 -29.20
C SER E 249 -44.46 22.83 -29.79
N GLU E 250 -43.68 23.86 -30.17
CA GLU E 250 -44.30 25.04 -30.73
C GLU E 250 -45.01 24.76 -32.05
N GLU E 251 -44.40 23.95 -32.91
CA GLU E 251 -44.97 23.63 -34.21
C GLU E 251 -46.23 22.79 -34.12
N LEU E 252 -46.24 21.80 -33.23
CA LEU E 252 -47.37 20.90 -33.13
C LEU E 252 -48.59 21.63 -32.59
N ILE E 253 -48.38 22.49 -31.61
CA ILE E 253 -49.48 23.25 -31.08
C ILE E 253 -49.91 24.31 -32.04
N ARG E 254 -48.97 25.04 -32.64
CA ARG E 254 -49.35 26.08 -33.56
C ARG E 254 -50.18 25.56 -34.69
N GLU E 255 -49.84 24.41 -35.27
CA GLU E 255 -50.66 23.91 -36.36
C GLU E 255 -52.09 23.67 -35.91
N LEU E 256 -52.26 23.05 -34.74
CA LEU E 256 -53.59 22.74 -34.27
C LEU E 256 -54.38 23.98 -33.89
N GLU E 257 -53.73 24.97 -33.26
CA GLU E 257 -54.43 26.19 -32.86
C GLU E 257 -54.86 27.00 -34.07
N GLU E 258 -54.01 27.07 -35.10
CA GLU E 258 -54.33 27.82 -36.31
C GLU E 258 -55.50 27.19 -37.04
N LYS E 259 -55.54 25.86 -37.06
CA LYS E 259 -56.60 25.14 -37.74
C LYS E 259 -57.87 24.95 -36.91
N GLY E 260 -57.76 24.97 -35.57
CA GLY E 260 -58.91 24.67 -34.73
C GLY E 260 -59.14 23.17 -34.76
N ALA E 261 -58.03 22.45 -34.93
CA ALA E 261 -58.02 21.00 -35.06
C ALA E 261 -57.97 20.24 -33.75
N ALA E 262 -57.95 20.95 -32.63
CA ALA E 262 -57.92 20.33 -31.31
C ALA E 262 -58.62 21.26 -30.34
N SER E 263 -59.27 20.68 -29.33
CA SER E 263 -59.91 21.48 -28.29
C SER E 263 -58.85 22.00 -27.38
N GLU E 264 -59.17 22.99 -26.55
CA GLU E 264 -58.17 23.49 -25.64
C GLU E 264 -57.74 22.42 -24.67
N ALA E 265 -58.68 21.55 -24.23
CA ALA E 265 -58.32 20.50 -23.29
C ALA E 265 -57.34 19.54 -23.94
N GLU E 266 -57.55 19.24 -25.22
CA GLU E 266 -56.63 18.35 -25.92
C GLU E 266 -55.27 18.99 -26.05
N LEU E 267 -55.25 20.29 -26.34
CA LEU E 267 -54.01 21.00 -26.47
C LEU E 267 -53.30 21.09 -25.14
N ALA E 268 -54.03 21.31 -24.04
CA ALA E 268 -53.37 21.39 -22.75
C ALA E 268 -52.69 20.08 -22.42
N ARG E 269 -53.32 18.96 -22.76
CA ARG E 269 -52.70 17.67 -22.51
C ARG E 269 -51.44 17.53 -23.35
N MET E 270 -51.52 17.95 -24.62
CA MET E 270 -50.36 17.87 -25.51
C MET E 270 -49.23 18.74 -24.99
N LYS E 271 -49.56 19.94 -24.50
CA LYS E 271 -48.57 20.86 -23.99
C LYS E 271 -47.84 20.23 -22.82
N GLN E 272 -48.55 19.53 -21.94
CA GLN E 272 -47.86 18.84 -20.86
C GLN E 272 -47.01 17.70 -21.39
N GLN E 273 -47.48 16.97 -22.41
CA GLN E 273 -46.70 15.87 -22.97
C GLN E 273 -45.42 16.39 -23.61
N HIS E 274 -45.51 17.55 -24.25
CA HIS E 274 -44.37 18.15 -24.92
C HIS E 274 -43.37 18.66 -23.90
N MET E 275 -43.88 19.26 -22.81
CA MET E 275 -43.02 19.77 -21.76
C MET E 275 -42.43 18.63 -20.97
N THR E 276 -43.16 17.52 -20.85
CA THR E 276 -42.66 16.36 -20.16
C THR E 276 -41.52 15.77 -20.97
N ALA E 277 -41.64 15.68 -22.30
CA ALA E 277 -40.52 15.17 -23.09
C ALA E 277 -39.30 16.10 -22.94
N TYR E 278 -39.55 17.43 -22.91
CA TYR E 278 -38.49 18.42 -22.72
C TYR E 278 -37.80 18.14 -21.41
N LEU E 279 -38.60 17.93 -20.37
CA LEU E 279 -38.14 17.61 -19.04
C LEU E 279 -37.29 16.36 -19.04
N GLN E 280 -37.76 15.28 -19.66
CA GLN E 280 -36.98 14.06 -19.62
C GLN E 280 -35.60 14.28 -20.23
N ALA E 281 -35.56 15.04 -21.34
CA ALA E 281 -34.31 15.31 -21.99
C ALA E 281 -33.39 16.17 -21.14
N ALA E 282 -33.96 17.18 -20.50
CA ALA E 282 -33.20 18.10 -19.70
C ALA E 282 -32.63 17.45 -18.47
N LEU E 283 -33.41 16.59 -17.83
CA LEU E 283 -32.96 15.99 -16.61
C LEU E 283 -31.80 15.05 -16.91
N THR E 284 -31.92 14.32 -18.02
CA THR E 284 -30.88 13.38 -18.39
C THR E 284 -29.62 14.12 -18.84
N ALA E 285 -29.77 15.17 -19.63
CA ALA E 285 -28.58 15.87 -20.09
C ALA E 285 -27.73 16.33 -18.94
N TRP E 286 -28.37 16.81 -17.90
CA TRP E 286 -27.66 17.29 -16.75
C TRP E 286 -27.01 16.14 -15.98
N GLU E 287 -27.69 14.99 -15.88
CA GLU E 287 -27.07 13.83 -15.23
C GLU E 287 -25.84 13.36 -15.99
N ILE E 288 -25.93 13.33 -17.32
CA ILE E 288 -24.82 12.84 -18.10
C ILE E 288 -23.65 13.82 -18.00
N ILE E 289 -23.90 15.12 -18.01
CA ILE E 289 -22.80 16.05 -17.87
C ILE E 289 -22.07 15.80 -16.55
N SER E 290 -22.81 15.56 -15.46
CA SER E 290 -22.16 15.25 -14.18
C SER E 290 -21.28 13.99 -14.33
N LYS E 291 -21.80 12.94 -14.99
CA LYS E 291 -21.03 11.72 -15.21
C LYS E 291 -19.79 11.96 -16.08
N SER E 292 -19.91 12.85 -17.06
CA SER E 292 -18.82 13.22 -17.95
C SER E 292 -17.69 13.88 -17.14
N VAL E 293 -18.08 14.72 -16.18
CA VAL E 293 -17.10 15.34 -15.31
C VAL E 293 -16.39 14.28 -14.51
N ILE E 294 -17.12 13.30 -13.98
CA ILE E 294 -16.45 12.26 -13.24
C ILE E 294 -15.47 11.50 -14.11
N ALA E 295 -15.83 11.14 -15.34
CA ALA E 295 -14.84 10.42 -16.14
C ALA E 295 -13.55 11.26 -16.27
N LEU E 296 -13.68 12.59 -16.42
CA LEU E 296 -12.49 13.42 -16.49
C LEU E 296 -11.76 13.50 -15.16
N LEU E 297 -12.46 13.49 -14.01
CA LEU E 297 -11.69 13.57 -12.76
C LEU E 297 -10.95 12.28 -12.55
N LEU E 298 -11.49 11.15 -13.01
CA LEU E 298 -10.81 9.88 -12.83
C LEU E 298 -9.52 9.91 -13.64
N LEU E 299 -9.57 10.52 -14.83
CA LEU E 299 -8.39 10.67 -15.64
C LEU E 299 -7.40 11.65 -15.05
N GLN E 300 -7.90 12.72 -14.43
CA GLN E 300 -7.01 13.70 -13.83
C GLN E 300 -6.28 13.05 -12.65
N GLN E 301 -6.98 12.18 -11.89
CA GLN E 301 -6.37 11.49 -10.76
C GLN E 301 -5.27 10.55 -11.25
N ASN E 302 -5.52 9.88 -12.37
CA ASN E 302 -4.55 8.98 -12.97
C ASN E 302 -3.30 9.73 -13.43
N GLN E 303 -3.52 10.85 -14.12
CA GLN E 303 -2.41 11.63 -14.63
C GLN E 303 -1.58 12.19 -13.48
N LEU E 304 -2.26 12.61 -12.42
CA LEU E 304 -1.60 13.18 -11.27
C LEU E 304 -0.69 12.16 -10.64
N ASN E 305 -1.19 10.95 -10.43
CA ASN E 305 -0.34 9.97 -9.78
C ASN E 305 0.83 9.58 -10.67
N LEU E 306 0.66 9.55 -11.99
CA LEU E 306 1.83 9.26 -12.82
C LEU E 306 2.87 10.38 -12.76
N GLU E 307 2.42 11.63 -12.91
CA GLU E 307 3.36 12.74 -12.92
C GLU E 307 4.04 12.87 -11.56
N LEU E 308 3.28 12.64 -10.49
CA LEU E 308 3.79 12.76 -9.15
C LEU E 308 4.82 11.68 -8.81
N ARG E 309 4.55 10.43 -9.22
CA ARG E 309 5.44 9.31 -8.90
C ARG E 309 6.65 9.14 -9.81
N HIS E 310 6.57 9.62 -11.06
CA HIS E 310 7.61 9.50 -12.08
C HIS E 310 8.55 8.30 -11.85
N GLU F 1 22.71 -54.51 0.66
CA GLU F 1 22.98 -55.79 0.01
C GLU F 1 23.30 -55.65 -1.48
N GLU F 2 23.56 -56.79 -2.11
CA GLU F 2 23.97 -56.89 -3.50
C GLU F 2 22.91 -56.47 -4.50
N PHE F 3 21.64 -56.76 -4.23
CA PHE F 3 20.62 -56.36 -5.18
C PHE F 3 20.57 -54.88 -5.36
N MET F 4 20.54 -54.15 -4.26
CA MET F 4 20.41 -52.72 -4.31
C MET F 4 21.66 -52.13 -4.98
N ALA F 5 22.83 -52.67 -4.62
CA ALA F 5 24.08 -52.16 -5.18
C ALA F 5 24.18 -52.42 -6.69
N ARG F 6 23.75 -53.60 -7.14
CA ARG F 6 23.79 -53.92 -8.54
C ARG F 6 22.72 -53.17 -9.26
N ALA F 7 21.55 -53.01 -8.66
CA ALA F 7 20.48 -52.33 -9.32
C ALA F 7 20.91 -50.92 -9.68
N ILE F 8 21.65 -50.20 -8.83
CA ILE F 8 22.02 -48.87 -9.32
C ILE F 8 22.87 -48.96 -10.56
N SER F 9 23.86 -49.85 -10.54
CA SER F 9 24.71 -49.93 -11.71
C SER F 9 23.94 -50.43 -12.93
N ALA F 10 23.05 -51.40 -12.75
CA ALA F 10 22.29 -52.00 -13.84
C ALA F 10 21.30 -51.03 -14.44
N ILE F 11 20.68 -50.22 -13.60
CA ILE F 11 19.70 -49.27 -14.06
C ILE F 11 20.38 -48.24 -14.93
N ALA F 12 21.50 -47.69 -14.43
CA ALA F 12 22.24 -46.71 -15.18
C ALA F 12 22.89 -47.31 -16.40
N GLU F 13 23.38 -48.55 -16.29
CA GLU F 13 24.07 -49.20 -17.38
C GLU F 13 23.16 -49.41 -18.56
N LEU F 14 21.94 -49.88 -18.32
CA LEU F 14 21.05 -50.10 -19.43
C LEU F 14 20.63 -48.80 -20.07
N ALA F 15 20.33 -47.77 -19.26
CA ALA F 15 19.93 -46.52 -19.87
C ALA F 15 21.10 -45.89 -20.59
N LYS F 16 22.29 -45.95 -20.00
CA LYS F 16 23.48 -45.33 -20.56
C LYS F 16 23.80 -45.92 -21.92
N LYS F 17 23.74 -47.26 -22.04
CA LYS F 17 24.04 -47.87 -23.32
C LYS F 17 23.02 -47.49 -24.36
N ALA F 18 21.74 -47.45 -23.98
CA ALA F 18 20.70 -47.08 -24.90
C ALA F 18 20.84 -45.60 -25.33
N ILE F 19 21.27 -44.74 -24.39
CA ILE F 19 21.49 -43.32 -24.67
C ILE F 19 22.62 -43.14 -25.63
N GLU F 20 23.74 -43.82 -25.38
CA GLU F 20 24.87 -43.70 -26.28
C GLU F 20 24.54 -44.19 -27.66
N ALA F 21 23.83 -45.33 -27.76
CA ALA F 21 23.50 -45.86 -29.06
C ALA F 21 22.57 -44.98 -29.87
N ILE F 22 21.54 -44.39 -29.23
CA ILE F 22 20.63 -43.57 -30.01
C ILE F 22 21.29 -42.23 -30.31
N TYR F 23 22.05 -41.70 -29.35
CA TYR F 23 22.81 -40.48 -29.57
C TYR F 23 23.79 -40.62 -30.70
N ARG F 24 24.59 -41.69 -30.68
CA ARG F 24 25.59 -41.87 -31.71
C ARG F 24 24.97 -41.91 -33.09
N LEU F 25 23.84 -42.59 -33.25
CA LEU F 25 23.24 -42.62 -34.57
C LEU F 25 22.80 -41.22 -34.96
N ALA F 26 22.20 -40.49 -34.02
CA ALA F 26 21.74 -39.13 -34.25
C ALA F 26 22.87 -38.16 -34.51
N ASP F 27 24.03 -38.40 -33.90
CA ASP F 27 25.18 -37.54 -34.05
C ASP F 27 25.75 -37.71 -35.47
N ASN F 28 25.70 -38.95 -35.99
CA ASN F 28 26.17 -39.24 -37.33
C ASN F 28 25.21 -38.70 -38.41
N HIS F 29 23.92 -38.68 -38.09
CA HIS F 29 22.87 -38.18 -38.97
C HIS F 29 22.79 -36.67 -39.04
N THR F 30 22.29 -36.15 -40.16
CA THR F 30 22.07 -34.71 -40.31
C THR F 30 20.58 -34.38 -40.31
N THR F 31 19.75 -35.41 -40.19
CA THR F 31 18.30 -35.32 -40.21
C THR F 31 17.79 -34.82 -38.85
N ASP F 32 16.93 -33.79 -38.89
CA ASP F 32 16.39 -33.14 -37.70
C ASP F 32 15.47 -34.04 -36.89
N THR F 33 14.75 -34.85 -37.62
CA THR F 33 13.80 -35.81 -37.11
C THR F 33 14.50 -36.88 -36.29
N PHE F 34 15.65 -37.33 -36.77
CA PHE F 34 16.41 -38.38 -36.12
C PHE F 34 17.05 -37.81 -34.88
N MET F 35 17.53 -36.57 -34.97
CA MET F 35 18.12 -35.96 -33.81
C MET F 35 17.04 -35.81 -32.74
N ALA F 36 15.84 -35.40 -33.14
CA ALA F 36 14.74 -35.23 -32.21
C ALA F 36 14.33 -36.56 -31.58
N LYS F 37 14.36 -37.65 -32.37
CA LYS F 37 14.04 -38.96 -31.83
C LYS F 37 15.01 -39.32 -30.73
N ALA F 38 16.31 -39.11 -30.98
CA ALA F 38 17.29 -39.41 -29.95
C ALA F 38 17.07 -38.54 -28.75
N ILE F 39 16.71 -37.29 -28.95
CA ILE F 39 16.50 -36.42 -27.81
C ILE F 39 15.38 -36.88 -26.91
N GLU F 40 14.25 -37.27 -27.50
CA GLU F 40 13.15 -37.74 -26.70
C GLU F 40 13.47 -39.09 -26.07
N ALA F 41 14.12 -40.00 -26.83
CA ALA F 41 14.47 -41.32 -26.31
C ALA F 41 15.45 -41.21 -25.14
N ILE F 42 16.39 -40.28 -25.25
CA ILE F 42 17.40 -40.07 -24.24
C ILE F 42 16.75 -39.55 -22.99
N ALA F 43 15.83 -38.60 -23.11
CA ALA F 43 15.15 -38.14 -21.92
C ALA F 43 14.40 -39.28 -21.27
N GLU F 44 13.74 -40.15 -22.03
CA GLU F 44 13.01 -41.20 -21.33
C GLU F 44 13.94 -42.18 -20.62
N LEU F 45 15.07 -42.50 -21.25
CA LEU F 45 16.01 -43.45 -20.69
C LEU F 45 16.70 -42.93 -19.43
N ALA F 46 17.17 -41.69 -19.47
CA ALA F 46 17.85 -41.14 -18.31
C ALA F 46 16.83 -40.76 -17.26
N LYS F 47 15.65 -40.30 -17.64
CA LYS F 47 14.68 -39.86 -16.65
C LYS F 47 14.27 -41.01 -15.75
N GLU F 48 14.00 -42.17 -16.36
CA GLU F 48 13.59 -43.29 -15.53
C GLU F 48 14.77 -43.82 -14.74
N ALA F 49 15.95 -43.91 -15.36
CA ALA F 49 17.08 -44.43 -14.65
C ALA F 49 17.48 -43.55 -13.47
N ILE F 50 17.41 -42.23 -13.65
CA ILE F 50 17.80 -41.31 -12.60
C ILE F 50 16.83 -41.37 -11.45
N LYS F 51 15.53 -41.38 -11.72
CA LYS F 51 14.58 -41.44 -10.64
C LYS F 51 14.70 -42.75 -9.86
N ALA F 52 14.86 -43.87 -10.57
CA ALA F 52 14.94 -45.14 -9.89
C ALA F 52 16.18 -45.24 -9.01
N ILE F 53 17.30 -44.72 -9.49
CA ILE F 53 18.54 -44.74 -8.74
C ILE F 53 18.51 -43.82 -7.55
N ALA F 54 18.01 -42.60 -7.74
CA ALA F 54 17.99 -41.65 -6.67
C ALA F 54 17.16 -42.16 -5.50
N ASP F 55 16.01 -42.80 -5.79
CA ASP F 55 15.20 -43.28 -4.69
C ASP F 55 15.77 -44.55 -4.11
N LEU F 56 16.41 -45.38 -4.91
CA LEU F 56 16.96 -46.58 -4.35
C LEU F 56 18.04 -46.21 -3.33
N ALA F 57 18.97 -45.35 -3.72
CA ALA F 57 20.10 -44.95 -2.89
C ALA F 57 19.70 -44.19 -1.63
N LYS F 58 18.62 -43.43 -1.69
CA LYS F 58 18.18 -42.65 -0.55
C LYS F 58 17.49 -43.48 0.52
N ASN F 59 17.34 -44.77 0.27
CA ASN F 59 16.76 -45.68 1.23
C ASN F 59 17.85 -46.45 1.97
N HIS F 60 19.09 -45.97 1.85
CA HIS F 60 20.26 -46.51 2.52
C HIS F 60 20.88 -45.47 3.45
N THR F 61 21.64 -45.97 4.42
CA THR F 61 22.29 -45.16 5.43
C THR F 61 23.80 -45.06 5.25
N THR F 62 24.28 -45.45 4.08
CA THR F 62 25.71 -45.47 3.79
C THR F 62 26.15 -44.81 2.50
N GLU F 63 27.41 -44.38 2.56
CA GLU F 63 28.13 -43.73 1.49
C GLU F 63 28.26 -44.64 0.29
N GLU F 64 28.14 -45.95 0.48
CA GLU F 64 28.22 -46.81 -0.68
C GLU F 64 27.13 -46.44 -1.67
N PHE F 65 25.93 -46.19 -1.15
CA PHE F 65 24.80 -45.92 -2.00
C PHE F 65 24.79 -44.52 -2.51
N MET F 66 25.15 -43.56 -1.67
CA MET F 66 25.19 -42.23 -2.21
C MET F 66 26.29 -42.20 -3.28
N ALA F 67 27.40 -42.91 -3.07
CA ALA F 67 28.46 -42.88 -4.06
C ALA F 67 28.05 -43.49 -5.38
N ARG F 68 27.33 -44.62 -5.33
CA ARG F 68 26.91 -45.27 -6.56
C ARG F 68 25.93 -44.42 -7.31
N ALA F 69 24.98 -43.82 -6.60
CA ALA F 69 23.98 -43.00 -7.21
C ALA F 69 24.49 -41.65 -7.68
N ILE F 70 25.43 -41.04 -6.97
CA ILE F 70 25.95 -39.77 -7.43
C ILE F 70 26.69 -39.99 -8.72
N SER F 71 27.56 -40.99 -8.78
CA SER F 71 28.26 -41.24 -10.01
C SER F 71 27.32 -41.70 -11.12
N ALA F 72 26.37 -42.60 -10.81
CA ALA F 72 25.46 -43.10 -11.84
C ALA F 72 24.59 -42.00 -12.42
N ILE F 73 24.08 -41.12 -11.56
CA ILE F 73 23.22 -40.06 -12.03
C ILE F 73 24.01 -39.00 -12.70
N ALA F 74 25.15 -38.60 -12.14
CA ALA F 74 25.91 -37.56 -12.79
C ALA F 74 26.33 -38.04 -14.18
N GLU F 75 26.68 -39.33 -14.36
CA GLU F 75 27.00 -39.75 -15.72
C GLU F 75 25.78 -39.83 -16.62
N LEU F 76 24.63 -40.33 -16.13
CA LEU F 76 23.47 -40.41 -17.00
C LEU F 76 23.02 -39.04 -17.41
N ALA F 77 23.00 -38.14 -16.43
CA ALA F 77 22.55 -36.80 -16.64
C ALA F 77 23.44 -36.00 -17.53
N ARG F 78 24.75 -36.14 -17.38
CA ARG F 78 25.60 -35.33 -18.21
C ARG F 78 25.71 -35.95 -19.58
N LYS F 79 25.66 -37.28 -19.70
CA LYS F 79 25.72 -37.85 -21.02
C LYS F 79 24.46 -37.49 -21.76
N ALA F 80 23.33 -37.57 -21.08
CA ALA F 80 22.07 -37.28 -21.69
C ALA F 80 21.92 -35.80 -22.03
N ILE F 81 22.36 -34.88 -21.17
CA ILE F 81 22.24 -33.48 -21.53
C ILE F 81 23.21 -33.12 -22.63
N ASP F 82 24.45 -33.61 -22.57
CA ASP F 82 25.39 -33.28 -23.62
C ASP F 82 24.88 -33.88 -24.93
N ALA F 83 24.32 -35.09 -24.89
CA ALA F 83 23.81 -35.69 -26.10
C ALA F 83 22.64 -34.88 -26.65
N ILE F 84 21.75 -34.44 -25.77
CA ILE F 84 20.60 -33.68 -26.20
C ILE F 84 21.00 -32.34 -26.76
N TYR F 85 21.89 -31.64 -26.09
CA TYR F 85 22.35 -30.32 -26.49
C TYR F 85 23.14 -30.41 -27.81
N ARG F 86 24.01 -31.41 -27.95
CA ARG F 86 24.78 -31.53 -29.19
C ARG F 86 23.89 -31.71 -30.40
N LEU F 87 22.77 -32.39 -30.22
CA LEU F 87 21.84 -32.61 -31.31
C LEU F 87 20.82 -31.45 -31.41
N ALA F 88 20.39 -30.90 -30.27
CA ALA F 88 19.38 -29.86 -30.22
C ALA F 88 19.80 -28.58 -30.90
N ARG F 89 21.08 -28.27 -30.80
CA ARG F 89 21.62 -27.04 -31.38
C ARG F 89 21.59 -27.07 -32.89
N ASN F 90 21.35 -28.23 -33.49
CA ASN F 90 21.33 -28.37 -34.92
C ASN F 90 19.90 -28.42 -35.48
N HIS F 91 18.89 -28.12 -34.66
CA HIS F 91 17.52 -28.16 -35.16
C HIS F 91 17.15 -26.95 -35.99
N THR F 92 16.24 -27.17 -36.92
CA THR F 92 15.69 -26.13 -37.77
C THR F 92 14.20 -25.86 -37.57
N THR F 93 13.49 -26.73 -36.83
CA THR F 93 12.04 -26.55 -36.69
C THR F 93 11.66 -26.27 -35.26
N ASP F 94 10.43 -25.75 -35.08
CA ASP F 94 9.94 -25.42 -33.75
C ASP F 94 9.67 -26.67 -32.93
N THR F 95 9.19 -27.72 -33.60
CA THR F 95 8.81 -28.94 -32.93
C THR F 95 9.99 -29.59 -32.28
N PHE F 96 11.09 -29.65 -33.02
CA PHE F 96 12.23 -30.35 -32.50
C PHE F 96 12.96 -29.53 -31.46
N MET F 97 13.02 -28.21 -31.64
CA MET F 97 13.65 -27.37 -30.64
C MET F 97 12.84 -27.46 -29.35
N ALA F 98 11.50 -27.44 -29.46
CA ALA F 98 10.63 -27.53 -28.30
C ALA F 98 10.80 -28.86 -27.58
N LYS F 99 10.99 -29.97 -28.33
CA LYS F 99 11.21 -31.26 -27.69
C LYS F 99 12.50 -31.21 -26.91
N ALA F 100 13.55 -30.59 -27.48
CA ALA F 100 14.80 -30.46 -26.76
C ALA F 100 14.61 -29.60 -25.53
N ILE F 101 13.82 -28.54 -25.59
CA ILE F 101 13.66 -27.72 -24.40
C ILE F 101 13.10 -28.54 -23.24
N GLU F 102 12.06 -29.32 -23.51
CA GLU F 102 11.52 -30.13 -22.43
C GLU F 102 12.48 -31.24 -22.03
N ALA F 103 13.12 -31.90 -23.00
CA ALA F 103 14.01 -33.03 -22.72
C ALA F 103 15.19 -32.62 -21.86
N ILE F 104 15.71 -31.43 -22.13
CA ILE F 104 16.87 -30.92 -21.40
C ILE F 104 16.48 -30.62 -19.96
N ALA F 105 15.37 -29.91 -19.76
CA ALA F 105 14.98 -29.60 -18.39
C ALA F 105 14.52 -30.80 -17.61
N GLU F 106 13.84 -31.75 -18.24
CA GLU F 106 13.38 -32.87 -17.43
C GLU F 106 14.56 -33.60 -16.83
N LEU F 107 15.62 -33.77 -17.60
CA LEU F 107 16.73 -34.48 -17.03
C LEU F 107 17.62 -33.64 -16.18
N ALA F 108 17.88 -32.39 -16.54
CA ALA F 108 18.78 -31.65 -15.70
C ALA F 108 18.11 -31.41 -14.36
N LYS F 109 16.81 -31.09 -14.36
CA LYS F 109 16.16 -30.84 -13.09
C LYS F 109 16.16 -32.08 -12.20
N GLU F 110 15.79 -33.26 -12.75
CA GLU F 110 15.75 -34.44 -11.91
C GLU F 110 17.13 -34.87 -11.47
N ALA F 111 18.11 -34.75 -12.36
CA ALA F 111 19.46 -35.14 -12.04
C ALA F 111 20.07 -34.28 -11.01
N ILE F 112 19.87 -32.99 -11.11
CA ILE F 112 20.48 -32.07 -10.18
C ILE F 112 19.92 -32.26 -8.81
N LYS F 113 18.60 -32.39 -8.73
CA LYS F 113 18.00 -32.59 -7.44
C LYS F 113 18.54 -33.88 -6.85
N ALA F 114 18.59 -34.97 -7.64
CA ALA F 114 19.08 -36.23 -7.11
C ALA F 114 20.55 -36.21 -6.71
N ILE F 115 21.40 -35.59 -7.53
CA ILE F 115 22.83 -35.59 -7.26
C ILE F 115 23.08 -34.89 -5.96
N ALA F 116 22.47 -33.72 -5.77
CA ALA F 116 22.69 -33.03 -4.53
C ALA F 116 22.00 -33.71 -3.38
N ASP F 117 20.79 -34.25 -3.55
CA ASP F 117 20.10 -34.84 -2.42
C ASP F 117 20.90 -36.00 -1.84
N LEU F 118 21.61 -36.72 -2.69
CA LEU F 118 22.49 -37.79 -2.30
C LEU F 118 23.78 -37.24 -1.67
N ALA F 119 24.39 -36.25 -2.32
CA ALA F 119 25.65 -35.69 -1.82
C ALA F 119 25.48 -34.97 -0.49
N LYS F 120 24.33 -34.37 -0.28
CA LYS F 120 23.95 -33.62 0.93
C LYS F 120 23.85 -34.51 2.16
N ASN F 121 23.85 -35.83 1.98
CA ASN F 121 23.71 -36.75 3.09
C ASN F 121 25.04 -37.27 3.61
N HIS F 122 26.14 -36.66 3.20
CA HIS F 122 27.44 -37.08 3.72
C HIS F 122 28.41 -35.91 3.60
N THR F 123 29.35 -35.79 4.52
CA THR F 123 30.32 -34.71 4.47
C THR F 123 31.56 -34.98 3.61
N THR F 124 31.74 -36.20 3.11
CA THR F 124 32.94 -36.46 2.31
C THR F 124 33.07 -35.51 1.13
N GLU F 125 34.31 -35.06 0.93
CA GLU F 125 34.67 -34.14 -0.14
C GLU F 125 34.48 -34.76 -1.51
N ASP F 126 34.40 -36.09 -1.56
CA ASP F 126 34.18 -36.74 -2.84
C ASP F 126 32.77 -36.52 -3.34
N PHE F 127 31.80 -36.41 -2.43
CA PHE F 127 30.44 -36.21 -2.88
C PHE F 127 30.27 -34.75 -3.14
N MET F 128 30.87 -33.93 -2.28
CA MET F 128 30.73 -32.51 -2.48
C MET F 128 31.37 -32.09 -3.78
N ASP F 129 32.57 -32.55 -4.08
CA ASP F 129 33.20 -32.10 -5.29
C ASP F 129 32.51 -32.64 -6.53
N GLU F 130 32.11 -33.92 -6.53
CA GLU F 130 31.51 -34.44 -7.74
C GLU F 130 30.16 -33.78 -7.96
N ALA F 131 29.39 -33.59 -6.88
CA ALA F 131 28.09 -32.99 -7.02
C ALA F 131 28.15 -31.49 -7.33
N ILE F 132 29.08 -30.74 -6.74
CA ILE F 132 29.12 -29.31 -7.04
C ILE F 132 29.53 -29.12 -8.47
N SER F 133 30.57 -29.83 -8.89
CA SER F 133 31.05 -29.72 -10.25
C SER F 133 30.02 -30.23 -11.25
N ALA F 134 29.43 -31.41 -11.00
CA ALA F 134 28.47 -31.97 -11.94
C ALA F 134 27.28 -31.08 -12.09
N ILE F 135 26.81 -30.48 -11.00
CA ILE F 135 25.65 -29.64 -11.06
C ILE F 135 25.97 -28.30 -11.66
N ALA F 136 27.06 -27.65 -11.28
CA ALA F 136 27.27 -26.36 -11.88
C ALA F 136 27.41 -26.49 -13.40
N GLU F 137 28.07 -27.54 -13.90
CA GLU F 137 28.15 -27.69 -15.34
C GLU F 137 26.83 -28.12 -15.98
N LEU F 138 26.12 -29.06 -15.35
CA LEU F 138 24.88 -29.60 -15.85
C LEU F 138 23.79 -28.55 -15.86
N ALA F 139 23.69 -27.79 -14.76
CA ALA F 139 22.68 -26.77 -14.63
C ALA F 139 22.88 -25.67 -15.62
N ARG F 140 24.12 -25.25 -15.82
CA ARG F 140 24.33 -24.16 -16.72
C ARG F 140 24.17 -24.59 -18.16
N LYS F 141 24.67 -25.76 -18.53
CA LYS F 141 24.51 -26.18 -19.90
C LYS F 141 23.06 -26.40 -20.22
N ALA F 142 22.30 -26.99 -19.29
CA ALA F 142 20.92 -27.22 -19.58
C ALA F 142 20.16 -25.88 -19.74
N ILE F 143 20.46 -24.90 -18.89
CA ILE F 143 19.77 -23.62 -19.02
C ILE F 143 20.16 -22.86 -20.25
N GLU F 144 21.46 -22.81 -20.51
CA GLU F 144 21.99 -22.10 -21.65
C GLU F 144 21.49 -22.74 -22.93
N ALA F 145 21.42 -24.08 -22.99
CA ALA F 145 20.93 -24.75 -24.17
C ALA F 145 19.48 -24.39 -24.43
N ILE F 146 18.68 -24.34 -23.36
CA ILE F 146 17.28 -24.02 -23.48
C ILE F 146 17.05 -22.59 -23.90
N LEU F 147 17.77 -21.68 -23.27
CA LEU F 147 17.57 -20.29 -23.58
C LEU F 147 18.03 -20.01 -25.01
N ARG F 148 19.11 -20.65 -25.45
CA ARG F 148 19.56 -20.44 -26.81
C ARG F 148 18.58 -21.04 -27.82
N LEU F 149 17.96 -22.18 -27.53
CA LEU F 149 16.96 -22.71 -28.45
C LEU F 149 15.78 -21.74 -28.50
N ALA F 150 15.43 -21.20 -27.33
CA ALA F 150 14.34 -20.25 -27.21
C ALA F 150 14.61 -18.96 -27.97
N SER F 151 15.86 -18.56 -28.09
CA SER F 151 16.20 -17.33 -28.78
C SER F 151 15.86 -17.39 -30.26
N ASN F 152 15.62 -18.60 -30.80
CA ASN F 152 15.27 -18.74 -32.20
C ASN F 152 13.76 -18.93 -32.33
N LEU F 153 13.09 -18.94 -31.18
CA LEU F 153 11.66 -19.15 -31.03
C LEU F 153 11.13 -18.11 -30.06
N THR F 154 10.98 -16.87 -30.50
CA THR F 154 10.74 -15.79 -29.56
C THR F 154 9.27 -15.51 -29.24
N SER F 155 8.37 -16.28 -29.81
CA SER F 155 6.95 -16.12 -29.53
C SER F 155 6.70 -16.64 -28.11
N GLU F 156 5.57 -16.28 -27.51
CA GLU F 156 5.33 -16.75 -26.14
C GLU F 156 5.25 -18.26 -26.02
N THR F 157 4.70 -18.96 -27.00
CA THR F 157 4.55 -20.39 -26.87
C THR F 157 5.86 -21.08 -26.49
N TYR F 158 6.93 -20.71 -27.16
CA TYR F 158 8.18 -21.38 -26.92
C TYR F 158 9.03 -20.68 -25.89
N MET F 159 8.92 -19.35 -25.81
CA MET F 159 9.73 -18.61 -24.87
C MET F 159 9.24 -18.94 -23.45
N ARG F 160 7.92 -19.21 -23.31
CA ARG F 160 7.37 -19.62 -22.03
C ARG F 160 7.79 -21.04 -21.71
N LYS F 161 7.75 -21.97 -22.68
CA LYS F 161 8.21 -23.30 -22.35
C LYS F 161 9.65 -23.23 -21.92
N ALA F 162 10.43 -22.41 -22.61
CA ALA F 162 11.82 -22.26 -22.26
C ALA F 162 12.01 -21.63 -20.90
N GLN F 163 11.22 -20.60 -20.57
CA GLN F 163 11.39 -19.99 -19.28
C GLN F 163 11.02 -20.91 -18.16
N GLU F 164 9.94 -21.68 -18.33
CA GLU F 164 9.54 -22.61 -17.29
C GLU F 164 10.56 -23.71 -17.16
N ALA F 165 11.09 -24.18 -18.30
CA ALA F 165 12.08 -25.23 -18.31
C ALA F 165 13.34 -24.76 -17.57
N ILE F 166 13.71 -23.49 -17.78
CA ILE F 166 14.85 -22.88 -17.13
C ILE F 166 14.63 -22.66 -15.67
N GLU F 167 13.47 -22.11 -15.28
CA GLU F 167 13.23 -21.86 -13.88
C GLU F 167 13.25 -23.15 -13.09
N LYS F 168 12.67 -24.23 -13.63
CA LYS F 168 12.67 -25.47 -12.89
C LYS F 168 14.11 -25.97 -12.67
N ILE F 169 14.95 -25.87 -13.70
CA ILE F 169 16.33 -26.30 -13.55
C ILE F 169 17.05 -25.37 -12.62
N ALA F 170 16.88 -24.07 -12.86
CA ALA F 170 17.57 -23.03 -12.15
C ALA F 170 17.29 -22.98 -10.69
N ARG F 171 16.06 -23.18 -10.27
CA ARG F 171 15.83 -23.15 -8.84
C ARG F 171 16.40 -24.40 -8.23
N THR F 172 16.26 -25.53 -8.93
CA THR F 172 16.77 -26.76 -8.38
C THR F 172 18.28 -26.65 -8.20
N ALA F 173 18.95 -26.12 -9.24
CA ALA F 173 20.38 -25.94 -9.27
C ALA F 173 20.86 -24.87 -8.32
N GLU F 174 20.14 -23.76 -8.17
CA GLU F 174 20.64 -22.75 -7.25
C GLU F 174 20.74 -23.38 -5.88
N GLU F 175 19.70 -24.11 -5.47
CA GLU F 175 19.67 -24.68 -4.16
C GLU F 175 20.65 -25.85 -4.06
N ALA F 176 20.70 -26.68 -5.09
CA ALA F 176 21.58 -27.83 -5.03
C ALA F 176 23.02 -27.38 -4.89
N ILE F 177 23.39 -26.35 -5.64
CA ILE F 177 24.74 -25.84 -5.61
C ILE F 177 25.00 -25.19 -4.25
N ARG F 178 24.05 -24.40 -3.76
CA ARG F 178 24.20 -23.68 -2.50
C ARG F 178 24.44 -24.55 -1.31
N ASP F 179 23.70 -25.63 -1.22
CA ASP F 179 23.82 -26.48 -0.04
C ASP F 179 25.10 -27.29 -0.12
N LEU F 180 25.45 -27.74 -1.31
CA LEU F 180 26.64 -28.54 -1.42
C LEU F 180 27.85 -27.66 -1.22
N ALA F 181 27.83 -26.44 -1.76
CA ALA F 181 28.95 -25.55 -1.61
C ALA F 181 29.17 -25.19 -0.16
N ARG F 182 28.10 -24.97 0.60
CA ARG F 182 28.31 -24.59 1.99
C ARG F 182 28.75 -25.77 2.85
N ASN F 183 28.50 -26.99 2.40
CA ASN F 183 28.93 -28.15 3.15
C ASN F 183 30.36 -28.56 2.87
N LEU F 184 31.05 -27.84 1.97
CA LEU F 184 32.43 -28.16 1.67
C LEU F 184 33.33 -27.02 2.17
N GLU F 185 34.38 -27.38 2.92
CA GLU F 185 35.31 -26.42 3.52
C GLU F 185 36.19 -25.62 2.55
N ASP F 186 36.23 -26.03 1.30
CA ASP F 186 37.05 -25.34 0.30
C ASP F 186 36.35 -24.09 -0.23
N GLN F 187 36.89 -22.93 0.14
CA GLN F 187 36.29 -21.67 -0.23
C GLN F 187 36.28 -21.50 -1.74
N GLU F 188 37.23 -22.11 -2.46
CA GLU F 188 37.27 -21.98 -3.92
C GLU F 188 36.03 -22.62 -4.54
N ARG F 189 35.54 -23.72 -3.97
CA ARG F 189 34.36 -24.31 -4.57
C ARG F 189 33.21 -23.40 -4.25
N ARG F 190 33.20 -22.81 -3.06
CA ARG F 190 32.13 -21.91 -2.68
C ARG F 190 32.06 -20.66 -3.54
N GLU F 191 33.21 -20.09 -3.90
CA GLU F 191 33.22 -18.88 -4.71
C GLU F 191 32.79 -19.16 -6.15
N ARG F 192 33.24 -20.29 -6.71
CA ARG F 192 32.85 -20.59 -8.07
C ARG F 192 31.39 -20.98 -8.08
N ALA F 193 30.97 -21.69 -7.03
CA ALA F 193 29.59 -22.08 -6.88
C ALA F 193 28.71 -20.85 -6.75
N LYS F 194 29.14 -19.80 -6.01
CA LYS F 194 28.32 -18.61 -5.90
C LYS F 194 28.10 -17.97 -7.25
N SER F 195 29.15 -17.92 -8.08
CA SER F 195 28.96 -17.32 -9.39
C SER F 195 27.97 -18.15 -10.20
N ALA F 196 28.08 -19.49 -10.13
CA ALA F 196 27.15 -20.32 -10.85
C ALA F 196 25.73 -20.12 -10.34
N ARG F 197 25.57 -19.98 -9.03
CA ARG F 197 24.24 -19.82 -8.48
C ARG F 197 23.60 -18.54 -8.96
N ASP F 198 24.37 -17.47 -9.00
CA ASP F 198 23.80 -16.22 -9.41
C ASP F 198 23.46 -16.18 -10.88
N GLU F 199 24.28 -16.77 -11.77
CA GLU F 199 23.90 -16.70 -13.18
C GLU F 199 22.70 -17.60 -13.43
N ILE F 200 22.59 -18.69 -12.68
CA ILE F 200 21.49 -19.61 -12.81
C ILE F 200 20.18 -18.95 -12.40
N LYS F 201 20.19 -18.27 -11.24
CA LYS F 201 19.02 -17.57 -10.78
C LYS F 201 18.64 -16.48 -11.75
N ARG F 202 19.62 -15.71 -12.21
CA ARG F 202 19.33 -14.63 -13.12
C ARG F 202 18.80 -15.12 -14.45
N PHE F 203 19.30 -16.22 -15.00
CA PHE F 203 18.72 -16.64 -16.27
C PHE F 203 17.21 -16.84 -16.13
N ALA F 204 16.79 -17.48 -15.03
CA ALA F 204 15.37 -17.71 -14.81
C ALA F 204 14.60 -16.41 -14.57
N GLU F 205 15.18 -15.48 -13.81
CA GLU F 205 14.55 -14.19 -13.48
C GLU F 205 14.49 -13.24 -14.66
N ASP F 206 15.50 -13.29 -15.51
CA ASP F 206 15.58 -12.45 -16.68
C ASP F 206 14.50 -12.86 -17.65
N ALA F 207 14.41 -14.18 -17.90
CA ALA F 207 13.39 -14.69 -18.79
C ALA F 207 12.01 -14.43 -18.20
N ARG F 208 11.88 -14.56 -16.87
CA ARG F 208 10.58 -14.36 -16.25
C ARG F 208 10.13 -12.92 -16.36
N LYS F 209 11.00 -11.96 -16.05
CA LYS F 209 10.52 -10.59 -16.13
C LYS F 209 10.19 -10.18 -17.53
N LYS F 210 11.00 -10.61 -18.52
CA LYS F 210 10.68 -10.18 -19.86
C LYS F 210 9.37 -10.75 -20.33
N ILE F 211 9.09 -12.02 -20.04
CA ILE F 211 7.84 -12.55 -20.54
C ILE F 211 6.68 -11.98 -19.79
N GLU F 212 6.73 -11.97 -18.47
CA GLU F 212 5.54 -11.54 -17.76
C GLU F 212 5.18 -10.11 -18.04
N VAL F 213 6.14 -9.20 -18.08
CA VAL F 213 5.71 -7.84 -18.30
C VAL F 213 5.33 -7.63 -19.75
N LEU F 214 6.13 -8.11 -20.70
CA LEU F 214 5.80 -7.83 -22.07
C LEU F 214 4.53 -8.54 -22.49
N ALA F 215 4.31 -9.78 -22.02
CA ALA F 215 3.11 -10.50 -22.38
C ALA F 215 1.89 -9.81 -21.82
N LEU F 216 1.98 -9.30 -20.59
CA LEU F 216 0.85 -8.62 -20.02
C LEU F 216 0.60 -7.32 -20.74
N LEU F 217 1.65 -6.60 -21.16
CA LEU F 217 1.44 -5.35 -21.89
C LEU F 217 0.77 -5.63 -23.22
N LYS F 218 1.17 -6.74 -23.89
CA LYS F 218 0.55 -7.08 -25.15
C LYS F 218 -0.92 -7.41 -24.94
N ARG F 219 -1.26 -8.15 -23.87
CA ARG F 219 -2.66 -8.47 -23.67
C ARG F 219 -3.47 -7.23 -23.35
N SER F 220 -2.90 -6.31 -22.56
CA SER F 220 -3.63 -5.09 -22.22
C SER F 220 -3.87 -4.25 -23.46
N ARG F 221 -2.87 -4.15 -24.35
CA ARG F 221 -3.06 -3.37 -25.55
C ARG F 221 -4.06 -4.02 -26.50
N GLU F 222 -4.01 -5.35 -26.63
CA GLU F 222 -4.94 -6.04 -27.52
C GLU F 222 -6.34 -5.94 -27.00
N TYR F 223 -6.49 -6.10 -25.69
CA TYR F 223 -7.78 -6.04 -25.07
C TYR F 223 -8.36 -4.66 -25.25
N LEU F 224 -7.56 -3.61 -24.99
CA LEU F 224 -8.06 -2.24 -25.12
C LEU F 224 -8.46 -1.98 -26.55
N LYS F 225 -7.64 -2.39 -27.53
CA LYS F 225 -8.01 -2.16 -28.92
C LYS F 225 -9.31 -2.88 -29.24
N LYS F 226 -9.46 -4.13 -28.79
CA LYS F 226 -10.68 -4.88 -29.05
C LYS F 226 -11.87 -4.19 -28.43
N VAL F 227 -11.69 -3.65 -27.23
CA VAL F 227 -12.76 -2.93 -26.57
C VAL F 227 -13.10 -1.68 -27.34
N ALA F 228 -12.12 -0.92 -27.78
CA ALA F 228 -12.44 0.27 -28.54
C ALA F 228 -13.23 -0.11 -29.79
N LEU F 229 -12.87 -1.23 -30.44
CA LEU F 229 -13.58 -1.66 -31.64
C LEU F 229 -15.01 -2.08 -31.31
N ILE F 230 -15.21 -2.74 -30.17
CA ILE F 230 -16.54 -3.15 -29.72
C ILE F 230 -17.37 -1.91 -29.49
N GLN F 231 -16.77 -0.93 -28.81
CA GLN F 231 -17.44 0.30 -28.49
C GLN F 231 -17.78 1.10 -29.73
N LEU F 232 -16.92 1.09 -30.75
CA LEU F 232 -17.26 1.77 -31.99
C LEU F 232 -18.44 1.08 -32.63
N VAL F 233 -18.49 -0.26 -32.58
CA VAL F 233 -19.65 -0.93 -33.14
C VAL F 233 -20.88 -0.51 -32.40
N ILE F 234 -20.80 -0.43 -31.07
CA ILE F 234 -21.94 0.01 -30.30
C ILE F 234 -22.35 1.44 -30.66
N ALA F 235 -21.38 2.35 -30.78
CA ALA F 235 -21.75 3.72 -31.14
C ALA F 235 -22.43 3.77 -32.49
N PHE F 236 -21.96 2.96 -33.45
CA PHE F 236 -22.56 2.98 -34.77
C PHE F 236 -23.95 2.41 -34.76
N VAL F 237 -24.19 1.34 -34.00
CA VAL F 237 -25.54 0.80 -33.99
C VAL F 237 -26.50 1.75 -33.27
N PHE F 238 -26.04 2.54 -32.28
CA PHE F 238 -26.92 3.55 -31.69
C PHE F 238 -27.28 4.60 -32.73
N LEU F 239 -26.29 5.01 -33.55
CA LEU F 239 -26.56 5.99 -34.59
C LEU F 239 -27.54 5.43 -35.62
N ILE F 240 -27.42 4.14 -35.93
CA ILE F 240 -28.34 3.49 -36.84
C ILE F 240 -29.74 3.49 -36.26
N LEU F 241 -29.86 3.17 -34.97
CA LEU F 241 -31.17 3.16 -34.34
C LEU F 241 -31.80 4.55 -34.40
N LEU F 242 -31.01 5.60 -34.16
CA LEU F 242 -31.56 6.95 -34.24
C LEU F 242 -32.03 7.32 -35.64
N ILE F 243 -31.28 6.94 -36.68
CA ILE F 243 -31.77 7.27 -38.01
C ILE F 243 -33.00 6.45 -38.34
N LEU F 244 -33.08 5.18 -37.88
CA LEU F 244 -34.26 4.39 -38.16
C LEU F 244 -35.48 5.03 -37.50
N LEU F 245 -35.34 5.53 -36.28
CA LEU F 245 -36.48 6.16 -35.61
C LEU F 245 -36.91 7.42 -36.35
N SER F 246 -35.94 8.20 -36.82
CA SER F 246 -36.27 9.41 -37.55
C SER F 246 -37.01 9.07 -38.85
N TRP F 247 -36.52 8.06 -39.57
CA TRP F 247 -37.16 7.64 -40.81
C TRP F 247 -38.55 7.11 -40.56
N ARG F 248 -38.75 6.30 -39.50
CA ARG F 248 -40.08 5.77 -39.28
C ARG F 248 -41.02 6.91 -38.96
N SER F 249 -40.57 7.91 -38.21
CA SER F 249 -41.44 9.02 -37.88
C SER F 249 -41.93 9.70 -39.16
N GLU F 250 -41.01 9.97 -40.09
CA GLU F 250 -41.41 10.63 -41.31
C GLU F 250 -42.37 9.77 -42.14
N GLU F 251 -42.11 8.47 -42.22
CA GLU F 251 -42.94 7.56 -43.00
C GLU F 251 -44.34 7.39 -42.43
N LEU F 252 -44.45 7.27 -41.10
CA LEU F 252 -45.72 7.02 -40.48
C LEU F 252 -46.63 8.22 -40.60
N ILE F 253 -46.06 9.41 -40.44
CA ILE F 253 -46.85 10.61 -40.59
C ILE F 253 -47.16 10.85 -42.04
N ARG F 254 -46.18 10.72 -42.92
CA ARG F 254 -46.44 10.98 -44.32
C ARG F 254 -47.57 10.11 -44.84
N GLU F 255 -47.60 8.81 -44.51
CA GLU F 255 -48.69 8.01 -45.02
C GLU F 255 -50.03 8.55 -44.58
N LEU F 256 -50.15 8.90 -43.30
CA LEU F 256 -51.42 9.36 -42.80
C LEU F 256 -51.82 10.71 -43.37
N GLU F 257 -50.86 11.64 -43.52
CA GLU F 257 -51.18 12.95 -44.05
C GLU F 257 -51.59 12.88 -45.52
N GLU F 258 -50.92 12.02 -46.30
CA GLU F 258 -51.25 11.86 -47.72
C GLU F 258 -52.63 11.28 -47.90
N LYS F 259 -53.00 10.33 -47.03
CA LYS F 259 -54.29 9.69 -47.10
C LYS F 259 -55.42 10.45 -46.40
N GLY F 260 -55.09 11.29 -45.41
CA GLY F 260 -56.13 11.96 -44.64
C GLY F 260 -56.71 10.93 -43.67
N ALA F 261 -55.85 10.01 -43.26
CA ALA F 261 -56.21 8.89 -42.41
C ALA F 261 -56.13 9.18 -40.92
N ALA F 262 -55.76 10.39 -40.56
CA ALA F 262 -55.67 10.79 -39.15
C ALA F 262 -55.95 12.28 -39.07
N SER F 263 -56.55 12.70 -37.95
CA SER F 263 -56.81 14.12 -37.74
C SER F 263 -55.52 14.79 -37.36
N GLU F 264 -55.46 16.10 -37.41
CA GLU F 264 -54.23 16.77 -37.02
C GLU F 264 -53.92 16.50 -35.57
N ALA F 265 -54.96 16.45 -34.71
CA ALA F 265 -54.71 16.19 -33.29
C ALA F 265 -54.11 14.82 -33.11
N GLU F 266 -54.58 13.84 -33.87
CA GLU F 266 -54.03 12.49 -33.76
C GLU F 266 -52.60 12.49 -34.23
N LEU F 267 -52.31 13.21 -35.31
CA LEU F 267 -50.97 13.28 -35.82
C LEU F 267 -50.06 13.99 -34.87
N ALA F 268 -50.53 15.06 -34.22
CA ALA F 268 -49.67 15.77 -33.28
C ALA F 268 -49.28 14.86 -32.14
N ARG F 269 -50.21 14.01 -31.68
CA ARG F 269 -49.88 13.09 -30.61
C ARG F 269 -48.84 12.08 -31.10
N MET F 270 -49.02 11.58 -32.33
CA MET F 270 -48.07 10.63 -32.89
C MET F 270 -46.71 11.26 -33.05
N LYS F 271 -46.65 12.52 -33.48
CA LYS F 271 -45.40 13.22 -33.67
C LYS F 271 -44.67 13.31 -32.35
N GLN F 272 -45.37 13.59 -31.25
CA GLN F 272 -44.70 13.60 -29.97
C GLN F 272 -44.24 12.20 -29.57
N GLN F 273 -45.03 11.17 -29.88
CA GLN F 273 -44.64 9.80 -29.52
C GLN F 273 -43.39 9.39 -30.30
N HIS F 274 -43.30 9.83 -31.55
CA HIS F 274 -42.18 9.49 -32.40
C HIS F 274 -40.94 10.22 -31.93
N MET F 275 -41.10 11.50 -31.54
CA MET F 275 -39.99 12.30 -31.07
C MET F 275 -39.56 11.83 -29.69
N THR F 276 -40.51 11.33 -28.90
CA THR F 276 -40.20 10.81 -27.59
C THR F 276 -39.38 9.54 -27.76
N ALA F 277 -39.73 8.65 -28.70
CA ALA F 277 -38.91 7.47 -28.90
C ALA F 277 -37.49 7.87 -29.36
N TYR F 278 -37.41 8.90 -30.23
CA TYR F 278 -36.13 9.42 -30.70
C TYR F 278 -35.32 9.88 -29.52
N LEU F 279 -35.97 10.63 -28.64
CA LEU F 279 -35.39 11.11 -27.41
C LEU F 279 -34.88 9.99 -26.55
N GLN F 280 -35.69 8.96 -26.31
CA GLN F 280 -35.23 7.90 -25.44
C GLN F 280 -33.95 7.27 -25.99
N ALA F 281 -33.91 7.08 -27.32
CA ALA F 281 -32.75 6.50 -27.93
C ALA F 281 -31.53 7.38 -27.83
N ALA F 282 -31.74 8.68 -28.04
CA ALA F 282 -30.65 9.63 -28.03
C ALA F 282 -30.06 9.80 -26.66
N LEU F 283 -30.91 9.83 -25.64
CA LEU F 283 -30.42 10.06 -24.32
C LEU F 283 -29.59 8.88 -23.87
N THR F 284 -30.06 7.67 -24.21
CA THR F 284 -29.34 6.47 -23.83
C THR F 284 -28.04 6.34 -24.60
N ALA F 285 -28.05 6.62 -25.91
CA ALA F 285 -26.82 6.47 -26.66
C ALA F 285 -25.71 7.30 -26.08
N TRP F 286 -26.05 8.50 -25.64
CA TRP F 286 -25.06 9.38 -25.08
C TRP F 286 -24.59 8.87 -23.71
N GLU F 287 -25.50 8.32 -22.89
CA GLU F 287 -25.09 7.73 -21.63
C GLU F 287 -24.14 6.56 -21.82
N ILE F 288 -24.44 5.71 -22.81
CA ILE F 288 -23.62 4.53 -23.02
C ILE F 288 -22.26 4.96 -23.54
N ILE F 289 -22.19 5.95 -24.42
CA ILE F 289 -20.88 6.39 -24.90
C ILE F 289 -20.03 6.86 -23.71
N SER F 290 -20.62 7.60 -22.77
CA SER F 290 -19.87 8.01 -21.59
C SER F 290 -19.35 6.78 -20.82
N LYS F 291 -20.21 5.76 -20.65
CA LYS F 291 -19.80 4.52 -19.96
C LYS F 291 -18.70 3.78 -20.72
N SER F 292 -18.75 3.81 -22.06
CA SER F 292 -17.76 3.18 -22.92
C SER F 292 -16.40 3.86 -22.71
N VAL F 293 -16.41 5.18 -22.57
CA VAL F 293 -15.19 5.90 -22.28
C VAL F 293 -14.63 5.46 -20.95
N ILE F 294 -15.48 5.32 -19.94
CA ILE F 294 -14.96 4.87 -18.67
C ILE F 294 -14.35 3.48 -18.77
N ALA F 295 -14.97 2.54 -19.47
CA ALA F 295 -14.32 1.24 -19.57
C ALA F 295 -12.92 1.38 -20.16
N LEU F 296 -12.76 2.26 -21.16
CA LEU F 296 -11.42 2.47 -21.72
C LEU F 296 -10.48 3.18 -20.74
N LEU F 297 -10.97 4.10 -19.90
CA LEU F 297 -10.03 4.75 -19.00
C LEU F 297 -9.58 3.76 -17.95
N LEU F 298 -10.44 2.81 -17.57
CA LEU F 298 -10.06 1.82 -16.57
C LEU F 298 -8.95 0.97 -17.15
N LEU F 299 -9.05 0.65 -18.44
CA LEU F 299 -8.01 -0.11 -19.10
C LEU F 299 -6.73 0.69 -19.26
N GLN F 300 -6.86 1.99 -19.53
CA GLN F 300 -5.68 2.80 -19.69
C GLN F 300 -4.94 2.90 -18.35
N GLN F 301 -5.70 2.97 -17.24
CA GLN F 301 -5.09 3.03 -15.91
C GLN F 301 -4.34 1.74 -15.62
N ASN F 302 -4.92 0.61 -16.02
CA ASN F 302 -4.31 -0.69 -15.83
C ASN F 302 -3.01 -0.81 -16.62
N GLN F 303 -3.06 -0.40 -17.89
CA GLN F 303 -1.89 -0.49 -18.75
C GLN F 303 -0.78 0.41 -18.22
N LEU F 304 -1.16 1.59 -17.74
CA LEU F 304 -0.21 2.54 -17.22
C LEU F 304 0.51 1.97 -16.05
N ASN F 305 -0.21 1.38 -15.10
CA ASN F 305 0.47 0.86 -13.94
C ASN F 305 1.36 -0.32 -14.29
N LEU F 306 0.98 -1.14 -15.27
CA LEU F 306 1.89 -2.21 -15.66
C LEU F 306 3.16 -1.68 -16.31
N GLU F 307 3.01 -0.77 -17.27
CA GLU F 307 4.17 -0.24 -17.98
C GLU F 307 5.07 0.52 -17.02
N LEU F 308 4.47 1.27 -16.10
CA LEU F 308 5.20 2.07 -15.15
C LEU F 308 5.98 1.23 -14.13
N ARG F 309 5.36 0.15 -13.62
CA ARG F 309 5.99 -0.69 -12.61
C ARG F 309 6.97 -1.74 -13.13
N HIS F 310 6.80 -2.17 -14.39
CA HIS F 310 7.60 -3.22 -15.04
C HIS F 310 8.25 -4.19 -14.03
N GLU G 1 8.83 -44.73 37.54
CA GLU G 1 8.67 -46.13 37.91
C GLU G 1 8.79 -47.08 36.71
N GLU G 2 8.65 -48.37 37.01
CA GLU G 2 8.79 -49.47 36.05
C GLU G 2 7.73 -49.50 34.98
N PHE G 3 6.48 -49.16 35.33
CA PHE G 3 5.45 -49.21 34.31
C PHE G 3 5.73 -48.26 33.19
N MET G 4 6.03 -47.02 33.53
CA MET G 4 6.24 -46.00 32.54
C MET G 4 7.48 -46.37 31.70
N ALA G 5 8.54 -46.86 32.37
CA ALA G 5 9.76 -47.22 31.66
C ALA G 5 9.55 -48.40 30.70
N ARG G 6 8.79 -49.40 31.15
CA ARG G 6 8.52 -50.54 30.30
C ARG G 6 7.55 -50.17 29.23
N ALA G 7 6.58 -49.33 29.53
CA ALA G 7 5.60 -48.98 28.54
C ALA G 7 6.29 -48.33 27.35
N ILE G 8 7.31 -47.48 27.54
CA ILE G 8 7.90 -46.96 26.31
C ILE G 8 8.50 -48.07 25.48
N SER G 9 9.24 -48.96 26.11
CA SER G 9 9.83 -50.02 25.33
C SER G 9 8.78 -50.94 24.71
N ALA G 10 7.73 -51.27 25.47
CA ALA G 10 6.68 -52.18 25.02
C ALA G 10 5.86 -51.59 23.88
N ILE G 11 5.60 -50.30 23.95
CA ILE G 11 4.82 -49.63 22.94
C ILE G 11 5.58 -49.66 21.63
N ALA G 12 6.86 -49.27 21.69
CA ALA G 12 7.68 -49.27 20.51
C ALA G 12 7.96 -50.67 20.02
N GLU G 13 8.16 -51.62 20.94
CA GLU G 13 8.48 -52.98 20.58
C GLU G 13 7.36 -53.63 19.80
N LEU G 14 6.12 -53.45 20.24
CA LEU G 14 5.05 -54.08 19.53
C LEU G 14 4.85 -53.44 18.17
N ALA G 15 4.94 -52.10 18.08
CA ALA G 15 4.75 -51.50 16.78
C ALA G 15 5.91 -51.84 15.87
N LYS G 16 7.13 -51.85 16.39
CA LYS G 16 8.32 -52.12 15.61
C LYS G 16 8.28 -53.50 15.01
N LYS G 17 7.88 -54.50 15.79
CA LYS G 17 7.82 -55.86 15.26
C LYS G 17 6.76 -55.95 14.18
N ALA G 18 5.61 -55.33 14.40
CA ALA G 18 4.55 -55.36 13.42
C ALA G 18 4.97 -54.63 12.14
N ILE G 19 5.73 -53.53 12.27
CA ILE G 19 6.24 -52.76 11.14
C ILE G 19 7.21 -53.58 10.34
N GLU G 20 8.16 -54.22 11.02
CA GLU G 20 9.13 -55.03 10.32
C GLU G 20 8.46 -56.18 9.61
N ALA G 21 7.50 -56.84 10.25
CA ALA G 21 6.85 -57.97 9.63
C ALA G 21 6.03 -57.60 8.39
N ILE G 22 5.30 -56.48 8.44
CA ILE G 22 4.48 -56.14 7.28
C ILE G 22 5.39 -55.57 6.18
N TYR G 23 6.41 -54.79 6.58
CA TYR G 23 7.38 -54.28 5.64
C TYR G 23 8.11 -55.39 4.93
N ARG G 24 8.63 -56.37 5.68
CA ARG G 24 9.38 -57.44 5.07
C ARG G 24 8.54 -58.18 4.04
N LEU G 25 7.27 -58.44 4.33
CA LEU G 25 6.48 -59.14 3.33
C LEU G 25 6.33 -58.28 2.09
N ALA G 26 6.08 -56.99 2.29
CA ALA G 26 5.92 -56.04 1.21
C ALA G 26 7.20 -55.85 0.41
N ASP G 27 8.36 -55.94 1.07
CA ASP G 27 9.65 -55.77 0.43
C ASP G 27 9.91 -56.96 -0.49
N ASN G 28 9.48 -58.16 -0.05
CA ASN G 28 9.65 -59.37 -0.85
C ASN G 28 8.69 -59.40 -2.05
N HIS G 29 7.51 -58.81 -1.87
CA HIS G 29 6.48 -58.74 -2.90
C HIS G 29 6.74 -57.67 -3.97
N THR G 30 6.21 -57.89 -5.17
CA THR G 30 6.32 -56.90 -6.24
C THR G 30 4.97 -56.24 -6.52
N THR G 31 3.95 -56.66 -5.77
CA THR G 31 2.59 -56.19 -5.91
C THR G 31 2.43 -54.81 -5.25
N ASP G 32 1.84 -53.86 -5.99
CA ASP G 32 1.68 -52.49 -5.55
C ASP G 32 0.72 -52.34 -4.39
N THR G 33 -0.29 -53.18 -4.42
CA THR G 33 -1.35 -53.25 -3.45
C THR G 33 -0.80 -53.69 -2.10
N PHE G 34 0.13 -54.65 -2.12
CA PHE G 34 0.69 -55.19 -0.90
C PHE G 34 1.66 -54.17 -0.32
N MET G 35 2.39 -53.48 -1.20
CA MET G 35 3.28 -52.46 -0.71
C MET G 35 2.47 -51.36 -0.05
N ALA G 36 1.36 -50.99 -0.68
CA ALA G 36 0.49 -49.96 -0.13
C ALA G 36 -0.11 -50.38 1.20
N LYS G 37 -0.48 -51.67 1.34
CA LYS G 37 -1.02 -52.16 2.59
C LYS G 37 0.00 -51.99 3.70
N ALA G 38 1.26 -52.37 3.42
CA ALA G 38 2.29 -52.20 4.42
C ALA G 38 2.48 -50.74 4.74
N ILE G 39 2.41 -49.87 3.75
CA ILE G 39 2.61 -48.47 4.02
C ILE G 39 1.56 -47.90 4.95
N GLU G 40 0.30 -48.23 4.72
CA GLU G 40 -0.73 -47.72 5.59
C GLU G 40 -0.65 -48.37 6.97
N ALA G 41 -0.37 -49.69 7.03
CA ALA G 41 -0.27 -50.40 8.31
C ALA G 41 0.88 -49.85 9.13
N ILE G 42 1.99 -49.53 8.47
CA ILE G 42 3.16 -49.01 9.14
C ILE G 42 2.87 -47.65 9.70
N ALA G 43 2.19 -46.79 8.94
CA ALA G 43 1.86 -45.51 9.50
C ALA G 43 0.97 -45.68 10.72
N GLU G 44 0.01 -46.60 10.69
CA GLU G 44 -0.83 -46.69 11.89
C GLU G 44 -0.06 -47.19 13.11
N LEU G 45 0.84 -48.15 12.89
CA LEU G 45 1.61 -48.72 13.99
C LEU G 45 2.59 -47.74 14.60
N ALA G 46 3.34 -47.02 13.77
CA ALA G 46 4.30 -46.08 14.29
C ALA G 46 3.59 -44.84 14.79
N LYS G 47 2.50 -44.42 14.15
CA LYS G 47 1.85 -43.20 14.57
C LYS G 47 1.33 -43.32 15.98
N GLU G 48 0.68 -44.45 16.30
CA GLU G 48 0.16 -44.60 17.63
C GLU G 48 1.29 -44.79 18.62
N ALA G 49 2.30 -45.60 18.27
CA ALA G 49 3.37 -45.83 19.19
C ALA G 49 4.16 -44.56 19.50
N ILE G 50 4.38 -43.73 18.49
CA ILE G 50 5.14 -42.50 18.67
C ILE G 50 4.38 -41.53 19.54
N LYS G 51 3.09 -41.34 19.29
CA LYS G 51 2.33 -40.42 20.11
C LYS G 51 2.27 -40.87 21.56
N ALA G 52 2.04 -42.18 21.78
CA ALA G 52 1.93 -42.67 23.13
C ALA G 52 3.22 -42.51 23.90
N ILE G 53 4.35 -42.78 23.24
CA ILE G 53 5.66 -42.67 23.86
C ILE G 53 6.04 -41.23 24.14
N ALA G 54 5.81 -40.36 23.18
CA ALA G 54 6.20 -38.98 23.35
C ALA G 54 5.47 -38.35 24.52
N ASP G 55 4.18 -38.66 24.69
CA ASP G 55 3.46 -38.07 25.80
C ASP G 55 3.80 -38.75 27.09
N LEU G 56 4.08 -40.04 27.06
CA LEU G 56 4.42 -40.70 28.31
C LEU G 56 5.70 -40.09 28.86
N ALA G 57 6.73 -39.99 28.03
CA ALA G 57 8.05 -39.49 28.44
C ALA G 57 8.05 -38.03 28.86
N LYS G 58 7.18 -37.22 28.27
CA LYS G 58 7.13 -35.80 28.59
C LYS G 58 6.44 -35.50 29.91
N ASN G 59 5.95 -36.54 30.57
CA ASN G 59 5.34 -36.40 31.87
C ASN G 59 6.31 -36.78 32.98
N HIS G 60 7.60 -36.87 32.62
CA HIS G 60 8.69 -37.15 33.52
C HIS G 60 9.69 -36.00 33.55
N THR G 61 10.46 -35.95 34.63
CA THR G 61 11.43 -34.89 34.89
C THR G 61 12.88 -35.38 34.74
N THR G 62 13.05 -36.55 34.14
CA THR G 62 14.36 -37.16 33.99
C THR G 62 14.74 -37.64 32.62
N GLU G 63 16.06 -37.67 32.42
CA GLU G 63 16.73 -38.09 31.22
C GLU G 63 16.45 -39.55 30.93
N GLU G 64 16.05 -40.33 31.93
CA GLU G 64 15.72 -41.71 31.64
C GLU G 64 14.60 -41.77 30.62
N PHE G 65 13.61 -40.92 30.79
CA PHE G 65 12.46 -40.94 29.93
C PHE G 65 12.69 -40.28 28.62
N MET G 66 13.41 -39.16 28.63
CA MET G 66 13.68 -38.58 27.34
C MET G 66 14.55 -39.56 26.56
N ALA G 67 15.49 -40.24 27.23
CA ALA G 67 16.36 -41.17 26.53
C ALA G 67 15.60 -42.34 25.92
N ARG G 68 14.64 -42.89 26.68
CA ARG G 68 13.89 -44.02 26.17
C ARG G 68 13.03 -43.63 25.01
N ALA G 69 12.39 -42.47 25.11
CA ALA G 69 11.51 -42.00 24.06
C ALA G 69 12.27 -41.49 22.84
N ILE G 70 13.42 -40.87 23.01
CA ILE G 70 14.14 -40.41 21.83
C ILE G 70 14.59 -41.60 21.05
N SER G 71 15.17 -42.61 21.71
CA SER G 71 15.59 -43.78 20.97
C SER G 71 14.40 -44.55 20.42
N ALA G 72 13.32 -44.72 21.20
CA ALA G 72 12.18 -45.47 20.73
C ALA G 72 11.50 -44.82 19.54
N ILE G 73 11.37 -43.50 19.57
CA ILE G 73 10.72 -42.80 18.49
C ILE G 73 11.63 -42.71 17.31
N ALA G 74 12.89 -42.39 17.51
CA ALA G 74 13.76 -42.30 16.37
C ALA G 74 13.82 -43.64 15.65
N GLU G 75 13.82 -44.78 16.39
CA GLU G 75 13.82 -46.04 15.68
C GLU G 75 12.48 -46.33 15.00
N LEU G 76 11.35 -46.04 15.65
CA LEU G 76 10.07 -46.32 15.01
C LEU G 76 9.89 -45.48 13.78
N ALA G 77 10.25 -44.22 13.91
CA ALA G 77 10.10 -43.27 12.86
C ALA G 77 11.01 -43.53 11.70
N ARG G 78 12.26 -43.90 11.95
CA ARG G 78 13.13 -44.12 10.83
C ARG G 78 12.87 -45.46 10.21
N LYS G 79 12.47 -46.47 11.00
CA LYS G 79 12.19 -47.75 10.39
C LYS G 79 10.95 -47.59 9.55
N ALA G 80 9.94 -46.90 10.08
CA ALA G 80 8.72 -46.72 9.38
C ALA G 80 8.87 -45.86 8.13
N ILE G 81 9.66 -44.78 8.19
CA ILE G 81 9.82 -43.98 6.98
C ILE G 81 10.65 -44.70 5.96
N ASP G 82 11.74 -45.37 6.38
CA ASP G 82 12.54 -46.09 5.41
C ASP G 82 11.70 -47.20 4.82
N ALA G 83 10.88 -47.88 5.63
CA ALA G 83 10.05 -48.94 5.10
C ALA G 83 9.04 -48.38 4.10
N ILE G 84 8.42 -47.24 4.44
CA ILE G 84 7.45 -46.67 3.56
C ILE G 84 8.05 -46.20 2.27
N TYR G 85 9.19 -45.51 2.34
CA TYR G 85 9.88 -44.97 1.19
C TYR G 85 10.39 -46.10 0.29
N ARG G 86 10.97 -47.15 0.88
CA ARG G 86 11.48 -48.25 0.07
C ARG G 86 10.39 -48.90 -0.76
N LEU G 87 9.17 -48.95 -0.22
CA LEU G 87 8.06 -49.54 -0.91
C LEU G 87 7.35 -48.50 -1.80
N ALA G 88 7.25 -47.26 -1.32
CA ALA G 88 6.54 -46.19 -2.02
C ALA G 88 7.13 -45.84 -3.36
N ARG G 89 8.45 -45.93 -3.46
CA ARG G 89 9.17 -45.57 -4.66
C ARG G 89 8.89 -46.56 -5.79
N ASN G 90 8.29 -47.70 -5.46
CA ASN G 90 7.99 -48.72 -6.45
C ASN G 90 6.52 -48.72 -6.88
N HIS G 91 5.76 -47.68 -6.50
CA HIS G 91 4.37 -47.64 -6.91
C HIS G 91 4.17 -47.20 -8.35
N THR G 92 3.08 -47.71 -8.94
CA THR G 92 2.68 -47.35 -10.29
C THR G 92 1.34 -46.62 -10.37
N THR G 93 0.58 -46.55 -9.27
CA THR G 93 -0.74 -45.93 -9.33
C THR G 93 -0.81 -44.68 -8.47
N ASP G 94 -1.83 -43.85 -8.73
CA ASP G 94 -2.02 -42.62 -7.97
C ASP G 94 -2.43 -42.90 -6.55
N THR G 95 -3.26 -43.93 -6.38
CA THR G 95 -3.80 -44.26 -5.07
C THR G 95 -2.72 -44.64 -4.12
N PHE G 96 -1.80 -45.48 -4.57
CA PHE G 96 -0.80 -45.97 -3.68
C PHE G 96 0.28 -44.93 -3.42
N MET G 97 0.61 -44.12 -4.43
CA MET G 97 1.58 -43.06 -4.22
C MET G 97 0.99 -42.06 -3.22
N ALA G 98 -0.31 -41.74 -3.38
CA ALA G 98 -0.97 -40.80 -2.48
C ALA G 98 -1.01 -41.33 -1.05
N LYS G 99 -1.21 -42.65 -0.87
CA LYS G 99 -1.20 -43.22 0.47
C LYS G 99 0.17 -43.05 1.08
N ALA G 100 1.22 -43.28 0.28
CA ALA G 100 2.56 -43.08 0.78
C ALA G 100 2.80 -41.62 1.13
N ILE G 101 2.27 -40.69 0.34
CA ILE G 101 2.52 -39.30 0.69
C ILE G 101 1.96 -38.96 2.06
N GLU G 102 0.75 -39.40 2.35
CA GLU G 102 0.21 -39.12 3.66
C GLU G 102 0.93 -39.92 4.74
N ALA G 103 1.22 -41.20 4.48
CA ALA G 103 1.85 -42.07 5.48
C ALA G 103 3.22 -41.56 5.90
N ILE G 104 3.96 -41.04 4.93
CA ILE G 104 5.30 -40.54 5.17
C ILE G 104 5.24 -39.29 6.03
N ALA G 105 4.38 -38.34 5.69
CA ALA G 105 4.30 -37.13 6.47
C ALA G 105 3.71 -37.35 7.83
N GLU G 106 2.71 -38.23 7.97
CA GLU G 106 2.15 -38.37 9.30
C GLU G 106 3.19 -38.84 10.28
N LEU G 107 4.05 -39.76 9.85
CA LEU G 107 5.02 -40.21 10.79
C LEU G 107 6.22 -39.32 10.91
N ALA G 108 6.70 -38.75 9.82
CA ALA G 108 7.89 -37.93 9.99
C ALA G 108 7.51 -36.71 10.81
N LYS G 109 6.35 -36.11 10.55
CA LYS G 109 5.99 -34.93 11.29
C LYS G 109 5.83 -35.24 12.79
N GLU G 110 5.12 -36.32 13.15
CA GLU G 110 4.93 -36.60 14.56
C GLU G 110 6.22 -37.02 15.23
N ALA G 111 7.04 -37.79 14.51
CA ALA G 111 8.28 -38.25 15.06
C ALA G 111 9.25 -37.14 15.30
N ILE G 112 9.35 -36.23 14.35
CA ILE G 112 10.30 -35.16 14.47
C ILE G 112 9.94 -34.25 15.59
N LYS G 113 8.66 -33.92 15.69
CA LYS G 113 8.25 -33.05 16.76
C LYS G 113 8.55 -33.75 18.07
N ALA G 114 8.22 -35.04 18.21
CA ALA G 114 8.46 -35.73 19.46
C ALA G 114 9.93 -35.87 19.80
N ILE G 115 10.77 -36.20 18.82
CA ILE G 115 12.17 -36.44 19.07
C ILE G 115 12.81 -35.18 19.59
N ALA G 116 12.52 -34.06 18.93
CA ALA G 116 13.10 -32.83 19.42
C ALA G 116 12.46 -32.37 20.70
N ASP G 117 11.15 -32.52 20.87
CA ASP G 117 10.54 -32.01 22.08
C ASP G 117 11.12 -32.70 23.32
N LEU G 118 11.48 -33.96 23.18
CA LEU G 118 12.14 -34.72 24.23
C LEU G 118 13.61 -34.29 24.37
N ALA G 119 14.33 -34.17 23.26
CA ALA G 119 15.74 -33.82 23.32
C ALA G 119 15.97 -32.39 23.83
N LYS G 120 15.04 -31.50 23.55
CA LYS G 120 15.05 -30.09 23.93
C LYS G 120 14.95 -29.89 25.43
N ASN G 121 14.60 -30.95 26.18
CA ASN G 121 14.42 -30.85 27.61
C ASN G 121 15.65 -31.26 28.40
N HIS G 122 16.80 -31.42 27.72
CA HIS G 122 18.02 -31.75 28.44
C HIS G 122 19.21 -31.27 27.62
N THR G 123 20.29 -30.86 28.27
CA THR G 123 21.46 -30.40 27.54
C THR G 123 22.45 -31.50 27.13
N THR G 124 22.25 -32.74 27.57
CA THR G 124 23.20 -33.78 27.20
C THR G 124 23.37 -33.91 25.70
N GLU G 125 24.63 -34.08 25.29
CA GLU G 125 25.02 -34.21 23.91
C GLU G 125 24.47 -35.48 23.28
N ASP G 126 24.06 -36.44 24.11
CA ASP G 126 23.50 -37.67 23.58
C ASP G 126 22.11 -37.43 23.00
N PHE G 127 21.35 -36.48 23.58
CA PHE G 127 20.03 -36.23 23.06
C PHE G 127 20.18 -35.33 21.88
N MET G 128 21.08 -34.36 22.00
CA MET G 128 21.26 -33.44 20.91
C MET G 128 21.77 -34.16 19.69
N ASP G 129 22.76 -35.02 19.82
CA ASP G 129 23.26 -35.67 18.63
C ASP G 129 22.28 -36.65 18.04
N GLU G 130 21.59 -37.44 18.88
CA GLU G 130 20.69 -38.42 18.29
C GLU G 130 19.53 -37.71 17.64
N ALA G 131 19.00 -36.66 18.28
CA ALA G 131 17.88 -35.95 17.74
C ALA G 131 18.24 -35.10 16.52
N ILE G 132 19.42 -34.46 16.49
CA ILE G 132 19.74 -33.64 15.33
C ILE G 132 19.94 -34.55 14.13
N SER G 133 20.70 -35.63 14.33
CA SER G 133 20.98 -36.56 13.27
C SER G 133 19.71 -37.28 12.81
N ALA G 134 18.90 -37.78 13.76
CA ALA G 134 17.70 -38.50 13.39
C ALA G 134 16.74 -37.63 12.64
N ILE G 135 16.62 -36.37 13.05
CA ILE G 135 15.70 -35.48 12.40
C ILE G 135 16.22 -35.01 11.07
N ALA G 136 17.48 -34.62 10.97
CA ALA G 136 17.90 -34.14 9.67
C ALA G 136 17.74 -35.26 8.63
N GLU G 137 18.05 -36.52 8.99
CA GLU G 137 17.86 -37.58 8.00
C GLU G 137 16.39 -37.92 7.76
N LEU G 138 15.59 -37.96 8.83
CA LEU G 138 14.18 -38.32 8.75
C LEU G 138 13.40 -37.26 8.01
N ALA G 139 13.66 -35.99 8.33
CA ALA G 139 12.96 -34.89 7.71
C ALA G 139 13.24 -34.81 6.24
N ARG G 140 14.51 -35.00 5.87
CA ARG G 140 14.82 -34.86 4.47
C ARG G 140 14.34 -36.05 3.69
N LYS G 141 14.48 -37.27 4.22
CA LYS G 141 13.98 -38.40 3.45
C LYS G 141 12.51 -38.34 3.30
N ALA G 142 11.79 -37.95 4.35
CA ALA G 142 10.36 -37.90 4.24
C ALA G 142 9.93 -36.85 3.21
N ILE G 143 10.58 -35.68 3.20
CA ILE G 143 10.22 -34.66 2.23
C ILE G 143 10.58 -35.03 0.82
N GLU G 144 11.78 -35.53 0.63
CA GLU G 144 12.27 -35.91 -0.66
C GLU G 144 11.43 -37.05 -1.22
N ALA G 145 11.05 -38.01 -0.37
CA ALA G 145 10.22 -39.12 -0.84
C ALA G 145 8.88 -38.60 -1.32
N ILE G 146 8.30 -37.66 -0.58
CA ILE G 146 7.00 -37.10 -0.95
C ILE G 146 7.06 -36.30 -2.21
N LEU G 147 8.07 -35.45 -2.33
CA LEU G 147 8.17 -34.61 -3.49
C LEU G 147 8.43 -35.46 -4.72
N ARG G 148 9.24 -36.51 -4.58
CA ARG G 148 9.52 -37.36 -5.71
C ARG G 148 8.26 -38.16 -6.12
N LEU G 149 7.44 -38.60 -5.15
CA LEU G 149 6.21 -39.29 -5.54
C LEU G 149 5.30 -38.29 -6.27
N ALA G 150 5.29 -37.06 -5.77
CA ALA G 150 4.49 -35.99 -6.34
C ALA G 150 4.93 -35.65 -7.76
N SER G 151 6.21 -35.80 -8.06
CA SER G 151 6.72 -35.46 -9.39
C SER G 151 6.14 -36.37 -10.47
N ASN G 152 5.54 -37.51 -10.07
CA ASN G 152 4.94 -38.41 -11.03
C ASN G 152 3.42 -38.19 -11.07
N LEU G 153 2.96 -37.26 -10.24
CA LEU G 153 1.58 -36.92 -10.04
C LEU G 153 1.48 -35.39 -10.02
N THR G 154 1.55 -34.76 -11.17
CA THR G 154 1.74 -33.32 -11.20
C THR G 154 0.45 -32.49 -11.21
N SER G 155 -0.70 -33.15 -11.16
CA SER G 155 -1.97 -32.44 -11.11
C SER G 155 -2.11 -31.83 -9.72
N GLU G 156 -3.00 -30.86 -9.54
CA GLU G 156 -3.12 -30.25 -8.22
C GLU G 156 -3.55 -31.22 -7.13
N THR G 157 -4.40 -32.19 -7.43
CA THR G 157 -4.86 -33.08 -6.38
C THR G 157 -3.71 -33.70 -5.60
N TYR G 158 -2.70 -34.18 -6.30
CA TYR G 158 -1.63 -34.85 -5.62
C TYR G 158 -0.49 -33.93 -5.29
N MET G 159 -0.26 -32.90 -6.11
CA MET G 159 0.85 -32.01 -5.85
C MET G 159 0.52 -31.19 -4.61
N ARG G 160 -0.77 -30.91 -4.37
CA ARG G 160 -1.19 -30.22 -3.16
C ARG G 160 -1.08 -31.13 -1.97
N LYS G 161 -1.50 -32.41 -2.09
CA LYS G 161 -1.32 -33.27 -0.93
C LYS G 161 0.15 -33.36 -0.59
N ALA G 162 0.99 -33.45 -1.62
CA ALA G 162 2.40 -33.51 -1.40
C ALA G 162 2.94 -32.24 -0.80
N GLN G 163 2.51 -31.07 -1.27
CA GLN G 163 3.02 -29.85 -0.70
C GLN G 163 2.62 -29.69 0.73
N GLU G 164 1.38 -30.04 1.08
CA GLU G 164 0.94 -29.90 2.44
C GLU G 164 1.68 -30.89 3.32
N ALA G 165 1.89 -32.11 2.80
CA ALA G 165 2.58 -33.15 3.52
C ALA G 165 4.01 -32.70 3.82
N ILE G 166 4.64 -32.04 2.83
CA ILE G 166 5.98 -31.50 2.95
C ILE G 166 6.05 -30.34 3.88
N GLU G 167 5.15 -29.38 3.77
CA GLU G 167 5.21 -28.22 4.65
C GLU G 167 5.03 -28.64 6.09
N LYS G 168 4.14 -29.59 6.37
CA LYS G 168 3.97 -30.00 7.75
C LYS G 168 5.25 -30.61 8.31
N ILE G 169 5.93 -31.46 7.50
CA ILE G 169 7.17 -32.06 7.95
C ILE G 169 8.23 -31.00 8.07
N ALA G 170 8.34 -30.19 7.01
CA ALA G 170 9.36 -29.19 6.88
C ALA G 170 9.34 -28.13 7.92
N ARG G 171 8.18 -27.65 8.33
CA ARG G 171 8.20 -26.64 9.36
C ARG G 171 8.55 -27.29 10.67
N THR G 172 8.03 -28.51 10.90
CA THR G 172 8.31 -29.18 12.14
C THR G 172 9.81 -29.41 12.26
N ALA G 173 10.41 -29.89 11.17
CA ALA G 173 11.81 -30.19 11.07
C ALA G 173 12.69 -28.96 11.09
N GLU G 174 12.30 -27.87 10.44
CA GLU G 174 13.16 -26.71 10.48
C GLU G 174 13.33 -26.29 11.92
N GLU G 175 12.22 -26.26 12.66
CA GLU G 175 12.27 -25.81 14.03
C GLU G 175 12.94 -26.85 14.92
N ALA G 176 12.62 -28.12 14.71
CA ALA G 176 13.20 -29.15 15.54
C ALA G 176 14.72 -29.16 15.40
N ILE G 177 15.19 -29.00 14.18
CA ILE G 177 16.61 -29.01 13.92
C ILE G 177 17.23 -27.76 14.51
N ARG G 178 16.59 -26.60 14.31
CA ARG G 178 17.11 -25.31 14.78
C ARG G 178 17.32 -25.24 16.26
N ASP G 179 16.37 -25.74 17.03
CA ASP G 179 16.48 -25.61 18.45
C ASP G 179 17.50 -26.61 18.99
N LEU G 180 17.53 -27.80 18.42
CA LEU G 180 18.46 -28.77 18.91
C LEU G 180 19.86 -28.37 18.52
N ALA G 181 20.04 -27.85 17.31
CA ALA G 181 21.35 -27.43 16.87
C ALA G 181 21.89 -26.31 17.73
N ARG G 182 21.04 -25.36 18.11
CA ARG G 182 21.56 -24.25 18.91
C ARG G 182 21.84 -24.66 20.34
N ASN G 183 21.23 -25.75 20.81
CA ASN G 183 21.48 -26.20 22.16
C ASN G 183 22.71 -27.09 22.28
N LEU G 184 23.40 -27.35 21.16
CA LEU G 184 24.60 -28.16 21.19
C LEU G 184 25.81 -27.29 20.85
N GLU G 185 26.85 -27.37 21.68
CA GLU G 185 28.06 -26.56 21.54
C GLU G 185 28.94 -26.86 20.31
N ASP G 186 28.68 -27.98 19.65
CA ASP G 186 29.47 -28.36 18.49
C ASP G 186 29.02 -27.62 17.24
N GLN G 187 29.87 -26.72 16.76
CA GLN G 187 29.53 -25.89 15.62
C GLN G 187 29.32 -26.74 14.37
N GLU G 188 29.97 -27.92 14.28
CA GLU G 188 29.81 -28.77 13.12
C GLU G 188 28.37 -29.26 13.02
N ARG G 189 27.73 -29.54 14.16
CA ARG G 189 26.36 -30.01 14.06
C ARG G 189 25.51 -28.83 13.64
N ARG G 190 25.85 -27.64 14.14
CA ARG G 190 25.09 -26.46 13.78
C ARG G 190 25.19 -26.10 12.31
N GLU G 191 26.38 -26.26 11.71
CA GLU G 191 26.53 -25.93 10.30
C GLU G 191 25.83 -26.92 9.39
N ARG G 192 25.90 -28.22 9.75
CA ARG G 192 25.23 -29.20 8.92
C ARG G 192 23.73 -29.07 9.11
N ALA G 193 23.34 -28.77 10.35
CA ALA G 193 21.95 -28.55 10.66
C ALA G 193 21.42 -27.34 9.91
N LYS G 194 22.20 -26.25 9.79
CA LYS G 194 21.72 -25.09 9.05
C LYS G 194 21.45 -25.45 7.61
N SER G 195 22.32 -26.24 6.99
CA SER G 195 22.07 -26.62 5.61
C SER G 195 20.79 -27.44 5.51
N ALA G 196 20.60 -28.37 6.46
CA ALA G 196 19.38 -29.17 6.43
C ALA G 196 18.16 -28.28 6.62
N ARG G 197 18.25 -27.30 7.50
CA ARG G 197 17.11 -26.45 7.76
C ARG G 197 16.72 -25.67 6.53
N ASP G 198 17.71 -25.15 5.82
CA ASP G 198 17.40 -24.37 4.66
C ASP G 198 16.82 -25.20 3.52
N GLU G 199 17.34 -26.42 3.28
CA GLU G 199 16.76 -27.18 2.17
C GLU G 199 15.35 -27.62 2.52
N ILE G 200 15.12 -27.88 3.80
CA ILE G 200 13.82 -28.31 4.27
C ILE G 200 12.80 -27.19 4.09
N LYS G 201 13.15 -25.98 4.51
CA LYS G 201 12.27 -24.84 4.34
C LYS G 201 12.00 -24.59 2.87
N ARG G 202 13.06 -24.62 2.06
CA ARG G 202 12.89 -24.35 0.66
C ARG G 202 12.06 -25.40 -0.04
N PHE G 203 12.18 -26.69 0.31
CA PHE G 203 11.32 -27.64 -0.39
C PHE G 203 9.86 -27.26 -0.21
N ALA G 204 9.47 -26.89 1.02
CA ALA G 204 8.09 -26.50 1.29
C ALA G 204 7.70 -25.20 0.56
N GLU G 205 8.61 -24.21 0.54
CA GLU G 205 8.36 -22.91 -0.10
C GLU G 205 8.34 -22.98 -1.61
N ASP G 206 9.17 -23.85 -2.17
CA ASP G 206 9.25 -24.04 -3.60
C ASP G 206 7.96 -24.64 -4.09
N ALA G 207 7.52 -25.71 -3.41
CA ALA G 207 6.28 -26.35 -3.78
C ALA G 207 5.11 -25.39 -3.57
N ARG G 208 5.17 -24.59 -2.49
CA ARG G 208 4.08 -23.68 -2.20
C ARG G 208 3.96 -22.60 -3.25
N LYS G 209 5.07 -21.96 -3.64
CA LYS G 209 4.94 -20.91 -4.62
C LYS G 209 4.50 -21.44 -5.96
N LYS G 210 5.00 -22.60 -6.38
CA LYS G 210 4.59 -23.07 -7.67
C LYS G 210 3.12 -23.39 -7.70
N ILE G 211 2.59 -24.04 -6.65
CA ILE G 211 1.20 -24.37 -6.72
C ILE G 211 0.34 -23.16 -6.59
N GLU G 212 0.60 -22.32 -5.61
CA GLU G 212 -0.32 -21.22 -5.40
C GLU G 212 -0.38 -20.28 -6.58
N VAL G 213 0.75 -19.92 -7.17
CA VAL G 213 0.64 -18.99 -8.25
C VAL G 213 0.09 -19.65 -9.50
N LEU G 214 0.59 -20.84 -9.85
CA LEU G 214 0.11 -21.44 -11.07
C LEU G 214 -1.34 -21.84 -10.97
N ALA G 215 -1.77 -22.36 -9.80
CA ALA G 215 -3.15 -22.75 -9.64
C ALA G 215 -4.06 -21.56 -9.73
N LEU G 216 -3.65 -20.44 -9.14
CA LEU G 216 -4.49 -19.26 -9.21
C LEU G 216 -4.54 -18.72 -10.63
N LEU G 217 -3.41 -18.78 -11.37
CA LEU G 217 -3.44 -18.32 -12.76
C LEU G 217 -4.36 -19.19 -13.58
N LYS G 218 -4.35 -20.50 -13.34
CA LYS G 218 -5.24 -21.38 -14.08
C LYS G 218 -6.69 -21.06 -13.77
N ARG G 219 -7.01 -20.80 -12.49
CA ARG G 219 -8.41 -20.51 -12.18
C ARG G 219 -8.83 -19.18 -12.79
N SER G 220 -7.93 -18.19 -12.80
CA SER G 220 -8.28 -16.89 -13.38
C SER G 220 -8.52 -17.03 -14.86
N ARG G 221 -7.68 -17.82 -15.56
CA ARG G 221 -7.87 -17.98 -17.00
C ARG G 221 -9.14 -18.76 -17.30
N GLU G 222 -9.43 -19.82 -16.52
CA GLU G 222 -10.62 -20.61 -16.76
C GLU G 222 -11.85 -19.80 -16.49
N TYR G 223 -11.82 -19.02 -15.41
CA TYR G 223 -12.94 -18.22 -15.03
C TYR G 223 -13.20 -17.18 -16.12
N LEU G 224 -12.15 -16.50 -16.58
CA LEU G 224 -12.32 -15.47 -17.59
C LEU G 224 -12.86 -16.10 -18.86
N LYS G 225 -12.33 -17.25 -19.29
CA LYS G 225 -12.86 -17.88 -20.50
C LYS G 225 -14.34 -18.22 -20.31
N LYS G 226 -14.71 -18.78 -19.15
CA LYS G 226 -16.09 -19.14 -18.90
C LYS G 226 -16.96 -17.90 -18.93
N VAL G 227 -16.47 -16.80 -18.39
CA VAL G 227 -17.22 -15.55 -18.43
C VAL G 227 -17.38 -15.06 -19.83
N ALA G 228 -16.31 -15.10 -20.63
CA ALA G 228 -16.46 -14.65 -21.99
C ALA G 228 -17.51 -15.49 -22.70
N LEU G 229 -17.54 -16.81 -22.45
CA LEU G 229 -18.52 -17.69 -23.07
C LEU G 229 -19.94 -17.36 -22.61
N ILE G 230 -20.10 -17.04 -21.32
CA ILE G 230 -21.40 -16.66 -20.78
C ILE G 230 -21.86 -15.39 -21.45
N GLN G 231 -20.94 -14.44 -21.57
CA GLN G 231 -21.23 -13.16 -22.17
C GLN G 231 -21.57 -13.30 -23.65
N LEU G 232 -20.91 -14.21 -24.37
CA LEU G 232 -21.28 -14.43 -25.75
C LEU G 232 -22.68 -14.98 -25.81
N VAL G 233 -23.04 -15.89 -24.90
CA VAL G 233 -24.40 -16.41 -24.93
C VAL G 233 -25.36 -15.26 -24.70
N ILE G 234 -25.04 -14.38 -23.75
CA ILE G 234 -25.91 -13.25 -23.51
C ILE G 234 -26.01 -12.35 -24.75
N ALA G 235 -24.89 -12.05 -25.41
CA ALA G 235 -24.97 -11.21 -26.59
C ALA G 235 -25.83 -11.85 -27.66
N PHE G 236 -25.73 -13.18 -27.82
CA PHE G 236 -26.50 -13.85 -28.85
C PHE G 236 -27.98 -13.84 -28.51
N VAL G 237 -28.34 -14.04 -27.25
CA VAL G 237 -29.77 -14.03 -26.93
C VAL G 237 -30.33 -12.62 -27.07
N PHE G 238 -29.54 -11.55 -26.83
CA PHE G 238 -30.06 -10.21 -27.10
C PHE G 238 -30.31 -10.03 -28.58
N LEU G 239 -29.41 -10.55 -29.43
CA LEU G 239 -29.59 -10.45 -30.88
C LEU G 239 -30.83 -11.23 -31.31
N ILE G 240 -31.08 -12.38 -30.67
CA ILE G 240 -32.26 -13.17 -30.96
C ILE G 240 -33.50 -12.38 -30.59
N LEU G 241 -33.50 -11.75 -29.42
CA LEU G 241 -34.65 -10.98 -28.99
C LEU G 241 -34.92 -9.85 -29.98
N LEU G 242 -33.87 -9.18 -30.47
CA LEU G 242 -34.09 -8.12 -31.44
C LEU G 242 -34.68 -8.62 -32.75
N ILE G 243 -34.22 -9.78 -33.25
CA ILE G 243 -34.82 -10.26 -34.48
C ILE G 243 -36.26 -10.70 -34.23
N LEU G 244 -36.55 -11.28 -33.04
CA LEU G 244 -37.92 -11.69 -32.77
C LEU G 244 -38.83 -10.47 -32.75
N LEU G 245 -38.38 -9.35 -32.16
CA LEU G 245 -39.21 -8.16 -32.13
C LEU G 245 -39.44 -7.62 -33.53
N SER G 246 -38.42 -7.64 -34.37
CA SER G 246 -38.55 -7.16 -35.73
C SER G 246 -39.55 -8.02 -36.50
N TRP G 247 -39.44 -9.34 -36.36
CA TRP G 247 -40.36 -10.25 -37.02
C TRP G 247 -41.78 -10.08 -36.54
N ARG G 248 -41.98 -9.91 -35.22
CA ARG G 248 -43.35 -9.77 -34.76
C ARG G 248 -43.93 -8.49 -35.31
N SER G 249 -43.13 -7.42 -35.40
CA SER G 249 -43.66 -6.17 -35.93
C SER G 249 -44.16 -6.36 -37.34
N GLU G 250 -43.37 -7.05 -38.18
CA GLU G 250 -43.80 -7.25 -39.55
C GLU G 250 -45.04 -8.12 -39.64
N GLU G 251 -45.12 -9.17 -38.82
CA GLU G 251 -46.26 -10.07 -38.84
C GLU G 251 -47.55 -9.43 -38.35
N LEU G 252 -47.46 -8.63 -37.29
CA LEU G 252 -48.65 -8.04 -36.70
C LEU G 252 -49.25 -7.01 -37.63
N ILE G 253 -48.39 -6.22 -38.27
CA ILE G 253 -48.88 -5.24 -39.21
C ILE G 253 -49.37 -5.90 -40.46
N ARG G 254 -48.61 -6.86 -41.00
CA ARG G 254 -49.01 -7.49 -42.23
C ARG G 254 -50.38 -8.13 -42.09
N GLU G 255 -50.66 -8.82 -40.98
CA GLU G 255 -51.98 -9.42 -40.87
C GLU G 255 -53.07 -8.37 -40.95
N LEU G 256 -52.89 -7.26 -40.23
CA LEU G 256 -53.91 -6.24 -40.22
C LEU G 256 -54.08 -5.54 -41.55
N GLU G 257 -52.96 -5.26 -42.24
CA GLU G 257 -53.04 -4.58 -43.52
C GLU G 257 -53.68 -5.45 -44.59
N GLU G 258 -53.37 -6.75 -44.58
CA GLU G 258 -53.95 -7.68 -45.54
C GLU G 258 -55.46 -7.82 -45.34
N LYS G 259 -55.88 -7.83 -44.08
CA LYS G 259 -57.29 -7.96 -43.76
C LYS G 259 -58.07 -6.65 -43.79
N GLY G 260 -57.40 -5.51 -43.58
CA GLY G 260 -58.11 -4.24 -43.50
C GLY G 260 -58.76 -4.18 -42.12
N ALA G 261 -58.09 -4.82 -41.16
CA ALA G 261 -58.55 -4.97 -39.79
C ALA G 261 -58.18 -3.82 -38.87
N ALA G 262 -57.46 -2.83 -39.39
CA ALA G 262 -57.05 -1.67 -38.61
C ALA G 262 -56.96 -0.48 -39.54
N SER G 263 -57.25 0.72 -39.01
CA SER G 263 -57.12 1.93 -39.80
C SER G 263 -55.67 2.28 -39.91
N GLU G 264 -55.31 3.16 -40.82
CA GLU G 264 -53.92 3.52 -40.92
C GLU G 264 -53.44 4.20 -39.64
N ALA G 265 -54.30 5.01 -39.00
CA ALA G 265 -53.91 5.67 -37.77
C ALA G 265 -53.62 4.65 -36.70
N GLU G 266 -54.44 3.59 -36.63
CA GLU G 266 -54.21 2.55 -35.64
C GLU G 266 -52.91 1.83 -35.93
N LEU G 267 -52.65 1.57 -37.21
CA LEU G 267 -51.44 0.90 -37.58
C LEU G 267 -50.23 1.76 -37.30
N ALA G 268 -50.32 3.07 -37.55
CA ALA G 268 -49.19 3.94 -37.29
C ALA G 268 -48.83 3.91 -35.81
N ARG G 269 -49.85 3.88 -34.94
CA ARG G 269 -49.58 3.82 -33.52
C ARG G 269 -48.91 2.49 -33.18
N MET G 270 -49.40 1.40 -33.77
CA MET G 270 -48.81 0.08 -33.52
C MET G 270 -47.38 0.04 -33.99
N LYS G 271 -47.10 0.63 -35.15
CA LYS G 271 -45.76 0.65 -35.70
C LYS G 271 -44.82 1.36 -34.76
N GLN G 272 -45.26 2.46 -34.15
CA GLN G 272 -44.40 3.11 -33.16
C GLN G 272 -44.23 2.24 -31.93
N GLN G 273 -45.28 1.54 -31.49
CA GLN G 273 -45.17 0.68 -30.32
C GLN G 273 -44.20 -0.47 -30.57
N HIS G 274 -44.21 -0.99 -31.80
CA HIS G 274 -43.36 -2.10 -32.17
C HIS G 274 -41.92 -1.62 -32.25
N MET G 275 -41.71 -0.42 -32.82
CA MET G 275 -40.37 0.13 -32.95
C MET G 275 -39.86 0.56 -31.58
N THR G 276 -40.76 0.98 -30.70
CA THR G 276 -40.37 1.38 -29.36
C THR G 276 -39.91 0.13 -28.61
N ALA G 277 -40.61 -1.00 -28.74
CA ALA G 277 -40.14 -2.21 -28.08
C ALA G 277 -38.77 -2.63 -28.63
N TYR G 278 -38.58 -2.47 -29.96
CA TYR G 278 -37.30 -2.78 -30.62
C TYR G 278 -36.23 -1.92 -30.00
N LEU G 279 -36.53 -0.64 -29.86
CA LEU G 279 -35.67 0.34 -29.25
C LEU G 279 -35.30 -0.05 -27.83
N GLN G 280 -36.28 -0.40 -27.01
CA GLN G 280 -35.95 -0.72 -25.63
C GLN G 280 -34.97 -1.89 -25.58
N ALA G 281 -35.19 -2.89 -26.44
CA ALA G 281 -34.32 -4.04 -26.48
C ALA G 281 -32.93 -3.68 -26.94
N ALA G 282 -32.85 -2.84 -27.97
CA ALA G 282 -31.58 -2.46 -28.54
C ALA G 282 -30.75 -1.64 -27.61
N LEU G 283 -31.39 -0.73 -26.90
CA LEU G 283 -30.66 0.16 -26.04
C LEU G 283 -30.08 -0.64 -24.88
N THR G 284 -30.87 -1.58 -24.36
CA THR G 284 -30.40 -2.39 -23.26
C THR G 284 -29.31 -3.34 -23.69
N ALA G 285 -29.46 -3.98 -24.86
CA ALA G 285 -28.45 -4.92 -25.27
C ALA G 285 -27.09 -4.28 -25.34
N TRP G 286 -27.06 -3.05 -25.83
CA TRP G 286 -25.81 -2.35 -25.95
C TRP G 286 -25.26 -1.96 -24.57
N GLU G 287 -26.13 -1.56 -23.62
CA GLU G 287 -25.67 -1.28 -22.28
C GLU G 287 -25.08 -2.51 -21.60
N ILE G 288 -25.72 -3.66 -21.79
CA ILE G 288 -25.25 -4.86 -21.14
C ILE G 288 -23.94 -5.28 -21.76
N ILE G 289 -23.77 -5.17 -23.07
CA ILE G 289 -22.50 -5.55 -23.66
C ILE G 289 -21.38 -4.70 -23.05
N SER G 290 -21.61 -3.39 -22.86
CA SER G 290 -20.60 -2.55 -22.23
C SER G 290 -20.28 -3.08 -20.80
N LYS G 291 -21.31 -3.45 -20.04
CA LYS G 291 -21.10 -4.00 -18.69
C LYS G 291 -20.35 -5.33 -18.72
N SER G 292 -20.61 -6.15 -19.75
CA SER G 292 -19.95 -7.43 -19.94
C SER G 292 -18.45 -7.21 -20.17
N VAL G 293 -18.13 -6.18 -20.95
CA VAL G 293 -16.73 -5.83 -21.17
C VAL G 293 -16.09 -5.44 -19.85
N ILE G 294 -16.78 -4.66 -19.03
CA ILE G 294 -16.18 -4.30 -17.77
C ILE G 294 -15.94 -5.53 -16.91
N ALA G 295 -16.88 -6.46 -16.82
CA ALA G 295 -16.58 -7.64 -16.00
C ALA G 295 -15.29 -8.32 -16.49
N LEU G 296 -15.09 -8.39 -17.82
CA LEU G 296 -13.86 -8.99 -18.31
C LEU G 296 -12.63 -8.12 -18.02
N LEU G 297 -12.74 -6.78 -18.03
CA LEU G 297 -11.54 -6.01 -17.74
C LEU G 297 -11.18 -6.17 -16.28
N LEU G 298 -12.17 -6.34 -15.41
CA LEU G 298 -11.88 -6.51 -13.99
C LEU G 298 -11.11 -7.81 -13.80
N LEU G 299 -11.49 -8.84 -14.56
CA LEU G 299 -10.78 -10.09 -14.51
C LEU G 299 -9.41 -10.00 -15.12
N GLN G 300 -9.25 -9.22 -16.19
CA GLN G 300 -7.95 -9.08 -16.81
C GLN G 300 -7.01 -8.35 -15.84
N GLN G 301 -7.53 -7.38 -15.08
CA GLN G 301 -6.73 -6.65 -14.10
C GLN G 301 -6.27 -7.59 -13.00
N ASN G 302 -7.16 -8.48 -12.56
CA ASN G 302 -6.85 -9.45 -11.55
C ASN G 302 -5.77 -10.43 -12.00
N GLN G 303 -5.92 -10.94 -13.22
CA GLN G 303 -4.96 -11.89 -13.76
C GLN G 303 -3.61 -11.23 -13.92
N LEU G 304 -3.60 -9.97 -14.35
CA LEU G 304 -2.38 -9.24 -14.57
C LEU G 304 -1.63 -9.09 -13.28
N ASN G 305 -2.31 -8.69 -12.22
CA ASN G 305 -1.60 -8.51 -10.97
C ASN G 305 -1.09 -9.83 -10.41
N LEU G 306 -1.81 -10.93 -10.61
CA LEU G 306 -1.25 -12.20 -10.15
C LEU G 306 -0.01 -12.61 -10.95
N GLU G 307 -0.09 -12.53 -12.28
CA GLU G 307 1.03 -12.94 -13.11
C GLU G 307 2.22 -12.05 -12.87
N LEU G 308 1.98 -10.75 -12.70
CA LEU G 308 3.03 -9.78 -12.49
C LEU G 308 3.74 -9.95 -11.15
N ARG G 309 2.97 -10.20 -10.07
CA ARG G 309 3.53 -10.33 -8.73
C ARG G 309 4.14 -11.69 -8.39
N HIS G 310 3.67 -12.76 -9.04
CA HIS G 310 4.08 -14.15 -8.80
C HIS G 310 4.64 -14.37 -7.38
N GLU H 1 3.84 -10.06 58.07
CA GLU H 1 3.41 -10.77 59.27
C GLU H 1 3.10 -12.25 59.01
N GLU H 2 2.71 -12.94 60.08
CA GLU H 2 2.43 -14.36 60.10
C GLU H 2 1.23 -14.78 59.28
N PHE H 3 0.17 -13.96 59.27
CA PHE H 3 -0.99 -14.35 58.50
C PHE H 3 -0.68 -14.48 57.03
N MET H 4 -0.03 -13.47 56.49
CA MET H 4 0.26 -13.44 55.08
C MET H 4 1.21 -14.60 54.75
N ALA H 5 2.21 -14.82 55.60
CA ALA H 5 3.18 -15.88 55.37
C ALA H 5 2.56 -17.27 55.42
N ARG H 6 1.65 -17.48 56.39
CA ARG H 6 0.99 -18.76 56.50
C ARG H 6 -0.02 -18.92 55.42
N ALA H 7 -0.71 -17.84 55.05
CA ALA H 7 -1.72 -17.95 54.03
C ALA H 7 -1.10 -18.45 52.74
N ILE H 8 0.11 -18.02 52.37
CA ILE H 8 0.60 -18.61 51.12
C ILE H 8 0.77 -20.11 51.25
N SER H 9 1.37 -20.54 52.36
CA SER H 9 1.57 -21.97 52.50
C SER H 9 0.25 -22.72 52.60
N ALA H 10 -0.72 -22.16 53.34
CA ALA H 10 -2.02 -22.79 53.57
C ALA H 10 -2.84 -22.88 52.30
N ILE H 11 -2.78 -21.84 51.48
CA ILE H 11 -3.54 -21.80 50.25
C ILE H 11 -3.02 -22.87 49.32
N ALA H 12 -1.69 -22.93 49.16
CA ALA H 12 -1.10 -23.93 48.31
C ALA H 12 -1.24 -25.31 48.88
N GLU H 13 -1.13 -25.45 50.19
CA GLU H 13 -1.21 -26.74 50.85
C GLU H 13 -2.56 -27.38 50.66
N LEU H 14 -3.62 -26.62 50.82
CA LEU H 14 -4.92 -27.21 50.66
C LEU H 14 -5.19 -27.59 49.22
N ALA H 15 -4.79 -26.72 48.27
CA ALA H 15 -5.04 -27.07 46.88
C ALA H 15 -4.16 -28.23 46.48
N LYS H 16 -2.90 -28.25 46.92
CA LYS H 16 -1.96 -29.28 46.56
C LYS H 16 -2.42 -30.64 47.03
N LYS H 17 -2.92 -30.74 48.26
CA LYS H 17 -3.38 -32.02 48.75
C LYS H 17 -4.60 -32.49 47.98
N ALA H 18 -5.52 -31.56 47.68
CA ALA H 18 -6.70 -31.92 46.92
C ALA H 18 -6.33 -32.35 45.49
N ILE H 19 -5.31 -31.69 44.90
CA ILE H 19 -4.83 -32.03 43.55
C ILE H 19 -4.23 -33.40 43.55
N GLU H 20 -3.36 -33.69 44.52
CA GLU H 20 -2.73 -34.99 44.57
C GLU H 20 -3.77 -36.08 44.77
N ALA H 21 -4.74 -35.85 45.65
CA ALA H 21 -5.73 -36.88 45.91
C ALA H 21 -6.62 -37.18 44.70
N ILE H 22 -7.06 -36.14 43.98
CA ILE H 22 -7.94 -36.41 42.85
C ILE H 22 -7.11 -36.98 41.69
N TYR H 23 -5.89 -36.46 41.50
CA TYR H 23 -4.99 -36.98 40.51
C TYR H 23 -4.67 -38.43 40.74
N ARG H 24 -4.29 -38.79 41.96
CA ARG H 24 -3.92 -40.16 42.25
C ARG H 24 -5.06 -41.11 41.93
N LEU H 25 -6.30 -40.75 42.29
CA LEU H 25 -7.38 -41.65 41.97
C LEU H 25 -7.52 -41.80 40.46
N ALA H 26 -7.42 -40.68 39.75
CA ALA H 26 -7.52 -40.67 38.30
C ALA H 26 -6.38 -41.40 37.63
N ASP H 27 -5.19 -41.38 38.24
CA ASP H 27 -4.02 -42.03 37.68
C ASP H 27 -4.19 -43.55 37.81
N ASN H 28 -4.82 -43.99 38.90
CA ASN H 28 -5.08 -45.42 39.12
C ASN H 28 -6.20 -45.94 38.20
N HIS H 29 -7.17 -45.06 37.89
CA HIS H 29 -8.30 -45.38 37.03
C HIS H 29 -7.96 -45.39 35.55
N THR H 30 -8.72 -46.17 34.78
CA THR H 30 -8.55 -46.19 33.32
C THR H 30 -9.73 -45.52 32.62
N THR H 31 -10.68 -45.04 33.42
CA THR H 31 -11.89 -44.40 32.94
C THR H 31 -11.61 -42.96 32.51
N ASP H 32 -12.07 -42.60 31.32
CA ASP H 32 -11.83 -41.29 30.73
C ASP H 32 -12.53 -40.17 31.45
N THR H 33 -13.69 -40.50 31.95
CA THR H 33 -14.56 -39.60 32.69
C THR H 33 -13.93 -39.21 34.00
N PHE H 34 -13.27 -40.16 34.67
CA PHE H 34 -12.66 -39.92 35.96
C PHE H 34 -11.40 -39.11 35.76
N MET H 35 -10.68 -39.39 34.67
CA MET H 35 -9.50 -38.61 34.39
C MET H 35 -9.91 -37.18 34.13
N ALA H 36 -10.99 -36.99 33.36
CA ALA H 36 -11.49 -35.66 33.05
C ALA H 36 -11.95 -34.93 34.31
N LYS H 37 -12.58 -35.65 35.25
CA LYS H 37 -13.01 -35.03 36.49
C LYS H 37 -11.82 -34.50 37.24
N ALA H 38 -10.75 -35.29 37.33
CA ALA H 38 -9.56 -34.83 38.02
C ALA H 38 -8.97 -33.64 37.29
N ILE H 39 -9.00 -33.65 35.97
CA ILE H 39 -8.43 -32.53 35.25
C ILE H 39 -9.15 -31.23 35.53
N GLU H 40 -10.47 -31.25 35.53
CA GLU H 40 -11.20 -30.03 35.80
C GLU H 40 -11.05 -29.64 37.27
N ALA H 41 -11.09 -30.61 38.20
CA ALA H 41 -10.95 -30.32 39.62
C ALA H 41 -9.59 -29.72 39.92
N ILE H 42 -8.56 -30.24 39.26
CA ILE H 42 -7.20 -29.78 39.45
C ILE H 42 -7.07 -28.37 38.97
N ALA H 43 -7.63 -28.06 37.80
CA ALA H 43 -7.55 -26.68 37.36
C ALA H 43 -8.25 -25.78 38.35
N GLU H 44 -9.40 -26.16 38.90
CA GLU H 44 -10.02 -25.22 39.82
C GLU H 44 -9.21 -25.01 41.09
N LEU H 45 -8.61 -26.09 41.60
CA LEU H 45 -7.83 -26.00 42.82
C LEU H 45 -6.56 -25.20 42.68
N ALA H 46 -5.81 -25.43 41.60
CA ALA H 46 -4.58 -24.70 41.42
C ALA H 46 -4.88 -23.30 40.93
N LYS H 47 -5.93 -23.11 40.13
CA LYS H 47 -6.19 -21.78 39.62
C LYS H 47 -6.49 -20.81 40.72
N GLU H 48 -7.33 -21.22 41.68
CA GLU H 48 -7.64 -20.32 42.76
C GLU H 48 -6.46 -20.14 43.68
N ALA H 49 -5.74 -21.23 43.97
CA ALA H 49 -4.62 -21.11 44.88
C ALA H 49 -3.51 -20.24 44.29
N ILE H 50 -3.26 -20.35 42.98
CA ILE H 50 -2.21 -19.59 42.34
C ILE H 50 -2.56 -18.11 42.32
N LYS H 51 -3.79 -17.79 41.96
CA LYS H 51 -4.16 -16.37 41.92
C LYS H 51 -4.10 -15.76 43.31
N ALA H 52 -4.60 -16.47 44.33
CA ALA H 52 -4.61 -15.91 45.66
C ALA H 52 -3.20 -15.67 46.19
N ILE H 53 -2.30 -16.61 45.91
CA ILE H 53 -0.92 -16.51 46.35
C ILE H 53 -0.17 -15.42 45.62
N ALA H 54 -0.33 -15.35 44.31
CA ALA H 54 0.40 -14.38 43.54
C ALA H 54 0.04 -12.97 43.98
N ASP H 55 -1.24 -12.71 44.25
CA ASP H 55 -1.61 -11.37 44.67
C ASP H 55 -1.24 -11.12 46.10
N LEU H 56 -1.28 -12.13 46.95
CA LEU H 56 -0.92 -11.89 48.32
C LEU H 56 0.55 -11.46 48.38
N ALA H 57 1.43 -12.23 47.73
CA ALA H 57 2.87 -11.98 47.76
C ALA H 57 3.29 -10.67 47.10
N LYS H 58 2.56 -10.23 46.10
CA LYS H 58 2.90 -9.00 45.39
C LYS H 58 2.52 -7.75 46.15
N ASN H 59 1.91 -7.92 47.31
CA ASN H 59 1.58 -6.81 48.17
C ASN H 59 2.59 -6.64 49.30
N HIS H 60 3.74 -7.31 49.13
CA HIS H 60 4.88 -7.24 50.03
C HIS H 60 6.11 -6.68 49.33
N THR H 61 7.03 -6.16 50.15
CA THR H 61 8.25 -5.54 49.67
C THR H 61 9.50 -6.39 49.93
N THR H 62 9.28 -7.65 50.27
CA THR H 62 10.38 -8.56 50.62
C THR H 62 10.39 -9.90 49.92
N GLU H 63 11.62 -10.41 49.84
CA GLU H 63 11.97 -11.69 49.25
C GLU H 63 11.30 -12.82 49.99
N GLU H 64 10.90 -12.62 51.24
CA GLU H 64 10.22 -13.69 51.93
C GLU H 64 8.96 -14.07 51.16
N PHE H 65 8.24 -13.07 50.67
CA PHE H 65 6.99 -13.32 50.01
C PHE H 65 7.16 -13.76 48.60
N MET H 66 8.11 -13.16 47.90
CA MET H 66 8.30 -13.65 46.55
C MET H 66 8.79 -15.10 46.66
N ALA H 67 9.63 -15.42 47.66
CA ALA H 67 10.12 -16.78 47.77
C ALA H 67 9.02 -17.78 48.06
N ARG H 68 8.09 -17.42 48.96
CA ARG H 68 7.02 -18.33 49.30
C ARG H 68 6.10 -18.55 48.14
N ALA H 69 5.78 -17.49 47.42
CA ALA H 69 4.89 -17.57 46.30
C ALA H 69 5.52 -18.21 45.07
N ILE H 70 6.81 -18.00 44.82
CA ILE H 70 7.43 -18.64 43.67
C ILE H 70 7.44 -20.13 43.90
N SER H 71 7.85 -20.57 45.08
CA SER H 71 7.86 -21.99 45.32
C SER H 71 6.45 -22.56 45.37
N ALA H 72 5.50 -21.86 46.03
CA ALA H 72 4.15 -22.38 46.13
C ALA H 72 3.47 -22.49 44.78
N ILE H 73 3.66 -21.49 43.92
CA ILE H 73 3.03 -21.50 42.62
C ILE H 73 3.73 -22.47 41.72
N ALA H 74 5.05 -22.46 41.71
CA ALA H 74 5.72 -23.38 40.82
C ALA H 74 5.35 -24.81 41.19
N GLU H 75 5.19 -25.15 42.48
CA GLU H 75 4.77 -26.51 42.79
C GLU H 75 3.31 -26.76 42.42
N LEU H 76 2.40 -25.81 42.68
CA LEU H 76 1.00 -26.07 42.33
C LEU H 76 0.83 -26.21 40.86
N ALA H 77 1.50 -25.33 40.12
CA ALA H 77 1.42 -25.29 38.70
C ALA H 77 2.04 -26.49 38.04
N ARG H 78 3.18 -26.95 38.53
CA ARG H 78 3.78 -28.06 37.87
C ARG H 78 3.12 -29.35 38.29
N LYS H 79 2.62 -29.43 39.53
CA LYS H 79 1.95 -30.65 39.91
C LYS H 79 0.66 -30.73 39.13
N ALA H 80 -0.05 -29.61 39.03
CA ALA H 80 -1.30 -29.58 38.33
C ALA H 80 -1.15 -29.82 36.84
N ILE H 81 -0.12 -29.25 36.19
CA ILE H 81 0.03 -29.50 34.76
C ILE H 81 0.48 -30.91 34.52
N ASP H 82 1.43 -31.42 35.32
CA ASP H 82 1.87 -32.78 35.10
C ASP H 82 0.71 -33.73 35.37
N ALA H 83 -0.10 -33.45 36.38
CA ALA H 83 -1.24 -34.30 36.66
C ALA H 83 -2.24 -34.25 35.50
N ILE H 84 -2.50 -33.06 34.98
CA ILE H 84 -3.44 -32.93 33.90
C ILE H 84 -2.96 -33.60 32.65
N TYR H 85 -1.69 -33.39 32.29
CA TYR H 85 -1.09 -33.96 31.09
C TYR H 85 -1.01 -35.49 31.19
N ARG H 86 -0.61 -36.02 32.36
CA ARG H 86 -0.53 -37.47 32.51
C ARG H 86 -1.86 -38.14 32.27
N LEU H 87 -2.95 -37.48 32.67
CA LEU H 87 -4.26 -38.03 32.49
C LEU H 87 -4.84 -37.66 31.10
N ALA H 88 -4.55 -36.44 30.63
CA ALA H 88 -5.10 -35.93 29.39
C ALA H 88 -4.66 -36.71 28.17
N ARG H 89 -3.44 -37.22 28.21
CA ARG H 89 -2.86 -37.95 27.10
C ARG H 89 -3.54 -39.30 26.90
N ASN H 90 -4.35 -39.72 27.87
CA ASN H 90 -5.03 -41.00 27.81
C ASN H 90 -6.50 -40.86 27.42
N HIS H 91 -6.93 -39.66 26.98
CA HIS H 91 -8.31 -39.49 26.59
C HIS H 91 -8.63 -40.06 25.23
N THR H 92 -9.88 -40.48 25.07
CA THR H 92 -10.40 -40.98 23.82
C THR H 92 -11.53 -40.13 23.21
N THR H 93 -12.07 -39.15 23.96
CA THR H 93 -13.20 -38.38 23.44
C THR H 93 -12.83 -36.92 23.27
N ASP H 94 -13.64 -36.21 22.48
CA ASP H 94 -13.40 -34.79 22.22
C ASP H 94 -13.64 -33.95 23.45
N THR H 95 -14.64 -34.34 24.24
CA THR H 95 -15.03 -33.58 25.41
C THR H 95 -13.93 -33.54 26.43
N PHE H 96 -13.32 -34.69 26.67
CA PHE H 96 -12.34 -34.76 27.71
C PHE H 96 -11.02 -34.15 27.25
N MET H 97 -10.67 -34.33 25.96
CA MET H 97 -9.45 -33.70 25.47
C MET H 97 -9.62 -32.19 25.53
N ALA H 98 -10.81 -31.69 25.15
CA ALA H 98 -11.07 -30.27 25.17
C ALA H 98 -11.01 -29.70 26.59
N LYS H 99 -11.48 -30.47 27.59
CA LYS H 99 -11.40 -30.01 28.97
C LYS H 99 -9.95 -29.89 29.37
N ALA H 100 -9.13 -30.86 28.96
CA ALA H 100 -7.71 -30.78 29.25
C ALA H 100 -7.08 -29.59 28.55
N ILE H 101 -7.49 -29.29 27.33
CA ILE H 101 -6.87 -28.14 26.66
C ILE H 101 -7.09 -26.87 27.46
N GLU H 102 -8.31 -26.65 27.91
CA GLU H 102 -8.55 -25.45 28.68
C GLU H 102 -7.88 -25.53 30.06
N ALA H 103 -7.95 -26.69 30.72
CA ALA H 103 -7.39 -26.83 32.07
C ALA H 103 -5.89 -26.60 32.10
N ILE H 104 -5.21 -27.07 31.06
CA ILE H 104 -3.78 -26.94 30.96
C ILE H 104 -3.39 -25.48 30.77
N ALA H 105 -4.05 -24.79 29.84
CA ALA H 105 -3.70 -23.39 29.63
C ALA H 105 -4.11 -22.50 30.77
N GLU H 106 -5.24 -22.75 31.41
CA GLU H 106 -5.61 -21.84 32.48
C GLU H 106 -4.56 -21.83 33.56
N LEU H 107 -4.03 -23.01 33.89
CA LEU H 107 -3.06 -23.00 34.94
C LEU H 107 -1.67 -22.64 34.48
N ALA H 108 -1.25 -23.07 33.30
CA ALA H 108 0.11 -22.71 32.93
C ALA H 108 0.17 -21.22 32.72
N LYS H 109 -0.84 -20.63 32.09
CA LYS H 109 -0.78 -19.21 31.85
C LYS H 109 -0.77 -18.42 33.16
N GLU H 110 -1.65 -18.76 34.11
CA GLU H 110 -1.67 -18.00 35.35
C GLU H 110 -0.42 -18.23 36.18
N ALA H 111 0.06 -19.47 36.18
CA ALA H 111 1.23 -19.79 36.95
C ALA H 111 2.46 -19.14 36.43
N ILE H 112 2.62 -19.12 35.13
CA ILE H 112 3.80 -18.56 34.53
C ILE H 112 3.86 -17.09 34.77
N LYS H 113 2.73 -16.42 34.56
CA LYS H 113 2.71 -15.01 34.76
C LYS H 113 3.05 -14.73 36.23
N ALA H 114 2.44 -15.47 37.18
CA ALA H 114 2.71 -15.21 38.57
C ALA H 114 4.16 -15.53 38.98
N ILE H 115 4.71 -16.63 38.50
CA ILE H 115 6.04 -17.04 38.90
C ILE H 115 7.03 -16.00 38.48
N ALA H 116 6.92 -15.53 37.24
CA ALA H 116 7.84 -14.52 36.80
C ALA H 116 7.55 -13.19 37.43
N ASP H 117 6.29 -12.81 37.61
CA ASP H 117 6.01 -11.49 38.16
C ASP H 117 6.61 -11.33 39.54
N LEU H 118 6.64 -12.43 40.30
CA LEU H 118 7.25 -12.48 41.61
C LEU H 118 8.78 -12.50 41.49
N ALA H 119 9.32 -13.35 40.61
CA ALA H 119 10.77 -13.46 40.47
C ALA H 119 11.40 -12.18 39.92
N LYS H 120 10.68 -11.47 39.08
CA LYS H 120 11.10 -10.23 38.43
C LYS H 120 11.28 -9.09 39.43
N ASN H 121 10.82 -9.26 40.66
CA ASN H 121 10.90 -8.21 41.66
C ASN H 121 12.11 -8.35 42.58
N HIS H 122 13.06 -9.22 42.21
CA HIS H 122 14.27 -9.34 43.02
C HIS H 122 15.39 -9.87 42.13
N THR H 123 16.62 -9.47 42.39
CA THR H 123 17.74 -9.95 41.59
C THR H 123 18.35 -11.28 42.05
N THR H 124 17.94 -11.82 43.19
CA THR H 124 18.54 -13.07 43.64
C THR H 124 18.43 -14.17 42.61
N GLU H 125 19.53 -14.91 42.47
CA GLU H 125 19.65 -16.01 41.54
C GLU H 125 18.72 -17.15 41.90
N ASP H 126 18.23 -17.19 43.13
CA ASP H 126 17.32 -18.23 43.52
C ASP H 126 15.95 -18.04 42.88
N PHE H 127 15.55 -16.79 42.65
CA PHE H 127 14.25 -16.57 42.05
C PHE H 127 14.42 -16.72 40.58
N MET H 128 15.54 -16.21 40.06
CA MET H 128 15.75 -16.32 38.64
C MET H 128 15.87 -17.76 38.21
N ASP H 129 16.63 -18.58 38.93
CA ASP H 129 16.77 -19.94 38.49
C ASP H 129 15.49 -20.74 38.66
N GLU H 130 14.78 -20.56 39.78
CA GLU H 130 13.59 -21.37 39.97
C GLU H 130 12.54 -20.96 38.96
N ALA H 131 12.40 -19.65 38.73
CA ALA H 131 11.40 -19.17 37.80
C ALA H 131 11.75 -19.47 36.34
N ILE H 132 13.03 -19.37 35.94
CA ILE H 132 13.35 -19.62 34.54
C ILE H 132 13.13 -21.10 34.26
N SER H 133 13.63 -21.95 35.15
CA SER H 133 13.50 -23.38 34.99
C SER H 133 12.04 -23.82 35.07
N ALA H 134 11.29 -23.33 36.08
CA ALA H 134 9.91 -23.74 36.25
C ALA H 134 9.09 -23.33 35.06
N ILE H 135 9.33 -22.14 34.53
CA ILE H 135 8.56 -21.67 33.41
C ILE H 135 8.96 -22.33 32.13
N ALA H 136 10.24 -22.47 31.84
CA ALA H 136 10.55 -23.11 30.57
C ALA H 136 9.96 -24.52 30.53
N GLU H 137 10.02 -25.27 31.64
CA GLU H 137 9.42 -26.60 31.60
C GLU H 137 7.89 -26.57 31.59
N LEU H 138 7.29 -25.68 32.39
CA LEU H 138 5.84 -25.59 32.52
C LEU H 138 5.22 -25.10 31.23
N ALA H 139 5.83 -24.06 30.64
CA ALA H 139 5.32 -23.49 29.42
C ALA H 139 5.37 -24.45 28.28
N ARG H 140 6.48 -25.19 28.16
CA ARG H 140 6.59 -26.08 27.05
C ARG H 140 5.71 -27.28 27.23
N LYS H 141 5.64 -27.85 28.43
CA LYS H 141 4.78 -29.02 28.59
C LYS H 141 3.35 -28.65 28.39
N ALA H 142 2.93 -27.48 28.88
CA ALA H 142 1.56 -27.11 28.71
C ALA H 142 1.23 -26.91 27.22
N ILE H 143 2.12 -26.27 26.47
CA ILE H 143 1.87 -26.06 25.05
C ILE H 143 1.89 -27.35 24.26
N GLU H 144 2.90 -28.16 24.50
CA GLU H 144 3.06 -29.40 23.79
C GLU H 144 1.90 -30.33 24.11
N ALA H 145 1.43 -30.36 25.37
CA ALA H 145 0.31 -31.20 25.72
C ALA H 145 -0.94 -30.76 24.96
N ILE H 146 -1.15 -29.46 24.87
CA ILE H 146 -2.31 -28.94 24.17
C ILE H 146 -2.26 -29.18 22.70
N LEU H 147 -1.12 -28.95 22.08
CA LEU H 147 -1.01 -29.13 20.67
C LEU H 147 -1.16 -30.60 20.32
N ARG H 148 -0.61 -31.49 21.16
CA ARG H 148 -0.75 -32.90 20.88
C ARG H 148 -2.19 -33.36 21.05
N LEU H 149 -2.92 -32.83 22.04
CA LEU H 149 -4.34 -33.21 22.16
C LEU H 149 -5.08 -32.72 20.93
N ALA H 150 -4.72 -31.52 20.47
CA ALA H 150 -5.32 -30.90 19.31
C ALA H 150 -5.05 -31.69 18.04
N SER H 151 -3.90 -32.36 17.96
CA SER H 151 -3.55 -33.12 16.76
C SER H 151 -4.50 -34.29 16.53
N ASN H 152 -5.28 -34.68 17.57
CA ASN H 152 -6.23 -35.77 17.42
C ASN H 152 -7.63 -35.20 17.19
N LEU H 153 -7.72 -33.87 17.17
CA LEU H 153 -8.93 -33.10 17.04
C LEU H 153 -8.67 -31.98 16.04
N THR H 154 -8.62 -32.30 14.76
CA THR H 154 -8.12 -31.34 13.80
C THR H 154 -9.14 -30.39 13.19
N SER H 155 -10.39 -30.50 13.62
CA SER H 155 -11.43 -29.60 13.13
C SER H 155 -11.20 -28.24 13.76
N GLU H 156 -11.79 -27.18 13.22
CA GLU H 156 -11.55 -25.86 13.79
C GLU H 156 -12.01 -25.73 15.23
N THR H 157 -13.10 -26.36 15.62
CA THR H 157 -13.59 -26.19 16.98
C THR H 157 -12.50 -26.44 18.02
N TYR H 158 -11.77 -27.53 17.85
CA TYR H 158 -10.79 -27.87 18.85
C TYR H 158 -9.43 -27.34 18.54
N MET H 159 -9.09 -27.20 17.25
CA MET H 159 -7.78 -26.71 16.88
C MET H 159 -7.69 -25.24 17.26
N ARG H 160 -8.83 -24.52 17.21
CA ARG H 160 -8.87 -23.13 17.63
C ARG H 160 -8.79 -23.04 19.14
N LYS H 161 -9.52 -23.91 19.88
CA LYS H 161 -9.36 -23.83 21.32
C LYS H 161 -7.92 -24.08 21.68
N ALA H 162 -7.31 -25.05 21.01
CA ALA H 162 -5.93 -25.36 21.27
C ALA H 162 -5.01 -24.23 20.90
N GLN H 163 -5.23 -23.57 19.76
CA GLN H 163 -4.36 -22.49 19.39
C GLN H 163 -4.46 -21.34 20.34
N GLU H 164 -5.68 -21.01 20.77
CA GLU H 164 -5.84 -19.90 21.68
C GLU H 164 -5.24 -20.25 23.03
N ALA H 165 -5.42 -21.51 23.46
CA ALA H 165 -4.87 -21.98 24.72
C ALA H 165 -3.35 -21.88 24.69
N ILE H 166 -2.75 -22.23 23.55
CA ILE H 166 -1.32 -22.16 23.34
C ILE H 166 -0.82 -20.75 23.26
N GLU H 167 -1.48 -19.88 22.51
CA GLU H 167 -1.00 -18.52 22.39
C GLU H 167 -1.04 -17.83 23.75
N LYS H 168 -2.07 -18.07 24.55
CA LYS H 168 -2.11 -17.41 25.84
C LYS H 168 -0.94 -17.86 26.72
N ILE H 169 -0.63 -19.17 26.70
CA ILE H 169 0.49 -19.66 27.49
C ILE H 169 1.78 -19.14 26.91
N ALA H 170 1.90 -19.28 25.59
CA ALA H 170 3.10 -18.94 24.87
C ALA H 170 3.51 -17.51 24.95
N ARG H 171 2.57 -16.58 24.88
CA ARG H 171 3.01 -15.21 24.98
C ARG H 171 3.39 -14.93 26.42
N THR H 172 2.64 -15.49 27.37
CA THR H 172 2.95 -15.25 28.75
C THR H 172 4.35 -15.77 29.05
N ALA H 173 4.63 -16.99 28.58
CA ALA H 173 5.89 -17.66 28.76
C ALA H 173 7.02 -17.02 28.00
N GLU H 174 6.80 -16.56 26.77
CA GLU H 174 7.91 -15.95 26.07
C GLU H 174 8.41 -14.78 26.87
N GLU H 175 7.47 -13.96 27.35
CA GLU H 175 7.85 -12.78 28.08
C GLU H 175 8.39 -13.13 29.46
N ALA H 176 7.75 -14.08 30.14
CA ALA H 176 8.19 -14.44 31.46
C ALA H 176 9.61 -14.96 31.43
N ILE H 177 9.91 -15.77 30.42
CA ILE H 177 11.22 -16.36 30.30
C ILE H 177 12.21 -15.26 29.93
N ARG H 178 11.85 -14.39 28.99
CA ARG H 178 12.72 -13.32 28.52
C ARG H 178 13.19 -12.37 29.57
N ASP H 179 12.28 -11.97 30.44
CA ASP H 179 12.65 -10.99 31.43
C ASP H 179 13.47 -11.63 32.52
N LEU H 180 13.12 -12.85 32.89
CA LEU H 180 13.86 -13.49 33.93
C LEU H 180 15.24 -13.87 33.44
N ALA H 181 15.34 -14.32 32.19
CA ALA H 181 16.62 -14.69 31.64
C ALA H 181 17.54 -13.49 31.56
N ARG H 182 17.02 -12.32 31.17
CA ARG H 182 17.90 -11.18 31.06
C ARG H 182 18.31 -10.63 32.42
N ASN H 183 17.54 -10.91 33.46
CA ASN H 183 17.89 -10.44 34.79
C ASN H 183 18.87 -11.35 35.50
N LEU H 184 19.30 -12.44 34.87
CA LEU H 184 20.25 -13.36 35.48
C LEU H 184 21.57 -13.30 34.70
N GLU H 185 22.68 -13.11 35.41
CA GLU H 185 24.02 -12.98 34.81
C GLU H 185 24.58 -14.24 34.14
N ASP H 186 23.96 -15.38 34.37
CA ASP H 186 24.43 -16.63 33.78
C ASP H 186 23.97 -16.78 32.34
N GLN H 187 24.92 -16.68 31.42
CA GLN H 187 24.62 -16.74 30.01
C GLN H 187 24.01 -18.08 29.63
N GLU H 188 24.34 -19.16 30.36
CA GLU H 188 23.79 -20.47 30.05
C GLU H 188 22.28 -20.47 30.25
N ARG H 189 21.78 -19.76 31.26
CA ARG H 189 20.35 -19.76 31.44
C ARG H 189 19.75 -18.95 30.31
N ARG H 190 20.44 -17.89 29.92
CA ARG H 190 19.94 -17.05 28.83
C ARG H 190 19.87 -17.78 27.50
N GLU H 191 20.88 -18.62 27.20
CA GLU H 191 20.88 -19.33 25.92
C GLU H 191 19.82 -20.43 25.89
N ARG H 192 19.63 -21.13 27.01
CA ARG H 192 18.63 -22.18 27.01
C ARG H 192 17.25 -21.52 27.01
N ALA H 193 17.15 -20.40 27.72
CA ALA H 193 15.92 -19.65 27.76
C ALA H 193 15.58 -19.13 26.38
N LYS H 194 16.58 -18.66 25.59
CA LYS H 194 16.27 -18.17 24.25
C LYS H 194 15.68 -19.28 23.41
N SER H 195 16.23 -20.49 23.51
CA SER H 195 15.69 -21.57 22.71
C SER H 195 14.25 -21.85 23.13
N ALA H 196 13.99 -21.85 24.45
CA ALA H 196 12.63 -22.08 24.92
C ALA H 196 11.70 -20.98 24.42
N ARG H 197 12.17 -19.75 24.43
CA ARG H 197 11.32 -18.66 24.00
C ARG H 197 10.94 -18.77 22.56
N ASP H 198 11.89 -19.16 21.72
CA ASP H 198 11.59 -19.25 20.33
C ASP H 198 10.66 -20.41 20.00
N GLU H 199 10.82 -21.58 20.65
CA GLU H 199 9.91 -22.67 20.30
C GLU H 199 8.51 -22.36 20.80
N ILE H 200 8.43 -21.65 21.93
CA ILE H 200 7.16 -21.27 22.51
C ILE H 200 6.42 -20.30 21.60
N LYS H 201 7.12 -19.28 21.11
CA LYS H 201 6.51 -18.33 20.21
C LYS H 201 6.09 -19.02 18.93
N ARG H 202 6.96 -19.87 18.38
CA ARG H 202 6.64 -20.53 17.15
C ARG H 202 5.47 -21.49 17.30
N PHE H 203 5.33 -22.21 18.41
CA PHE H 203 4.17 -23.10 18.48
C PHE H 203 2.89 -22.29 18.31
N ALA H 204 2.81 -21.12 18.97
CA ALA H 204 1.63 -20.28 18.85
C ALA H 204 1.44 -19.72 17.43
N GLU H 205 2.55 -19.28 16.80
CA GLU H 205 2.51 -18.69 15.45
C GLU H 205 2.24 -19.72 14.37
N ASP H 206 2.73 -20.93 14.55
CA ASP H 206 2.53 -22.02 13.60
C ASP H 206 1.07 -22.39 13.60
N ALA H 207 0.51 -22.58 14.80
CA ALA H 207 -0.89 -22.92 14.89
C ALA H 207 -1.74 -21.77 14.38
N ARG H 208 -1.33 -20.52 14.66
CA ARG H 208 -2.11 -19.38 14.22
C ARG H 208 -2.13 -19.27 12.71
N LYS H 209 -0.98 -19.38 12.05
CA LYS H 209 -1.01 -19.21 10.61
C LYS H 209 -1.78 -20.32 9.94
N LYS H 210 -1.64 -21.56 10.42
CA LYS H 210 -2.36 -22.62 9.75
C LYS H 210 -3.86 -22.44 9.88
N ILE H 211 -4.33 -22.07 11.07
CA ILE H 211 -5.76 -21.96 11.19
C ILE H 211 -6.28 -20.77 10.46
N GLU H 212 -5.67 -19.61 10.64
CA GLU H 212 -6.25 -18.44 10.02
C GLU H 212 -6.27 -18.52 8.52
N VAL H 213 -5.19 -18.97 7.88
CA VAL H 213 -5.26 -18.97 6.45
C VAL H 213 -6.15 -20.08 5.94
N LEU H 214 -6.01 -21.30 6.48
CA LEU H 214 -6.80 -22.38 5.95
C LEU H 214 -8.27 -22.17 6.23
N ALA H 215 -8.62 -21.67 7.42
CA ALA H 215 -10.01 -21.45 7.77
C ALA H 215 -10.61 -20.40 6.87
N LEU H 216 -9.86 -19.35 6.58
CA LEU H 216 -10.39 -18.32 5.72
C LEU H 216 -10.53 -18.83 4.29
N LEU H 217 -9.59 -19.67 3.82
CA LEU H 217 -9.73 -20.23 2.48
C LEU H 217 -10.96 -21.11 2.40
N LYS H 218 -11.22 -21.89 3.45
CA LYS H 218 -12.40 -22.73 3.45
C LYS H 218 -13.66 -21.90 3.42
N ARG H 219 -13.70 -20.80 4.18
CA ARG H 219 -14.92 -19.99 4.16
C ARG H 219 -15.10 -19.33 2.82
N SER H 220 -14.02 -18.88 2.18
CA SER H 220 -14.13 -18.24 0.89
C SER H 220 -14.63 -19.22 -0.15
N ARG H 221 -14.13 -20.47 -0.12
CA ARG H 221 -14.58 -21.45 -1.08
C ARG H 221 -16.03 -21.84 -0.84
N GLU H 222 -16.43 -22.00 0.43
CA GLU H 222 -17.79 -22.38 0.73
C GLU H 222 -18.74 -21.28 0.35
N TYR H 223 -18.35 -20.04 0.64
CA TYR H 223 -19.18 -18.91 0.33
C TYR H 223 -19.35 -18.80 -1.16
N LEU H 224 -18.25 -18.91 -1.93
CA LEU H 224 -18.33 -18.79 -3.37
C LEU H 224 -19.21 -19.90 -3.93
N LYS H 225 -19.05 -21.14 -3.47
CA LYS H 225 -19.90 -22.21 -3.97
C LYS H 225 -21.36 -21.91 -3.67
N LYS H 226 -21.66 -21.46 -2.43
CA LYS H 226 -23.04 -21.14 -2.06
C LYS H 226 -23.58 -20.05 -2.95
N VAL H 227 -22.75 -19.05 -3.25
CA VAL H 227 -23.18 -17.99 -4.13
C VAL H 227 -23.44 -18.49 -5.51
N ALA H 228 -22.56 -19.35 -6.04
CA ALA H 228 -22.81 -19.86 -7.36
C ALA H 228 -24.14 -20.62 -7.39
N LEU H 229 -24.44 -21.37 -6.32
CA LEU H 229 -25.68 -22.12 -6.24
C LEU H 229 -26.89 -21.19 -6.17
N ILE H 230 -26.76 -20.08 -5.42
CA ILE H 230 -27.84 -19.10 -5.32
C ILE H 230 -28.08 -18.49 -6.68
N GLN H 231 -26.99 -18.15 -7.37
CA GLN H 231 -27.05 -17.56 -8.68
C GLN H 231 -27.65 -18.51 -9.70
N LEU H 232 -27.36 -19.81 -9.60
CA LEU H 232 -27.98 -20.75 -10.51
C LEU H 232 -29.48 -20.78 -10.25
N VAL H 233 -29.88 -20.73 -8.98
CA VAL H 233 -31.31 -20.73 -8.71
C VAL H 233 -31.92 -19.50 -9.33
N ILE H 234 -31.25 -18.35 -9.20
CA ILE H 234 -31.77 -17.14 -9.80
C ILE H 234 -31.85 -17.28 -11.33
N ALA H 235 -30.82 -17.81 -11.98
CA ALA H 235 -30.88 -17.95 -13.42
C ALA H 235 -32.03 -18.85 -13.83
N PHE H 236 -32.28 -19.92 -13.06
CA PHE H 236 -33.35 -20.83 -13.41
C PHE H 236 -34.71 -20.20 -13.23
N VAL H 237 -34.90 -19.42 -12.16
CA VAL H 237 -36.21 -18.80 -11.99
C VAL H 237 -36.45 -17.72 -13.05
N PHE H 238 -35.38 -17.04 -13.55
CA PHE H 238 -35.60 -16.11 -14.66
C PHE H 238 -36.04 -16.87 -15.89
N LEU H 239 -35.44 -18.04 -16.15
CA LEU H 239 -35.83 -18.85 -17.31
C LEU H 239 -37.27 -19.33 -17.17
N ILE H 240 -37.68 -19.66 -15.93
CA ILE H 240 -39.04 -20.07 -15.67
C ILE H 240 -39.98 -18.92 -15.95
N LEU H 241 -39.64 -17.72 -15.51
CA LEU H 241 -40.48 -16.57 -15.75
C LEU H 241 -40.64 -16.33 -17.24
N LEU H 242 -39.56 -16.46 -18.01
CA LEU H 242 -39.67 -16.28 -19.46
C LEU H 242 -40.56 -17.30 -20.12
N ILE H 243 -40.48 -18.57 -19.70
CA ILE H 243 -41.37 -19.54 -20.33
C ILE H 243 -42.81 -19.28 -19.90
N LEU H 244 -43.04 -18.85 -18.66
CA LEU H 244 -44.40 -18.58 -18.23
C LEU H 244 -44.97 -17.43 -19.07
N LEU H 245 -44.18 -16.39 -19.34
CA LEU H 245 -44.69 -15.29 -20.15
C LEU H 245 -45.01 -15.73 -21.56
N SER H 246 -44.16 -16.59 -22.13
CA SER H 246 -44.40 -17.08 -23.47
C SER H 246 -45.69 -17.91 -23.51
N TRP H 247 -45.88 -18.78 -22.52
CA TRP H 247 -47.07 -19.59 -22.46
C TRP H 247 -48.32 -18.76 -22.27
N ARG H 248 -48.26 -17.73 -21.40
CA ARG H 248 -49.46 -16.93 -21.20
C ARG H 248 -49.80 -16.22 -22.49
N SER H 249 -48.79 -15.75 -23.22
CA SER H 249 -49.08 -15.05 -24.47
C SER H 249 -49.85 -15.96 -25.42
N GLU H 250 -49.38 -17.20 -25.56
CA GLU H 250 -50.06 -18.12 -26.47
C GLU H 250 -51.47 -18.43 -26.01
N GLU H 251 -51.67 -18.62 -24.71
CA GLU H 251 -52.98 -18.95 -24.18
C GLU H 251 -53.98 -17.81 -24.28
N LEU H 252 -53.54 -16.58 -24.00
CA LEU H 252 -54.44 -15.45 -24.01
C LEU H 252 -54.91 -15.14 -25.41
N ILE H 253 -54.01 -15.25 -26.38
CA ILE H 253 -54.40 -15.01 -27.73
C ILE H 253 -55.22 -16.15 -28.27
N ARG H 254 -54.81 -17.39 -28.00
CA ARG H 254 -55.54 -18.51 -28.51
C ARG H 254 -56.98 -18.49 -28.04
N GLU H 255 -57.24 -18.18 -26.76
CA GLU H 255 -58.63 -18.16 -26.33
C GLU H 255 -59.44 -17.16 -27.14
N LEU H 256 -58.89 -15.96 -27.33
CA LEU H 256 -59.61 -14.93 -28.03
C LEU H 256 -59.82 -15.25 -29.51
N GLU H 257 -58.80 -15.81 -30.16
CA GLU H 257 -58.91 -16.14 -31.58
C GLU H 257 -59.92 -17.26 -31.81
N GLU H 258 -59.93 -18.27 -30.93
CA GLU H 258 -60.86 -19.38 -31.06
C GLU H 258 -62.30 -18.92 -30.87
N LYS H 259 -62.51 -17.99 -29.95
CA LYS H 259 -63.83 -17.47 -29.68
C LYS H 259 -64.27 -16.34 -30.59
N GLY H 260 -63.33 -15.59 -31.18
CA GLY H 260 -63.68 -14.43 -31.98
C GLY H 260 -64.06 -13.31 -31.01
N ALA H 261 -63.42 -13.35 -29.85
CA ALA H 261 -63.69 -12.43 -28.75
C ALA H 261 -62.90 -11.13 -28.80
N ALA H 262 -62.06 -10.97 -29.82
CA ALA H 262 -61.27 -9.76 -29.98
C ALA H 262 -61.05 -9.54 -31.48
N SER H 263 -60.96 -8.27 -31.87
CA SER H 263 -60.67 -7.96 -33.27
C SER H 263 -59.21 -8.19 -33.51
N GLU H 264 -58.80 -8.25 -34.78
CA GLU H 264 -57.40 -8.45 -35.03
C GLU H 264 -56.58 -7.29 -34.51
N ALA H 265 -57.11 -6.06 -34.60
CA ALA H 265 -56.37 -4.91 -34.10
C ALA H 265 -56.16 -5.03 -32.61
N GLU H 266 -57.19 -5.50 -31.89
CA GLU H 266 -57.06 -5.66 -30.46
C GLU H 266 -56.04 -6.73 -30.14
N LEU H 267 -56.05 -7.81 -30.92
CA LEU H 267 -55.11 -8.88 -30.70
C LEU H 267 -53.71 -8.44 -31.02
N ALA H 268 -53.52 -7.64 -32.07
CA ALA H 268 -52.18 -7.18 -32.41
C ALA H 268 -51.61 -6.35 -31.27
N ARG H 269 -52.46 -5.52 -30.64
CA ARG H 269 -51.98 -4.73 -29.52
C ARG H 269 -51.60 -5.63 -28.37
N MET H 270 -52.42 -6.65 -28.10
CA MET H 270 -52.13 -7.59 -27.02
C MET H 270 -50.85 -8.34 -27.30
N LYS H 271 -50.62 -8.74 -28.54
CA LYS H 271 -49.43 -9.47 -28.92
C LYS H 271 -48.21 -8.62 -28.63
N GLN H 272 -48.27 -7.32 -28.94
CA GLN H 272 -47.13 -6.49 -28.59
C GLN H 272 -46.97 -6.35 -27.09
N GLN H 273 -48.08 -6.27 -26.34
CA GLN H 273 -47.99 -6.14 -24.88
C GLN H 273 -47.38 -7.40 -24.27
N HIS H 274 -47.71 -8.55 -24.85
CA HIS H 274 -47.21 -9.82 -24.35
C HIS H 274 -45.73 -9.95 -24.67
N MET H 275 -45.35 -9.53 -25.89
CA MET H 275 -43.95 -9.60 -26.29
C MET H 275 -43.14 -8.56 -25.54
N THR H 276 -43.75 -7.43 -25.20
CA THR H 276 -43.07 -6.41 -24.45
C THR H 276 -42.81 -6.94 -23.04
N ALA H 277 -43.78 -7.63 -22.41
CA ALA H 277 -43.50 -8.19 -21.09
C ALA H 277 -42.39 -9.23 -21.18
N TYR H 278 -42.37 -10.04 -22.26
CA TYR H 278 -41.34 -11.03 -22.50
C TYR H 278 -40.00 -10.34 -22.56
N LEU H 279 -39.97 -9.25 -23.33
CA LEU H 279 -38.80 -8.42 -23.49
C LEU H 279 -38.32 -7.88 -22.15
N GLN H 280 -39.20 -7.32 -21.35
CA GLN H 280 -38.74 -6.75 -20.09
C GLN H 280 -38.08 -7.83 -19.24
N ALA H 281 -38.67 -9.03 -19.23
CA ALA H 281 -38.11 -10.11 -18.46
C ALA H 281 -36.76 -10.56 -18.97
N ALA H 282 -36.65 -10.65 -20.31
CA ALA H 282 -35.44 -11.12 -20.93
C ALA H 282 -34.29 -10.16 -20.76
N LEU H 283 -34.57 -8.88 -20.86
CA LEU H 283 -33.53 -7.90 -20.77
C LEU H 283 -32.97 -7.89 -19.36
N THR H 284 -33.87 -7.99 -18.37
CA THR H 284 -33.44 -7.99 -17.00
C THR H 284 -32.70 -9.25 -16.64
N ALA H 285 -33.18 -10.42 -17.09
CA ALA H 285 -32.51 -11.65 -16.74
C ALA H 285 -31.06 -11.62 -17.16
N TRP H 286 -30.81 -11.07 -18.34
CA TRP H 286 -29.47 -11.00 -18.84
C TRP H 286 -28.63 -10.00 -18.05
N GLU H 287 -29.22 -8.86 -17.65
CA GLU H 287 -28.49 -7.93 -16.81
C GLU H 287 -28.11 -8.53 -15.46
N ILE H 288 -29.03 -9.29 -14.86
CA ILE H 288 -28.76 -9.86 -13.56
C ILE H 288 -27.70 -10.93 -13.69
N ILE H 289 -27.73 -11.74 -14.74
CA ILE H 289 -26.69 -12.75 -14.89
C ILE H 289 -25.32 -12.07 -14.96
N SER H 290 -25.20 -10.96 -15.68
CA SER H 290 -23.92 -10.25 -15.73
C SER H 290 -23.51 -9.80 -14.30
N LYS H 291 -24.47 -9.27 -13.52
CA LYS H 291 -24.18 -8.85 -12.15
C LYS H 291 -23.78 -10.03 -11.26
N SER H 292 -24.39 -11.19 -11.49
CA SER H 292 -24.10 -12.42 -10.76
C SER H 292 -22.66 -12.84 -11.02
N VAL H 293 -22.22 -12.70 -12.27
CA VAL H 293 -20.83 -12.99 -12.61
C VAL H 293 -19.91 -12.06 -11.86
N ILE H 294 -20.25 -10.78 -11.79
CA ILE H 294 -19.39 -9.87 -11.06
C ILE H 294 -19.31 -10.26 -9.59
N ALA H 295 -20.43 -10.61 -8.95
CA ALA H 295 -20.29 -10.99 -7.55
C ALA H 295 -19.30 -12.16 -7.41
N LEU H 296 -19.34 -13.12 -8.34
CA LEU H 296 -18.38 -14.21 -8.27
C LEU H 296 -16.94 -13.76 -8.58
N LEU H 297 -16.74 -12.78 -9.48
CA LEU H 297 -15.35 -12.40 -9.73
C LEU H 297 -14.80 -11.66 -8.51
N LEU H 298 -15.67 -10.95 -7.79
CA LEU H 298 -15.20 -10.24 -6.61
C LEU H 298 -14.73 -11.25 -5.57
N LEU H 299 -15.47 -12.36 -5.48
CA LEU H 299 -15.08 -13.43 -4.57
C LEU H 299 -13.84 -14.15 -5.04
N GLN H 300 -13.68 -14.33 -6.35
CA GLN H 300 -12.50 -14.99 -6.85
C GLN H 300 -11.27 -14.13 -6.57
N GLN H 301 -11.41 -12.80 -6.68
CA GLN H 301 -10.31 -11.88 -6.40
C GLN H 301 -9.91 -11.97 -4.93
N ASN H 302 -10.91 -12.07 -4.05
CA ASN H 302 -10.68 -12.19 -2.63
C ASN H 302 -9.96 -13.48 -2.28
N GLN H 303 -10.41 -14.59 -2.86
CA GLN H 303 -9.81 -15.88 -2.60
C GLN H 303 -8.39 -15.91 -3.10
N LEU H 304 -8.14 -15.29 -4.26
CA LEU H 304 -6.84 -15.26 -4.86
C LEU H 304 -5.88 -14.54 -3.96
N ASN H 305 -6.27 -13.37 -3.45
CA ASN H 305 -5.34 -12.65 -2.62
C ASN H 305 -5.07 -13.38 -1.31
N LEU H 306 -6.05 -14.08 -0.75
CA LEU H 306 -5.75 -14.84 0.45
C LEU H 306 -4.79 -15.99 0.18
N GLU H 307 -5.07 -16.79 -0.87
CA GLU H 307 -4.22 -17.92 -1.17
C GLU H 307 -2.83 -17.47 -1.54
N LEU H 308 -2.73 -16.37 -2.29
CA LEU H 308 -1.46 -15.85 -2.73
C LEU H 308 -0.60 -15.30 -1.58
N ARG H 309 -1.22 -14.58 -0.64
CA ARG H 309 -0.50 -13.96 0.47
C ARG H 309 -0.19 -14.88 1.65
N HIS H 310 -1.00 -15.93 1.84
CA HIS H 310 -0.89 -16.87 2.96
C HIS H 310 -0.19 -16.28 4.20
#